data_9ECN
#
_entry.id   9ECN
#
_cell.length_a   109.470
_cell.length_b   82.940
_cell.length_c   122.470
_cell.angle_alpha   90.00
_cell.angle_beta   93.78
_cell.angle_gamma   90.00
#
_symmetry.space_group_name_H-M   'P 1 21 1'
#
loop_
_entity.id
_entity.type
_entity.pdbx_description
1 polymer 'Methyl-coenzyme M reductase subunit alpha'
2 polymer 'Methyl-coenzyme M reductase subunit beta'
3 polymer 'Methyl-coenzyme M reductase subunit gamma'
4 non-polymer 'FACTOR 430'
5 non-polymer DI(HYDROXYETHYL)ETHER
6 non-polymer 'Coenzyme B'
7 non-polymer O-PHOSPHONO-N-{(2E)-7-[(2-SULFOETHYL)DITHIO]HEPT-2-ENOYL}-L-THREONINE
8 water water
#
loop_
_entity_poly.entity_id
_entity_poly.type
_entity_poly.pdbx_seq_one_letter_code
_entity_poly.pdbx_strand_id
1 'polypeptide(L)'
;MAADIFAKFKKSMEVKFTQEYGSNKQAGGDITGKTEKFLRLGPEQDARKQEMIKAGKEIAEKRGIAFYNPMMHMGAPLGQ
RAITPYTISGTDIVAEPDDLHYVNNAAMQQMWDDIRRTCIVGLDMAHETLEKRLGKEVTPETINHYLETLNHAMPGAAVV
QEMMVETHPALVDDCYVKIFTGDDELADEIDKQYVINVNKMFSEEQAAQIKASIGKTTWQAIHIPTIVSRTTDGAQTSRW
AAMQIGMSFISAYAMCAGEAAVADLSFAAK(MHS)AALVSMGEMLPAR(AGM)ARGPNEPGGLSFGHLSDIVQTSRVSKD
PAKIALEVVGAGCMLYDQIWLGSYMSGGVGFTQYATAAYTDDILDNNTYYDVDYINDKYNGAANLGTDNKVKATLDVVKD
IATESTLYGIETYEKFPTALEDHFGGS(MGN)RATVLAAASGVACALATGNANAGLSGWYLSMYVHKEAWGRLGFF
(GL3)FDLQ(DYA)Q(SMC)GATNVLSYQGDEGLPDELRGPNYPNYAMNVGHQGGYAGIAQAAHSGRGDAFTVNPLLKVC
FADELMPFNFAEPRREFGRGAIREFMPAGERSLVIPAK
;
A,B
2 'polypeptide(L)'
;MSDTVDIYDDRGKLLESNVDIMSLAPTRNAAIKKIILDTKRSVAVSLAGIQGALASGKMGGKGRQILGRGLNYDLVGNAD
AIAENVKNLVQVDEGDDTSVKVIKGGKSLLIQAPSSRIAAGADYMSATTVGAAAVTQTIIDMFGTDMYDAPIAKSAVWGS
YPQTMDLMGGNVQGVLSIPQNNEGLGFSLRNIMANHIAAITSRGAMNAAALSSIYEQSGIFEMGGAVGMFERHQLLGLAC
QGLNANNVVYDIVKENGKDGTIGTVIESIVGRAVEDGVISVDKTAPSGYKFYKANDVPMWNAYAAAGTLAATFVNCGAGR
AAQNVSSTLLYFNDILEKETGLPGCDYGKVQGVAVGFSFFSHSIYGGGGPGVFNGNHVVTRHSRGFAIPCVCAAVALDAG
TQMFTIESTSGLIGDVFGSIEEFRQPIKAVAGAL
;
C,D
3 'polypeptide(L)'
;MDYKDHDGDYKDHDIDYKDDDDKGSAASWSHPQFEKGGGSGGGSGGGSWSHPQFEKSGGGGSGGGSGGDDDDKMAYEAQY
YPGATSVGANRRKHMSGKLEKLREISDEDLTAVLGHRAPGSDYPSTHPPLAEMGEPACSIREAVAATPGAAAGDRVRYVQ
FADSMYNAPATPYFRSYFAAINFRGVDPGTLSGRQIVEARERDMEQCAKVQMETEMTDPALAGMRGATVHGHSVRLQEDG
VMFDMLDRRRLEGGVIIMDKDQVAIPLDRKVNLGKPMSSEEAAKRTTIYRVDNVAFRDDAEVIEWVHRVFDQRTSYGFQP
K
;
E,F
#
# COMPACT_ATOMS: atom_id res chain seq x y z
N ALA A 2 6.20 11.04 43.85
CA ALA A 2 7.05 12.20 44.18
C ALA A 2 6.17 13.39 44.55
N ALA A 3 6.54 14.06 45.65
CA ALA A 3 5.77 15.14 46.26
C ALA A 3 5.61 16.31 45.29
N ASP A 4 6.65 16.54 44.47
CA ASP A 4 6.68 17.66 43.55
C ASP A 4 5.71 17.44 42.40
N ILE A 5 5.52 16.17 42.01
CA ILE A 5 4.61 15.84 40.92
C ILE A 5 3.18 15.89 41.44
N PHE A 6 2.96 15.34 42.66
CA PHE A 6 1.65 15.30 43.27
C PHE A 6 1.12 16.72 43.44
N ALA A 7 2.00 17.62 43.92
CA ALA A 7 1.68 19.03 44.07
C ALA A 7 1.36 19.66 42.72
N LYS A 8 2.13 19.30 41.69
CA LYS A 8 1.96 19.83 40.35
C LYS A 8 0.64 19.37 39.72
N PHE A 9 0.24 18.13 40.02
CA PHE A 9 -1.06 17.60 39.65
C PHE A 9 -2.17 18.44 40.28
N LYS A 10 -2.03 18.72 41.59
CA LYS A 10 -3.04 19.47 42.32
C LYS A 10 -3.25 20.84 41.66
N LYS A 11 -2.15 21.49 41.29
CA LYS A 11 -2.13 22.81 40.70
C LYS A 11 -2.84 22.78 39.34
N SER A 12 -2.68 21.67 38.60
CA SER A 12 -3.35 21.50 37.32
C SER A 12 -4.85 21.40 37.51
N MET A 13 -5.27 20.66 38.55
CA MET A 13 -6.67 20.52 38.90
C MET A 13 -7.25 21.86 39.35
N GLU A 14 -6.43 22.66 40.04
CA GLU A 14 -6.84 23.98 40.52
C GLU A 14 -7.07 24.92 39.33
N VAL A 15 -6.11 24.94 38.40
CA VAL A 15 -6.20 25.80 37.24
C VAL A 15 -7.42 25.41 36.42
N LYS A 16 -7.61 24.11 36.19
CA LYS A 16 -8.65 23.62 35.30
C LYS A 16 -10.04 23.90 35.88
N PHE A 17 -10.20 23.69 37.20
CA PHE A 17 -11.54 23.58 37.74
C PHE A 17 -11.89 24.66 38.75
N THR A 18 -10.90 25.39 39.30
CA THR A 18 -11.21 26.32 40.38
C THR A 18 -10.87 27.76 39.99
N GLN A 19 -10.21 27.95 38.84
CA GLN A 19 -9.97 29.28 38.29
C GLN A 19 -10.78 29.42 37.01
N GLU A 20 -11.35 30.62 36.80
CA GLU A 20 -12.23 30.85 35.68
C GLU A 20 -11.42 30.81 34.39
N TYR A 21 -12.05 30.29 33.33
CA TYR A 21 -11.44 30.25 32.02
C TYR A 21 -12.47 30.74 31.01
N GLY A 22 -12.07 31.66 30.14
CA GLY A 22 -13.03 32.41 29.34
C GLY A 22 -14.08 33.02 30.27
N SER A 23 -15.35 32.68 30.02
CA SER A 23 -16.49 33.18 30.77
C SER A 23 -17.17 32.06 31.54
N ASN A 24 -16.43 31.01 31.92
CA ASN A 24 -17.06 29.77 32.37
C ASN A 24 -17.54 29.85 33.82
N LYS A 25 -17.13 30.93 34.52
CA LYS A 25 -17.57 31.23 35.87
C LYS A 25 -17.07 30.19 36.88
N GLN A 26 -15.93 29.56 36.60
CA GLN A 26 -15.48 28.45 37.43
C GLN A 26 -14.46 28.90 38.45
N ALA A 27 -14.67 30.10 39.01
CA ALA A 27 -13.82 30.62 40.07
C ALA A 27 -14.19 29.98 41.41
N GLY A 28 -13.18 29.66 42.22
CA GLY A 28 -13.38 29.11 43.55
C GLY A 28 -13.72 27.62 43.51
N GLY A 29 -13.91 27.02 44.69
CA GLY A 29 -14.27 25.62 44.79
C GLY A 29 -13.13 24.74 45.29
N ASP A 30 -13.41 23.44 45.38
CA ASP A 30 -12.52 22.45 45.96
C ASP A 30 -12.19 21.41 44.88
N ILE A 31 -10.94 20.93 44.84
CA ILE A 31 -10.56 19.93 43.84
C ILE A 31 -10.96 18.53 44.31
N THR A 32 -11.36 18.40 45.59
CA THR A 32 -11.70 17.10 46.15
C THR A 32 -13.22 16.91 46.24
N GLY A 33 -13.99 17.98 45.99
CA GLY A 33 -15.44 17.93 46.13
C GLY A 33 -16.09 17.17 44.98
N LYS A 34 -17.29 16.64 45.23
CA LYS A 34 -17.92 15.71 44.30
C LYS A 34 -19.09 16.35 43.56
N THR A 35 -19.26 17.67 43.68
CA THR A 35 -20.42 18.31 43.08
C THR A 35 -19.98 19.44 42.15
N GLU A 36 -20.89 19.82 41.25
CA GLU A 36 -20.65 20.90 40.30
C GLU A 36 -21.99 21.57 40.00
N LYS A 37 -21.94 22.87 39.69
CA LYS A 37 -23.11 23.60 39.21
C LYS A 37 -22.97 23.77 37.69
N PHE A 38 -23.99 23.29 36.95
CA PHE A 38 -23.97 23.35 35.50
C PHE A 38 -24.78 24.57 35.08
N LEU A 39 -24.10 25.51 34.39
CA LEU A 39 -24.67 26.81 34.09
C LEU A 39 -25.31 26.81 32.70
N ARG A 40 -25.08 25.72 31.95
CA ARG A 40 -25.65 25.55 30.61
C ARG A 40 -25.36 26.77 29.74
N LEU A 41 -24.11 27.25 29.78
CA LEU A 41 -23.77 28.47 29.08
C LEU A 41 -23.62 28.20 27.57
N GLY A 42 -23.33 26.94 27.22
CA GLY A 42 -23.08 26.62 25.82
C GLY A 42 -21.67 27.04 25.40
N PRO A 43 -21.37 27.05 24.07
CA PRO A 43 -20.00 27.23 23.60
C PRO A 43 -19.37 28.60 23.83
N GLU A 44 -20.22 29.64 23.82
CA GLU A 44 -19.79 31.03 23.88
C GLU A 44 -18.96 31.31 25.14
N GLN A 45 -19.07 30.44 26.14
CA GLN A 45 -18.34 30.66 27.39
C GLN A 45 -16.84 30.58 27.12
N ASP A 46 -16.48 29.92 26.00
CA ASP A 46 -15.08 29.72 25.69
C ASP A 46 -14.67 30.60 24.51
N ALA A 47 -13.50 31.23 24.64
CA ALA A 47 -13.03 32.27 23.74
C ALA A 47 -12.72 31.71 22.35
N ARG A 48 -12.12 30.50 22.30
CA ARG A 48 -11.84 29.85 21.03
C ARG A 48 -13.15 29.50 20.33
N LYS A 49 -14.08 28.87 21.07
CA LYS A 49 -15.35 28.48 20.47
C LYS A 49 -16.03 29.70 19.88
N GLN A 50 -15.99 30.82 20.61
CA GLN A 50 -16.61 32.06 20.17
C GLN A 50 -16.07 32.47 18.80
N GLU A 51 -14.75 32.44 18.68
CA GLU A 51 -14.03 32.77 17.44
C GLU A 51 -14.39 31.79 16.32
N MET A 52 -14.50 30.49 16.67
CA MET A 52 -14.85 29.47 15.69
C MET A 52 -16.28 29.70 15.20
N ILE A 53 -17.20 29.99 16.12
CA ILE A 53 -18.59 30.23 15.79
C ILE A 53 -18.70 31.37 14.78
N LYS A 54 -17.98 32.47 15.05
CA LYS A 54 -18.04 33.67 14.23
C LYS A 54 -17.47 33.39 12.84
N ALA A 55 -16.34 32.68 12.78
CA ALA A 55 -15.72 32.33 11.50
C ALA A 55 -16.67 31.44 10.69
N GLY A 56 -17.28 30.46 11.36
CA GLY A 56 -18.19 29.52 10.71
C GLY A 56 -19.38 30.24 10.05
N LYS A 57 -20.00 31.17 10.79
CA LYS A 57 -21.15 31.91 10.31
C LYS A 57 -20.77 32.75 9.10
N GLU A 58 -19.62 33.44 9.19
CA GLU A 58 -19.14 34.32 8.13
C GLU A 58 -18.80 33.53 6.88
N ILE A 59 -18.10 32.40 7.05
CA ILE A 59 -17.70 31.58 5.91
C ILE A 59 -18.93 30.97 5.23
N ALA A 60 -19.85 30.42 6.03
CA ALA A 60 -21.10 29.88 5.50
C ALA A 60 -21.78 30.91 4.59
N GLU A 61 -21.86 32.16 5.07
CA GLU A 61 -22.47 33.27 4.37
C GLU A 61 -21.73 33.57 3.07
N LYS A 62 -20.39 33.62 3.14
CA LYS A 62 -19.57 33.95 1.99
C LYS A 62 -19.65 32.90 0.90
N ARG A 63 -19.58 31.61 1.27
CA ARG A 63 -19.40 30.54 0.30
C ARG A 63 -20.75 30.04 -0.23
N GLY A 64 -21.82 30.25 0.54
CA GLY A 64 -23.18 29.94 0.11
C GLY A 64 -23.56 28.47 0.30
N ILE A 65 -22.84 27.76 1.18
CA ILE A 65 -23.28 26.45 1.62
C ILE A 65 -23.02 26.35 3.12
N ALA A 66 -23.97 25.73 3.84
CA ALA A 66 -23.94 25.60 5.29
C ALA A 66 -22.59 25.05 5.77
N PHE A 67 -22.21 25.39 7.00
CA PHE A 67 -20.87 25.09 7.52
C PHE A 67 -20.95 24.96 9.05
N TYR A 68 -19.90 25.38 9.74
CA TYR A 68 -19.81 25.23 11.18
C TYR A 68 -20.94 26.02 11.86
N ASN A 69 -21.68 25.32 12.73
CA ASN A 69 -22.86 25.84 13.39
C ASN A 69 -23.15 24.93 14.58
N PRO A 70 -22.74 25.32 15.81
CA PRO A 70 -22.93 24.47 16.98
C PRO A 70 -24.39 24.11 17.28
N MET A 71 -25.33 24.85 16.67
CA MET A 71 -26.74 24.57 16.91
C MET A 71 -27.19 23.33 16.16
N MET A 72 -26.30 22.77 15.33
CA MET A 72 -26.59 21.51 14.64
C MET A 72 -26.37 20.30 15.55
N HIS A 73 -25.67 20.47 16.68
CA HIS A 73 -25.50 19.40 17.65
C HIS A 73 -26.87 19.01 18.20
N MET A 74 -27.13 17.72 18.33
CA MET A 74 -28.44 17.27 18.77
C MET A 74 -28.70 17.72 20.20
N GLY A 75 -29.96 18.06 20.50
CA GLY A 75 -30.41 18.40 21.84
C GLY A 75 -29.97 19.79 22.30
N ALA A 76 -28.65 20.04 22.29
CA ALA A 76 -28.08 21.24 22.89
C ALA A 76 -26.66 21.41 22.38
N PRO A 77 -26.14 22.67 22.30
CA PRO A 77 -24.76 22.88 21.81
C PRO A 77 -23.72 22.56 22.89
N LEU A 78 -22.45 22.42 22.46
CA LEU A 78 -21.37 22.01 23.35
C LEU A 78 -21.28 22.97 24.54
N GLY A 79 -20.99 22.42 25.72
CA GLY A 79 -20.65 23.24 26.87
C GLY A 79 -21.85 23.48 27.79
N GLN A 80 -22.66 22.44 27.98
CA GLN A 80 -23.72 22.46 28.99
C GLN A 80 -23.09 22.39 30.38
N ARG A 81 -21.93 21.73 30.48
CA ARG A 81 -21.07 21.88 31.66
C ARG A 81 -19.91 22.80 31.29
N ALA A 82 -19.18 23.27 32.30
CA ALA A 82 -18.14 24.25 32.06
C ALA A 82 -17.09 23.68 31.12
N ILE A 83 -16.64 24.52 30.17
CA ILE A 83 -15.52 24.20 29.31
C ILE A 83 -14.26 24.72 30.00
N THR A 84 -13.35 23.79 30.31
CA THR A 84 -12.18 24.06 31.14
C THR A 84 -10.92 23.73 30.35
N PRO A 85 -9.76 24.33 30.69
CA PRO A 85 -8.54 24.15 29.89
C PRO A 85 -7.69 22.95 30.31
N TYR A 86 -6.57 22.76 29.60
CA TYR A 86 -5.59 21.74 29.93
C TYR A 86 -4.23 22.39 30.15
N THR A 87 -3.48 21.88 31.14
CA THR A 87 -2.09 22.28 31.28
C THR A 87 -1.23 21.16 30.66
N ILE A 88 -0.30 21.54 29.78
CA ILE A 88 0.67 20.58 29.30
C ILE A 88 1.51 20.14 30.49
N SER A 89 1.54 18.82 30.72
CA SER A 89 2.24 18.21 31.85
C SER A 89 3.70 18.63 31.84
N GLY A 90 4.22 18.92 33.04
CA GLY A 90 5.61 19.32 33.23
C GLY A 90 5.84 20.79 32.86
N THR A 91 4.78 21.51 32.46
CA THR A 91 4.92 22.89 32.03
C THR A 91 3.86 23.74 32.72
N ASP A 92 3.92 25.06 32.46
CA ASP A 92 2.90 25.99 32.93
C ASP A 92 2.08 26.51 31.75
N ILE A 93 2.14 25.83 30.60
CA ILE A 93 1.37 26.25 29.43
C ILE A 93 -0.09 25.80 29.59
N VAL A 94 -0.99 26.77 29.71
CA VAL A 94 -2.42 26.47 29.82
C VAL A 94 -3.05 26.66 28.44
N ALA A 95 -3.59 25.59 27.87
CA ALA A 95 -4.03 25.64 26.48
C ALA A 95 -5.56 25.58 26.39
N GLU A 96 -6.10 26.21 25.34
CA GLU A 96 -7.47 25.99 24.91
C GLU A 96 -7.59 24.54 24.45
N PRO A 97 -8.62 23.77 24.89
CA PRO A 97 -8.85 22.42 24.38
C PRO A 97 -8.72 22.32 22.86
N ASP A 98 -9.40 23.23 22.16
CA ASP A 98 -9.51 23.17 20.71
C ASP A 98 -8.14 23.39 20.06
N ASP A 99 -7.21 24.02 20.78
CA ASP A 99 -5.91 24.33 20.21
C ASP A 99 -4.98 23.11 20.23
N LEU A 100 -5.47 21.99 20.74
CA LEU A 100 -4.65 20.78 20.81
C LEU A 100 -5.13 19.77 19.77
N HIS A 101 -6.15 20.15 18.99
CA HIS A 101 -6.50 19.37 17.82
C HIS A 101 -5.36 19.52 16.82
N TYR A 102 -4.91 18.40 16.22
CA TYR A 102 -3.74 18.43 15.35
C TYR A 102 -3.95 19.41 14.20
N VAL A 103 -5.19 19.50 13.70
CA VAL A 103 -5.52 20.37 12.58
C VAL A 103 -5.23 21.81 12.98
N ASN A 104 -5.55 22.14 14.23
CA ASN A 104 -5.43 23.50 14.75
C ASN A 104 -4.01 23.77 15.26
N ASN A 105 -3.10 22.81 15.15
CA ASN A 105 -1.84 22.88 15.91
C ASN A 105 -0.66 22.55 15.00
N ALA A 106 0.12 23.58 14.66
CA ALA A 106 1.23 23.50 13.72
C ALA A 106 2.41 22.68 14.26
N ALA A 107 2.59 22.65 15.58
CA ALA A 107 3.69 21.90 16.17
C ALA A 107 3.45 20.39 15.99
N MET A 108 2.19 19.97 16.13
CA MET A 108 1.79 18.59 15.97
C MET A 108 1.97 18.16 14.51
N GLN A 109 1.49 19.01 13.59
CA GLN A 109 1.63 18.73 12.16
C GLN A 109 3.11 18.66 11.78
N GLN A 110 3.93 19.56 12.33
CA GLN A 110 5.35 19.62 11.99
C GLN A 110 6.08 18.41 12.53
N MET A 111 5.64 17.90 13.69
CA MET A 111 6.28 16.73 14.28
C MET A 111 6.14 15.56 13.31
N TRP A 112 4.91 15.38 12.79
CA TRP A 112 4.67 14.33 11.82
C TRP A 112 5.48 14.59 10.54
N ASP A 113 5.46 15.84 10.07
CA ASP A 113 6.20 16.21 8.86
C ASP A 113 7.67 15.84 9.00
N ASP A 114 8.26 16.17 10.15
CA ASP A 114 9.68 15.98 10.41
C ASP A 114 10.06 14.51 10.32
N ILE A 115 9.14 13.62 10.72
CA ILE A 115 9.38 12.19 10.70
C ILE A 115 9.14 11.67 9.29
N ARG A 116 8.01 12.06 8.69
CA ARG A 116 7.60 11.58 7.37
C ARG A 116 8.68 11.88 6.32
N ARG A 117 9.28 13.07 6.43
CA ARG A 117 10.17 13.59 5.41
C ARG A 117 11.60 13.10 5.65
N THR A 118 11.80 12.24 6.65
CA THR A 118 13.15 11.83 7.03
C THR A 118 13.43 10.38 6.67
N CYS A 119 14.63 10.14 6.13
CA CYS A 119 15.17 8.78 6.06
C CYS A 119 16.68 8.82 6.28
N ILE A 120 17.27 7.64 6.42
CA ILE A 120 18.69 7.49 6.71
C ILE A 120 19.29 6.60 5.64
N VAL A 121 20.38 7.06 5.01
CA VAL A 121 20.97 6.33 3.91
C VAL A 121 22.47 6.19 4.14
N GLY A 122 22.95 4.94 4.13
CA GLY A 122 24.35 4.65 4.34
C GLY A 122 25.22 5.18 3.20
N LEU A 123 26.49 5.49 3.53
CA LEU A 123 27.39 6.07 2.57
C LEU A 123 28.45 5.06 2.14
N ASP A 124 28.72 4.06 2.99
CA ASP A 124 29.80 3.11 2.80
C ASP A 124 29.64 2.32 1.50
N MET A 125 28.41 1.85 1.25
CA MET A 125 28.12 1.03 0.09
C MET A 125 28.39 1.83 -1.19
N ALA A 126 27.99 3.10 -1.19
CA ALA A 126 28.16 3.99 -2.32
C ALA A 126 29.64 4.25 -2.58
N HIS A 127 30.40 4.46 -1.49
CA HIS A 127 31.84 4.68 -1.60
C HIS A 127 32.53 3.45 -2.18
N GLU A 128 32.13 2.25 -1.75
CA GLU A 128 32.69 1.01 -2.28
C GLU A 128 32.40 0.91 -3.77
N THR A 129 31.19 1.32 -4.18
CA THR A 129 30.81 1.30 -5.59
C THR A 129 31.79 2.13 -6.41
N LEU A 130 32.03 3.37 -5.97
CA LEU A 130 32.92 4.27 -6.68
C LEU A 130 34.30 3.62 -6.82
N GLU A 131 34.80 3.04 -5.71
CA GLU A 131 36.13 2.47 -5.66
C GLU A 131 36.25 1.27 -6.60
N LYS A 132 35.27 0.36 -6.51
CA LYS A 132 35.27 -0.90 -7.25
C LYS A 132 35.09 -0.67 -8.74
N ARG A 133 34.05 0.10 -9.11
CA ARG A 133 33.65 0.14 -10.51
C ARG A 133 34.42 1.21 -11.29
N LEU A 134 34.74 2.33 -10.63
CA LEU A 134 35.38 3.46 -11.29
C LEU A 134 36.82 3.62 -10.84
N GLY A 135 37.23 2.94 -9.77
CA GLY A 135 38.57 3.06 -9.23
C GLY A 135 38.84 4.45 -8.66
N LYS A 136 37.79 5.09 -8.13
CA LYS A 136 37.89 6.40 -7.51
C LYS A 136 38.40 6.24 -6.07
N GLU A 137 39.17 7.23 -5.61
CA GLU A 137 39.52 7.31 -4.21
C GLU A 137 38.55 8.26 -3.52
N VAL A 138 37.91 7.78 -2.47
CA VAL A 138 37.08 8.61 -1.61
C VAL A 138 37.95 9.08 -0.44
N THR A 139 37.97 10.40 -0.24
CA THR A 139 38.70 11.02 0.87
C THR A 139 37.75 11.96 1.59
N PRO A 140 38.11 12.47 2.80
CA PRO A 140 37.35 13.54 3.45
C PRO A 140 37.02 14.71 2.52
N GLU A 141 37.97 15.07 1.65
CA GLU A 141 37.81 16.18 0.71
C GLU A 141 36.72 15.87 -0.32
N THR A 142 36.70 14.64 -0.86
CA THR A 142 35.70 14.27 -1.86
C THR A 142 34.32 14.22 -1.20
N ILE A 143 34.26 13.72 0.03
CA ILE A 143 33.01 13.66 0.76
C ILE A 143 32.49 15.08 1.02
N ASN A 144 33.40 15.97 1.43
CA ASN A 144 33.04 17.35 1.74
C ASN A 144 32.43 18.02 0.50
N HIS A 145 33.05 17.77 -0.67
CA HIS A 145 32.55 18.29 -1.93
C HIS A 145 31.19 17.66 -2.27
N TYR A 146 31.07 16.35 -2.00
CA TYR A 146 29.84 15.61 -2.22
C TYR A 146 28.70 16.22 -1.40
N LEU A 147 28.98 16.51 -0.11
CA LEU A 147 27.97 17.01 0.81
C LEU A 147 27.54 18.43 0.46
N GLU A 148 28.48 19.25 -0.05
CA GLU A 148 28.13 20.56 -0.54
C GLU A 148 27.22 20.44 -1.77
N THR A 149 27.58 19.53 -2.69
CA THR A 149 26.76 19.29 -3.87
C THR A 149 25.35 18.85 -3.43
N LEU A 150 25.32 17.92 -2.47
CA LEU A 150 24.08 17.28 -2.05
C LEU A 150 23.16 18.30 -1.39
N ASN A 151 23.75 19.20 -0.60
CA ASN A 151 22.97 20.21 0.09
C ASN A 151 22.43 21.28 -0.87
N HIS A 152 23.04 21.36 -2.06
CA HIS A 152 22.47 22.14 -3.16
C HIS A 152 21.37 21.35 -3.87
N ALA A 153 21.62 20.07 -4.13
CA ALA A 153 20.74 19.29 -4.99
C ALA A 153 19.48 18.82 -4.25
N MET A 154 19.64 18.42 -2.99
CA MET A 154 18.57 17.75 -2.26
C MET A 154 17.29 18.58 -2.22
N PRO A 155 17.31 19.91 -1.97
CA PRO A 155 16.08 20.70 -1.95
C PRO A 155 15.35 20.77 -3.29
N GLY A 156 16.03 20.35 -4.37
CA GLY A 156 15.40 20.31 -5.69
C GLY A 156 16.11 21.24 -6.68
N ALA A 157 17.44 21.18 -6.70
CA ALA A 157 18.24 22.03 -7.57
C ALA A 157 19.15 21.19 -8.48
N ALA A 158 19.51 21.75 -9.64
CA ALA A 158 20.20 21.03 -10.70
C ALA A 158 21.71 21.12 -10.54
N VAL A 159 22.39 20.03 -10.92
CA VAL A 159 23.86 19.97 -10.88
C VAL A 159 24.42 19.49 -12.21
N VAL A 160 23.58 19.04 -13.15
CA VAL A 160 24.10 18.38 -14.33
C VAL A 160 23.58 18.97 -15.64
N GLN A 161 22.25 19.02 -15.80
CA GLN A 161 21.68 19.28 -17.13
C GLN A 161 21.65 20.79 -17.34
N GLU A 162 21.55 21.22 -18.61
CA GLU A 162 21.25 22.61 -18.94
C GLU A 162 19.73 22.79 -18.98
N MET A 163 19.28 24.02 -18.69
CA MET A 163 17.91 24.51 -18.84
C MET A 163 16.95 23.79 -17.89
N MET A 164 17.38 23.67 -16.63
CA MET A 164 16.59 23.03 -15.58
C MET A 164 15.82 24.10 -14.81
N VAL A 165 14.60 23.73 -14.38
CA VAL A 165 13.85 24.52 -13.42
C VAL A 165 14.09 23.90 -12.04
N GLU A 166 13.95 24.69 -10.98
CA GLU A 166 14.35 24.22 -9.66
C GLU A 166 13.29 24.64 -8.63
N THR A 167 13.23 23.92 -7.50
CA THR A 167 12.40 24.39 -6.41
C THR A 167 12.90 25.76 -5.95
N HIS A 168 11.97 26.62 -5.48
CA HIS A 168 12.33 27.92 -4.94
C HIS A 168 12.94 27.73 -3.56
N PRO A 169 14.22 28.11 -3.33
CA PRO A 169 14.88 27.86 -2.05
C PRO A 169 14.11 28.33 -0.82
N ALA A 170 13.33 29.42 -0.98
CA ALA A 170 12.60 30.01 0.12
C ALA A 170 11.37 29.16 0.50
N LEU A 171 11.03 28.17 -0.35
CA LEU A 171 9.93 27.26 -0.10
C LEU A 171 10.43 25.96 0.54
N VAL A 172 11.75 25.72 0.47
CA VAL A 172 12.29 24.41 0.82
C VAL A 172 13.48 24.56 1.77
N ASP A 173 13.47 25.62 2.59
CA ASP A 173 14.58 25.97 3.48
C ASP A 173 14.76 24.98 4.64
N ASP A 174 13.78 24.07 4.84
CA ASP A 174 13.81 23.05 5.88
C ASP A 174 14.51 21.77 5.42
N CYS A 175 14.84 21.67 4.13
CA CYS A 175 15.48 20.51 3.55
C CYS A 175 17.00 20.63 3.68
N TYR A 176 17.65 19.57 4.17
CA TYR A 176 19.10 19.51 4.25
C TYR A 176 19.55 18.07 4.48
N VAL A 177 20.85 17.84 4.35
CA VAL A 177 21.43 16.54 4.64
C VAL A 177 22.64 16.75 5.54
N LYS A 178 22.66 16.02 6.66
CA LYS A 178 23.84 15.90 7.51
C LYS A 178 24.35 14.46 7.47
N ILE A 179 25.57 14.25 7.97
CA ILE A 179 26.08 12.90 8.14
C ILE A 179 26.40 12.66 9.60
N PHE A 180 26.40 11.38 9.98
CA PHE A 180 27.00 10.94 11.23
C PHE A 180 27.78 9.67 10.93
N THR A 181 28.78 9.39 11.78
CA THR A 181 29.66 8.26 11.56
C THR A 181 30.16 7.74 12.90
N GLY A 182 30.34 6.42 12.99
CA GLY A 182 30.95 5.79 14.15
C GLY A 182 32.47 5.79 14.04
N ASP A 183 32.99 6.32 12.93
CA ASP A 183 34.41 6.49 12.69
C ASP A 183 34.85 7.88 13.15
N ASP A 184 35.49 7.92 14.32
CA ASP A 184 35.86 9.16 14.99
C ASP A 184 36.83 9.98 14.14
N GLU A 185 37.79 9.29 13.51
CA GLU A 185 38.76 9.94 12.66
C GLU A 185 38.08 10.61 11.47
N LEU A 186 37.14 9.89 10.84
CA LEU A 186 36.44 10.45 9.69
C LEU A 186 35.63 11.66 10.13
N ALA A 187 34.94 11.53 11.28
CA ALA A 187 34.13 12.59 11.85
C ALA A 187 34.93 13.90 11.97
N ASP A 188 36.19 13.79 12.39
CA ASP A 188 37.03 14.96 12.64
C ASP A 188 37.44 15.64 11.34
N GLU A 189 37.30 14.95 10.20
CA GLU A 189 37.83 15.45 8.93
C GLU A 189 36.72 16.02 8.06
N ILE A 190 35.47 15.75 8.40
CA ILE A 190 34.36 16.28 7.63
C ILE A 190 34.06 17.69 8.13
N ASP A 191 33.80 18.60 7.18
CA ASP A 191 33.36 19.95 7.48
C ASP A 191 32.23 19.89 8.52
N LYS A 192 32.40 20.64 9.62
CA LYS A 192 31.55 20.54 10.80
C LYS A 192 30.10 20.91 10.49
N GLN A 193 29.90 21.76 9.48
CA GLN A 193 28.57 22.22 9.13
C GLN A 193 27.65 21.05 8.79
N TYR A 194 28.24 19.93 8.35
CA TYR A 194 27.45 18.80 7.88
C TYR A 194 27.35 17.68 8.92
N VAL A 195 28.07 17.81 10.05
CA VAL A 195 28.25 16.66 10.95
C VAL A 195 27.27 16.73 12.11
N ILE A 196 26.60 15.59 12.39
CA ILE A 196 25.99 15.36 13.69
C ILE A 196 27.06 14.71 14.56
N ASN A 197 27.55 15.47 15.53
CA ASN A 197 28.71 15.04 16.32
C ASN A 197 28.22 14.19 17.48
N VAL A 198 28.44 12.87 17.35
CA VAL A 198 27.99 11.89 18.33
C VAL A 198 28.63 12.17 19.68
N ASN A 199 29.91 12.57 19.65
CA ASN A 199 30.69 12.78 20.87
C ASN A 199 30.26 14.07 21.57
N LYS A 200 29.66 14.99 20.82
CA LYS A 200 29.19 16.25 21.38
C LYS A 200 27.71 16.15 21.79
N MET A 201 26.90 15.39 21.02
CA MET A 201 25.45 15.41 21.22
C MET A 201 25.04 14.46 22.34
N PHE A 202 25.87 13.44 22.62
CA PHE A 202 25.53 12.43 23.61
C PHE A 202 26.56 12.45 24.74
N SER A 203 26.12 11.98 25.92
CA SER A 203 27.01 11.64 27.02
C SER A 203 28.03 10.60 26.56
N GLU A 204 29.14 10.49 27.31
CA GLU A 204 30.23 9.62 26.94
C GLU A 204 29.76 8.17 26.87
N GLU A 205 28.93 7.77 27.84
CA GLU A 205 28.41 6.41 27.90
C GLU A 205 27.49 6.13 26.71
N GLN A 206 26.59 7.06 26.41
CA GLN A 206 25.64 6.85 25.32
C GLN A 206 26.35 6.85 23.97
N ALA A 207 27.35 7.74 23.82
CA ALA A 207 28.12 7.82 22.58
C ALA A 207 28.84 6.51 22.31
N ALA A 208 29.38 5.89 23.37
CA ALA A 208 30.10 4.64 23.26
C ALA A 208 29.16 3.50 22.88
N GLN A 209 27.96 3.45 23.48
CA GLN A 209 26.98 2.44 23.11
C GLN A 209 26.65 2.56 21.63
N ILE A 210 26.41 3.80 21.16
CA ILE A 210 25.98 4.07 19.80
C ILE A 210 27.08 3.64 18.83
N LYS A 211 28.31 4.06 19.10
CA LYS A 211 29.44 3.77 18.23
C LYS A 211 29.70 2.26 18.17
N ALA A 212 29.63 1.58 19.33
CA ALA A 212 29.80 0.13 19.39
C ALA A 212 28.73 -0.57 18.56
N SER A 213 27.51 -0.02 18.56
CA SER A 213 26.39 -0.58 17.82
C SER A 213 26.63 -0.47 16.31
N ILE A 214 26.98 0.73 15.83
CA ILE A 214 26.98 0.95 14.39
C ILE A 214 28.37 0.69 13.80
N GLY A 215 29.37 0.51 14.68
CA GLY A 215 30.75 0.33 14.25
C GLY A 215 31.22 1.57 13.48
N LYS A 216 32.15 1.36 12.56
CA LYS A 216 32.75 2.45 11.80
C LYS A 216 32.00 2.67 10.49
N THR A 217 30.69 2.93 10.58
CA THR A 217 29.86 3.13 9.40
C THR A 217 29.44 4.60 9.31
N THR A 218 29.15 5.07 8.09
CA THR A 218 28.83 6.46 7.84
C THR A 218 27.44 6.54 7.19
N TRP A 219 26.64 7.49 7.67
CA TRP A 219 25.22 7.57 7.36
C TRP A 219 24.82 9.00 7.04
N GLN A 220 23.90 9.15 6.08
CA GLN A 220 23.29 10.43 5.77
C GLN A 220 21.91 10.49 6.43
N ALA A 221 21.70 11.57 7.21
CA ALA A 221 20.40 11.91 7.78
C ALA A 221 19.73 12.92 6.84
N ILE A 222 18.71 12.46 6.12
CA ILE A 222 18.13 13.24 5.03
C ILE A 222 16.73 13.71 5.45
N HIS A 223 16.49 15.01 5.29
CA HIS A 223 15.18 15.59 5.54
C HIS A 223 14.76 16.35 4.27
N ILE A 224 13.79 15.78 3.55
CA ILE A 224 13.35 16.37 2.29
C ILE A 224 12.36 17.50 2.61
N PRO A 225 11.94 18.33 1.63
CA PRO A 225 11.09 19.49 1.93
C PRO A 225 9.73 19.11 2.51
N THR A 226 9.33 19.82 3.57
CA THR A 226 8.00 19.66 4.16
C THR A 226 6.93 19.89 3.10
N ILE A 227 7.17 20.87 2.20
CA ILE A 227 6.17 21.22 1.21
C ILE A 227 5.91 20.01 0.30
N VAL A 228 6.97 19.23 0.04
CA VAL A 228 6.87 18.07 -0.83
C VAL A 228 6.15 16.95 -0.08
N SER A 229 6.58 16.71 1.16
CA SER A 229 5.98 15.71 2.03
C SER A 229 4.46 15.93 2.11
N ARG A 230 4.03 17.21 2.21
CA ARG A 230 2.63 17.54 2.37
C ARG A 230 1.87 17.36 1.05
N THR A 231 2.57 17.54 -0.08
CA THR A 231 1.95 17.38 -1.38
C THR A 231 1.76 15.88 -1.67
N THR A 232 2.68 15.06 -1.14
CA THR A 232 2.74 13.67 -1.58
C THR A 232 2.44 12.75 -0.39
N ASP A 233 3.43 11.95 0.02
CA ASP A 233 3.23 10.97 1.07
C ASP A 233 4.58 10.56 1.65
N GLY A 234 4.56 9.61 2.61
CA GLY A 234 5.78 9.17 3.27
C GLY A 234 6.65 8.34 2.32
N ALA A 235 6.00 7.67 1.37
CA ALA A 235 6.67 6.73 0.48
C ALA A 235 7.52 7.51 -0.51
N GLN A 236 7.27 8.82 -0.58
CA GLN A 236 8.05 9.75 -1.37
C GLN A 236 9.47 9.85 -0.82
N THR A 237 9.61 9.76 0.50
CA THR A 237 10.81 10.28 1.14
C THR A 237 12.08 9.62 0.59
N SER A 238 12.13 8.27 0.61
CA SER A 238 13.34 7.55 0.27
C SER A 238 13.64 7.70 -1.21
N ARG A 239 12.59 7.83 -2.03
CA ARG A 239 12.74 8.07 -3.45
C ARG A 239 13.42 9.42 -3.69
N TRP A 240 12.89 10.47 -3.04
CA TRP A 240 13.45 11.80 -3.19
C TRP A 240 14.94 11.79 -2.79
N ALA A 241 15.24 11.25 -1.60
CA ALA A 241 16.59 11.18 -1.08
C ALA A 241 17.52 10.58 -2.13
N ALA A 242 17.11 9.42 -2.68
CA ALA A 242 17.92 8.61 -3.57
C ALA A 242 18.18 9.36 -4.88
N MET A 243 17.18 10.08 -5.38
CA MET A 243 17.34 10.76 -6.65
C MET A 243 18.50 11.75 -6.54
N GLN A 244 18.54 12.50 -5.44
CA GLN A 244 19.44 13.64 -5.33
C GLN A 244 20.82 13.19 -4.85
N ILE A 245 20.85 12.09 -4.07
CA ILE A 245 22.08 11.38 -3.76
C ILE A 245 22.73 10.96 -5.08
N GLY A 246 21.93 10.39 -5.97
CA GLY A 246 22.45 9.91 -7.25
C GLY A 246 23.06 11.03 -8.08
N MET A 247 22.31 12.13 -8.25
CA MET A 247 22.78 13.27 -9.01
C MET A 247 24.06 13.84 -8.38
N SER A 248 24.11 13.87 -7.05
CA SER A 248 25.25 14.47 -6.35
C SER A 248 26.52 13.65 -6.55
N PHE A 249 26.40 12.30 -6.52
CA PHE A 249 27.52 11.43 -6.82
C PHE A 249 28.05 11.65 -8.23
N ILE A 250 27.13 11.74 -9.20
CA ILE A 250 27.47 11.93 -10.61
C ILE A 250 28.30 13.20 -10.75
N SER A 251 27.80 14.30 -10.16
CA SER A 251 28.40 15.61 -10.26
C SER A 251 29.71 15.67 -9.48
N ALA A 252 29.68 15.22 -8.22
CA ALA A 252 30.80 15.40 -7.31
C ALA A 252 31.99 14.53 -7.70
N TYR A 253 31.75 13.44 -8.44
CA TYR A 253 32.83 12.50 -8.71
C TYR A 253 33.10 12.38 -10.21
N ALA A 254 32.50 13.27 -11.02
CA ALA A 254 32.72 13.28 -12.46
C ALA A 254 32.47 11.90 -13.07
N MET A 255 31.40 11.23 -12.64
CA MET A 255 30.99 10.00 -13.28
C MET A 255 30.34 10.34 -14.63
N CYS A 256 30.13 9.32 -15.47
CA CYS A 256 29.19 9.50 -16.57
C CYS A 256 27.83 9.85 -15.98
N ALA A 257 27.17 10.87 -16.54
CA ALA A 257 25.84 11.23 -16.08
C ALA A 257 24.85 10.16 -16.53
N GLY A 258 24.89 9.02 -15.82
CA GLY A 258 24.10 7.85 -16.16
C GLY A 258 24.94 6.75 -16.80
N GLU A 259 25.47 5.86 -15.94
CA GLU A 259 26.17 4.65 -16.36
C GLU A 259 25.79 3.52 -15.40
N ALA A 260 26.23 2.29 -15.69
CA ALA A 260 25.85 1.12 -14.92
C ALA A 260 26.12 1.32 -13.42
N ALA A 261 27.29 1.89 -13.09
CA ALA A 261 27.68 2.09 -11.71
C ALA A 261 26.67 2.94 -10.94
N VAL A 262 25.98 3.83 -11.67
CA VAL A 262 24.98 4.72 -11.09
C VAL A 262 23.81 3.90 -10.54
N ALA A 263 23.48 2.80 -11.22
CA ALA A 263 22.36 1.95 -10.80
C ALA A 263 22.67 1.30 -9.44
N ASP A 264 23.94 1.00 -9.22
CA ASP A 264 24.40 0.45 -7.95
C ASP A 264 24.17 1.46 -6.83
N LEU A 265 24.45 2.75 -7.10
CA LEU A 265 24.22 3.82 -6.14
C LEU A 265 22.72 3.92 -5.82
N SER A 266 21.89 3.80 -6.87
CA SER A 266 20.45 3.82 -6.75
C SER A 266 19.95 2.68 -5.85
N PHE A 267 20.43 1.46 -6.11
CA PHE A 267 19.99 0.31 -5.34
C PHE A 267 20.41 0.45 -3.88
N ALA A 268 21.63 0.96 -3.66
CA ALA A 268 22.13 1.15 -2.31
C ALA A 268 21.29 2.18 -1.56
N ALA A 269 20.97 3.32 -2.22
CA ALA A 269 20.22 4.39 -1.60
C ALA A 269 18.74 4.03 -1.41
N LYS A 270 18.19 3.26 -2.35
CA LYS A 270 16.76 2.98 -2.34
C LYS A 270 16.44 1.73 -1.52
N ALA A 272 19.51 -1.23 -0.33
CA ALA A 272 20.52 -1.95 0.44
C ALA A 272 21.04 -1.17 1.65
N ALA A 273 21.06 0.16 1.55
CA ALA A 273 21.61 0.99 2.62
C ALA A 273 20.56 1.98 3.15
N LEU A 274 19.28 1.71 2.86
CA LEU A 274 18.19 2.57 3.32
C LEU A 274 17.70 2.11 4.68
N VAL A 275 17.48 3.06 5.59
CA VAL A 275 16.72 2.83 6.81
C VAL A 275 15.53 3.79 6.82
N SER A 276 14.33 3.23 6.68
CA SER A 276 13.07 3.98 6.69
C SER A 276 12.59 4.16 8.13
N MET A 277 11.76 5.19 8.36
CA MET A 277 11.14 5.37 9.66
C MET A 277 10.21 4.20 9.95
N GLY A 278 9.47 3.77 8.91
CA GLY A 278 8.66 2.57 8.99
C GLY A 278 8.46 1.92 7.62
N GLU A 279 7.95 0.68 7.66
CA GLU A 279 7.75 -0.14 6.49
C GLU A 279 6.29 -0.07 6.06
N MET A 280 5.98 -0.72 4.92
CA MET A 280 4.66 -0.67 4.30
C MET A 280 3.61 -1.46 5.09
N LEU A 281 2.35 -1.24 4.74
CA LEU A 281 1.22 -1.74 5.50
C LEU A 281 0.32 -2.57 4.57
N PRO A 282 -0.36 -3.62 5.10
CA PRO A 282 -1.18 -4.51 4.28
C PRO A 282 -2.39 -3.83 3.64
N ALA A 283 -3.05 -4.55 2.73
CA ALA A 283 -4.01 -4.00 1.79
C ALA A 283 -5.15 -3.23 2.48
N ARG A 284 -5.73 -3.82 3.53
CA ARG A 284 -6.89 -3.20 4.18
C ARG A 284 -6.56 -1.76 4.62
N ALA A 286 -3.74 -0.08 3.29
CA ALA A 286 -2.60 0.04 2.39
C ALA A 286 -1.97 1.43 2.52
N ARG A 287 -0.65 1.42 2.66
CA ARG A 287 0.20 2.60 2.67
C ARG A 287 1.64 2.14 2.42
N GLY A 288 2.43 3.02 1.81
CA GLY A 288 3.84 2.73 1.56
C GLY A 288 4.65 3.02 2.81
N PRO A 289 6.00 2.97 2.74
CA PRO A 289 6.86 3.24 3.90
C PRO A 289 6.75 4.68 4.43
N ASN A 290 7.24 4.90 5.65
CA ASN A 290 7.28 6.21 6.26
C ASN A 290 5.88 6.74 6.53
N GLU A 291 4.93 5.85 6.81
CA GLU A 291 3.65 6.30 7.32
C GLU A 291 3.57 5.99 8.81
N PRO A 292 2.64 6.58 9.61
CA PRO A 292 2.63 6.33 11.06
C PRO A 292 2.48 4.85 11.44
N GLY A 293 1.62 4.13 10.70
CA GLY A 293 1.33 2.73 10.98
C GLY A 293 2.59 1.85 10.96
N GLY A 294 3.57 2.23 10.12
CA GLY A 294 4.79 1.45 9.96
C GLY A 294 5.85 1.77 11.02
N LEU A 295 5.60 2.81 11.82
CA LEU A 295 6.61 3.33 12.74
C LEU A 295 6.59 2.51 14.03
N SER A 296 7.60 1.64 14.19
CA SER A 296 7.68 0.80 15.36
C SER A 296 7.75 1.67 16.61
N PHE A 297 7.38 1.08 17.75
CA PHE A 297 7.43 1.79 19.02
C PHE A 297 8.87 2.13 19.38
N GLY A 298 9.80 1.22 19.03
CA GLY A 298 11.22 1.45 19.26
C GLY A 298 11.70 2.65 18.46
N HIS A 299 11.23 2.75 17.21
CA HIS A 299 11.65 3.81 16.31
C HIS A 299 11.26 5.17 16.88
N LEU A 300 10.00 5.29 17.30
CA LEU A 300 9.47 6.52 17.88
C LEU A 300 10.28 6.89 19.12
N SER A 301 10.60 5.88 19.95
CA SER A 301 11.42 6.07 21.14
C SER A 301 12.75 6.70 20.75
N ASP A 302 13.27 6.32 19.59
CA ASP A 302 14.60 6.76 19.18
C ASP A 302 14.56 8.15 18.56
N ILE A 303 13.46 8.47 17.87
CA ILE A 303 13.29 9.80 17.29
C ILE A 303 13.22 10.83 18.42
N VAL A 304 12.36 10.57 19.43
CA VAL A 304 12.25 11.45 20.58
C VAL A 304 13.62 11.47 21.28
N GLN A 305 14.06 12.67 21.65
CA GLN A 305 15.45 12.89 22.00
C GLN A 305 15.62 13.05 23.51
N THR A 306 14.54 12.91 24.26
CA THR A 306 14.57 13.12 25.71
C THR A 306 15.65 12.25 26.35
N SER A 307 15.83 11.01 25.83
CA SER A 307 16.79 10.03 26.33
C SER A 307 18.22 10.58 26.32
N ARG A 308 18.45 11.53 25.40
CA ARG A 308 19.76 12.10 25.14
C ARG A 308 20.06 13.24 26.11
N VAL A 309 19.03 13.93 26.61
CA VAL A 309 19.24 15.15 27.37
C VAL A 309 18.76 14.99 28.82
N SER A 310 18.21 13.81 29.16
CA SER A 310 17.71 13.59 30.51
C SER A 310 18.37 12.34 31.10
N LYS A 311 18.38 12.27 32.43
CA LYS A 311 18.88 11.08 33.11
C LYS A 311 17.83 10.57 34.09
N ASP A 312 16.60 11.05 33.87
CA ASP A 312 15.44 10.61 34.63
C ASP A 312 14.66 9.62 33.77
N PRO A 313 14.69 8.32 34.11
CA PRO A 313 14.04 7.27 33.31
C PRO A 313 12.56 7.53 33.08
N ALA A 314 11.87 8.03 34.13
CA ALA A 314 10.44 8.25 34.05
C ALA A 314 10.13 9.38 33.07
N LYS A 315 10.87 10.50 33.19
CA LYS A 315 10.70 11.68 32.35
C LYS A 315 10.86 11.30 30.88
N ILE A 316 11.87 10.47 30.60
CA ILE A 316 12.20 10.05 29.24
C ILE A 316 11.02 9.25 28.68
N ALA A 317 10.48 8.34 29.49
CA ALA A 317 9.40 7.49 29.04
C ALA A 317 8.15 8.33 28.81
N LEU A 318 7.93 9.32 29.69
CA LEU A 318 6.71 10.12 29.66
C LEU A 318 6.67 11.00 28.41
N GLU A 319 7.83 11.52 28.00
CA GLU A 319 7.93 12.30 26.78
C GLU A 319 7.54 11.44 25.57
N VAL A 320 7.98 10.18 25.59
CA VAL A 320 7.68 9.25 24.51
C VAL A 320 6.19 8.93 24.51
N VAL A 321 5.60 8.73 25.70
CA VAL A 321 4.17 8.50 25.79
C VAL A 321 3.42 9.65 25.11
N GLY A 322 3.80 10.88 25.47
CA GLY A 322 3.16 12.09 24.95
C GLY A 322 3.28 12.19 23.43
N ALA A 323 4.51 12.08 22.92
CA ALA A 323 4.74 12.14 21.48
C ALA A 323 3.92 11.07 20.79
N GLY A 324 3.88 9.87 21.41
CA GLY A 324 3.24 8.68 20.87
C GLY A 324 1.72 8.81 20.82
N CYS A 325 1.11 9.23 21.93
CA CYS A 325 -0.34 9.36 21.93
C CYS A 325 -0.76 10.40 20.89
N MET A 326 -0.03 11.52 20.83
CA MET A 326 -0.34 12.54 19.85
C MET A 326 -0.29 11.93 18.44
N LEU A 327 0.86 11.39 18.03
CA LEU A 327 1.06 10.97 16.65
C LEU A 327 0.14 9.79 16.33
N TYR A 328 0.19 8.76 17.18
CA TYR A 328 -0.52 7.52 16.90
C TYR A 328 -2.03 7.70 17.00
N ASP A 329 -2.49 8.50 17.97
CA ASP A 329 -3.92 8.60 18.21
C ASP A 329 -4.55 9.78 17.46
N GLN A 330 -3.89 10.94 17.52
CA GLN A 330 -4.50 12.15 16.98
C GLN A 330 -4.38 12.18 15.46
N ILE A 331 -3.17 11.87 14.94
CA ILE A 331 -2.92 11.96 13.51
C ILE A 331 -3.23 10.62 12.83
N TRP A 332 -2.64 9.54 13.35
CA TRP A 332 -2.71 8.23 12.70
C TRP A 332 -4.11 7.63 12.84
N LEU A 333 -4.49 7.19 14.05
CA LEU A 333 -5.79 6.59 14.25
C LEU A 333 -6.93 7.58 14.04
N GLY A 334 -6.74 8.83 14.48
CA GLY A 334 -7.79 9.83 14.51
C GLY A 334 -7.93 10.56 13.18
N SER A 335 -6.98 10.37 12.26
CA SER A 335 -7.11 10.98 10.96
C SER A 335 -6.88 9.94 9.87
N TYR A 336 -5.62 9.56 9.64
CA TYR A 336 -5.28 8.58 8.62
C TYR A 336 -6.24 7.38 8.61
N MET A 337 -6.59 6.85 9.80
CA MET A 337 -7.39 5.64 9.85
C MET A 337 -8.88 5.92 10.12
N SER A 338 -9.25 7.19 10.32
CA SER A 338 -10.65 7.56 10.49
C SER A 338 -10.88 8.98 9.99
N GLY A 339 -10.93 9.95 10.91
CA GLY A 339 -11.08 11.35 10.56
C GLY A 339 -12.28 11.99 11.24
N GLY A 340 -12.58 13.25 10.89
CA GLY A 340 -13.62 14.04 11.52
C GLY A 340 -13.05 14.75 12.75
N VAL A 341 -13.89 14.88 13.79
CA VAL A 341 -13.48 15.46 15.06
C VAL A 341 -12.26 14.72 15.60
N GLY A 342 -12.26 13.37 15.53
CA GLY A 342 -11.07 12.62 15.83
C GLY A 342 -10.84 12.45 17.34
N PHE A 343 -9.57 12.37 17.74
CA PHE A 343 -9.22 11.78 19.03
C PHE A 343 -8.26 12.65 19.84
N THR A 344 -8.52 13.97 19.89
CA THR A 344 -7.64 14.90 20.60
C THR A 344 -7.49 14.48 22.07
N GLN A 345 -8.64 14.34 22.76
CA GLN A 345 -8.66 14.19 24.20
C GLN A 345 -8.33 12.76 24.62
N TYR A 346 -8.54 11.80 23.71
CA TYR A 346 -8.01 10.46 23.94
C TYR A 346 -6.51 10.57 24.18
N ALA A 347 -5.86 11.49 23.45
CA ALA A 347 -4.40 11.62 23.48
C ALA A 347 -3.95 12.59 24.56
N THR A 348 -4.64 13.72 24.71
CA THR A 348 -4.22 14.76 25.65
C THR A 348 -4.19 14.20 27.06
N ALA A 349 -4.99 13.15 27.32
CA ALA A 349 -5.11 12.61 28.67
C ALA A 349 -3.74 12.14 29.17
N ALA A 350 -2.86 11.82 28.22
CA ALA A 350 -1.57 11.23 28.53
C ALA A 350 -0.44 12.24 28.44
N TYR A 351 -0.77 13.52 28.17
CA TYR A 351 0.28 14.52 28.12
C TYR A 351 -0.14 15.84 28.76
N THR A 352 -1.26 15.85 29.50
CA THR A 352 -1.74 17.08 30.15
C THR A 352 -2.14 16.78 31.59
N ASP A 353 -2.01 17.82 32.43
CA ASP A 353 -2.58 17.90 33.76
C ASP A 353 -1.83 17.03 34.77
N ASP A 354 -0.73 16.39 34.33
CA ASP A 354 0.23 15.74 35.21
C ASP A 354 -0.34 14.50 35.89
N ILE A 355 -1.48 14.01 35.39
CA ILE A 355 -2.16 12.90 36.04
C ILE A 355 -1.36 11.62 35.84
N LEU A 356 -0.99 11.34 34.59
CA LEU A 356 -0.11 10.24 34.26
C LEU A 356 1.21 10.36 35.02
N ASP A 357 1.78 11.56 35.05
CA ASP A 357 3.08 11.78 35.67
C ASP A 357 3.01 11.43 37.16
N ASN A 358 1.92 11.86 37.80
CA ASN A 358 1.70 11.59 39.21
C ASN A 358 1.80 10.09 39.51
N ASN A 359 0.97 9.30 38.80
CA ASN A 359 0.90 7.85 38.94
C ASN A 359 2.28 7.22 38.70
N THR A 360 2.99 7.69 37.66
CA THR A 360 4.25 7.09 37.25
C THR A 360 5.32 7.32 38.31
N TYR A 361 5.40 8.56 38.80
CA TYR A 361 6.42 8.97 39.75
C TYR A 361 6.17 8.31 41.10
N TYR A 362 4.88 8.12 41.45
CA TYR A 362 4.53 7.35 42.62
C TYR A 362 5.11 5.94 42.47
N ASP A 363 4.97 5.38 41.26
CA ASP A 363 5.38 4.01 40.99
C ASP A 363 6.89 3.87 41.16
N VAL A 364 7.64 4.87 40.68
CA VAL A 364 9.10 4.88 40.82
C VAL A 364 9.47 4.78 42.30
N ASP A 365 8.76 5.53 43.14
CA ASP A 365 9.06 5.54 44.58
C ASP A 365 8.76 4.17 45.16
N TYR A 366 7.63 3.59 44.75
CA TYR A 366 7.18 2.31 45.27
C TYR A 366 8.20 1.23 44.94
N ILE A 367 8.62 1.19 43.66
CA ILE A 367 9.63 0.26 43.16
C ILE A 367 10.93 0.39 43.93
N ASN A 368 11.41 1.63 44.11
CA ASN A 368 12.72 1.87 44.70
C ASN A 368 12.73 1.39 46.14
N ASP A 369 11.63 1.67 46.84
CA ASP A 369 11.40 1.25 48.21
C ASP A 369 11.38 -0.27 48.29
N LYS A 370 10.71 -0.93 47.33
CA LYS A 370 10.41 -2.34 47.47
C LYS A 370 11.44 -3.22 46.76
N TYR A 371 12.14 -2.66 45.77
CA TYR A 371 13.04 -3.48 44.95
C TYR A 371 14.45 -2.88 44.95
N ASN A 372 14.83 -2.25 46.06
CA ASN A 372 16.22 -1.86 46.28
C ASN A 372 16.70 -0.97 45.13
N GLY A 373 15.95 0.10 44.87
CA GLY A 373 16.36 1.13 43.91
C GLY A 373 16.32 0.68 42.46
N ALA A 374 15.52 -0.36 42.16
CA ALA A 374 15.43 -0.95 40.82
C ALA A 374 15.03 0.06 39.75
N ALA A 375 14.27 1.09 40.14
CA ALA A 375 13.75 2.05 39.15
C ALA A 375 14.76 3.16 38.86
N ASN A 376 15.84 3.22 39.66
CA ASN A 376 16.89 4.20 39.41
C ASN A 376 17.66 3.79 38.16
N LEU A 377 18.26 4.77 37.49
CA LEU A 377 19.07 4.51 36.31
C LEU A 377 20.22 3.57 36.69
N GLY A 378 20.32 2.46 35.95
CA GLY A 378 21.35 1.44 36.17
C GLY A 378 20.96 0.15 35.45
N THR A 379 21.92 -0.79 35.34
CA THR A 379 21.66 -2.06 34.69
C THR A 379 21.62 -3.21 35.71
N ASP A 380 22.53 -3.19 36.70
CA ASP A 380 22.62 -4.34 37.59
C ASP A 380 21.73 -4.16 38.83
N ASN A 381 20.90 -3.12 38.85
CA ASN A 381 19.95 -2.92 39.93
C ASN A 381 18.57 -3.43 39.51
N LYS A 382 18.46 -3.85 38.24
CA LYS A 382 17.20 -4.28 37.66
C LYS A 382 16.78 -5.63 38.24
N VAL A 383 15.47 -5.86 38.28
CA VAL A 383 14.91 -7.10 38.79
C VAL A 383 14.51 -7.97 37.60
N LYS A 384 14.74 -9.28 37.71
CA LYS A 384 14.32 -10.21 36.66
C LYS A 384 12.80 -10.22 36.54
N ALA A 385 12.32 -10.18 35.30
CA ALA A 385 10.89 -10.20 35.01
C ALA A 385 10.31 -11.54 35.45
N THR A 386 9.32 -11.49 36.35
CA THR A 386 8.52 -12.65 36.72
C THR A 386 7.07 -12.18 36.84
N LEU A 387 6.13 -13.14 36.79
CA LEU A 387 4.71 -12.87 37.03
C LEU A 387 4.52 -12.14 38.36
N ASP A 388 5.25 -12.58 39.40
CA ASP A 388 5.12 -12.01 40.74
C ASP A 388 5.46 -10.52 40.75
N VAL A 389 6.58 -10.15 40.10
CA VAL A 389 7.05 -8.78 40.04
C VAL A 389 6.01 -7.90 39.34
N VAL A 390 5.50 -8.39 38.21
CA VAL A 390 4.51 -7.65 37.43
C VAL A 390 3.23 -7.50 38.25
N LYS A 391 2.73 -8.59 38.83
CA LYS A 391 1.51 -8.52 39.61
C LYS A 391 1.66 -7.50 40.75
N ASP A 392 2.82 -7.49 41.40
CA ASP A 392 3.09 -6.57 42.48
C ASP A 392 3.01 -5.13 41.98
N ILE A 393 3.82 -4.81 40.97
CA ILE A 393 3.99 -3.44 40.53
C ILE A 393 2.73 -2.94 39.84
N ALA A 394 2.19 -3.73 38.90
CA ALA A 394 1.06 -3.25 38.11
C ALA A 394 -0.17 -3.05 39.01
N THR A 395 -0.39 -3.97 39.94
CA THR A 395 -1.55 -3.93 40.82
C THR A 395 -1.48 -2.69 41.72
N GLU A 396 -0.30 -2.47 42.31
CA GLU A 396 -0.06 -1.31 43.16
C GLU A 396 -0.28 -0.03 42.36
N SER A 397 0.35 0.05 41.18
CA SER A 397 0.23 1.20 40.31
C SER A 397 -1.23 1.54 40.09
N THR A 398 -2.01 0.53 39.68
CA THR A 398 -3.38 0.75 39.23
C THR A 398 -4.24 1.16 40.42
N LEU A 399 -4.02 0.49 41.56
CA LEU A 399 -4.79 0.80 42.76
C LEU A 399 -4.58 2.27 43.11
N TYR A 400 -3.33 2.73 43.11
CA TYR A 400 -2.98 4.11 43.44
C TYR A 400 -3.62 5.08 42.43
N GLY A 401 -3.49 4.80 41.13
CA GLY A 401 -4.07 5.66 40.11
C GLY A 401 -5.59 5.75 40.25
N ILE A 402 -6.22 4.63 40.58
CA ILE A 402 -7.67 4.57 40.75
C ILE A 402 -8.08 5.40 41.97
N GLU A 403 -7.34 5.24 43.09
CA GLU A 403 -7.65 5.94 44.33
C GLU A 403 -7.54 7.45 44.13
N THR A 404 -6.54 7.89 43.33
CA THR A 404 -6.34 9.27 42.97
C THR A 404 -7.58 9.81 42.23
N TYR A 405 -8.06 9.05 41.25
CA TYR A 405 -9.24 9.45 40.47
C TYR A 405 -10.45 9.56 41.39
N GLU A 406 -10.48 8.72 42.44
CA GLU A 406 -11.61 8.66 43.36
C GLU A 406 -11.53 9.80 44.38
N LYS A 407 -10.29 10.15 44.79
CA LYS A 407 -10.06 11.15 45.82
C LYS A 407 -10.09 12.55 45.22
N PHE A 408 -9.91 12.64 43.90
CA PHE A 408 -9.92 13.89 43.18
C PHE A 408 -10.98 13.84 42.07
N PRO A 409 -12.27 14.10 42.38
CA PRO A 409 -13.32 14.11 41.36
C PRO A 409 -13.02 14.94 40.12
N THR A 410 -12.19 15.96 40.29
CA THR A 410 -11.72 16.79 39.20
C THR A 410 -10.92 15.95 38.20
N ALA A 411 -10.06 15.05 38.72
CA ALA A 411 -9.23 14.20 37.87
C ALA A 411 -10.11 13.22 37.09
N LEU A 412 -11.13 12.67 37.76
CA LEU A 412 -12.07 11.76 37.14
C LEU A 412 -12.81 12.49 36.02
N GLU A 413 -13.17 13.76 36.26
CA GLU A 413 -13.95 14.54 35.32
C GLU A 413 -13.07 15.02 34.16
N ASP A 414 -11.79 15.26 34.47
CA ASP A 414 -10.78 15.54 33.46
C ASP A 414 -10.74 14.38 32.47
N HIS A 415 -10.39 13.20 32.98
CA HIS A 415 -10.31 11.99 32.16
C HIS A 415 -11.70 11.36 32.13
N PHE A 416 -12.66 12.07 31.52
CA PHE A 416 -14.07 11.70 31.66
C PHE A 416 -14.36 10.38 30.96
N GLY A 417 -13.57 10.06 29.92
CA GLY A 417 -13.74 8.81 29.19
C GLY A 417 -12.96 7.67 29.83
N GLY A 418 -13.62 6.50 29.92
CA GLY A 418 -13.02 5.31 30.51
C GLY A 418 -11.71 4.94 29.83
N SER A 419 -11.66 5.14 28.50
CA SER A 419 -10.49 4.80 27.72
C SER A 419 -9.28 5.63 28.17
N ARG A 421 -8.72 7.03 31.07
CA ARG A 421 -8.28 6.56 32.38
C ARG A 421 -7.48 5.27 32.22
N ALA A 422 -7.93 4.42 31.30
CA ALA A 422 -7.32 3.13 31.04
C ALA A 422 -5.90 3.33 30.51
N THR A 423 -5.73 4.19 29.51
CA THR A 423 -4.43 4.56 28.98
C THR A 423 -3.52 5.04 30.10
N VAL A 424 -4.05 5.95 30.93
CA VAL A 424 -3.26 6.56 32.00
C VAL A 424 -2.79 5.47 32.96
N LEU A 425 -3.74 4.68 33.45
CA LEU A 425 -3.41 3.70 34.48
C LEU A 425 -2.46 2.64 33.93
N ALA A 426 -2.67 2.22 32.67
CA ALA A 426 -1.91 1.12 32.11
C ALA A 426 -0.50 1.57 31.72
N ALA A 427 -0.41 2.81 31.20
CA ALA A 427 0.84 3.46 30.88
C ALA A 427 1.75 3.50 32.12
N ALA A 428 1.20 3.97 33.26
CA ALA A 428 1.97 4.03 34.49
C ALA A 428 2.41 2.63 34.91
N SER A 429 1.48 1.67 34.90
CA SER A 429 1.74 0.29 35.28
C SER A 429 2.85 -0.30 34.41
N GLY A 430 2.72 -0.08 33.09
CA GLY A 430 3.61 -0.67 32.11
C GLY A 430 5.00 -0.04 32.20
N VAL A 431 5.04 1.29 32.21
CA VAL A 431 6.29 2.01 32.37
C VAL A 431 6.94 1.52 33.67
N ALA A 432 6.14 1.40 34.74
CA ALA A 432 6.68 1.02 36.04
C ALA A 432 7.34 -0.36 35.96
N CYS A 433 6.65 -1.32 35.34
CA CYS A 433 7.13 -2.68 35.20
C CYS A 433 8.39 -2.71 34.34
N ALA A 434 8.40 -1.92 33.26
CA ALA A 434 9.55 -1.86 32.36
C ALA A 434 10.74 -1.22 33.08
N LEU A 435 10.48 -0.18 33.88
CA LEU A 435 11.52 0.53 34.62
C LEU A 435 12.23 -0.42 35.59
N ALA A 436 11.47 -1.31 36.25
CA ALA A 436 12.02 -2.18 37.28
C ALA A 436 12.82 -3.33 36.66
N THR A 437 12.39 -3.80 35.48
CA THR A 437 12.89 -5.08 34.98
C THR A 437 13.89 -4.88 33.85
N GLY A 438 13.83 -3.74 33.16
CA GLY A 438 14.57 -3.56 31.93
C GLY A 438 14.07 -4.51 30.83
N ASN A 439 12.81 -4.94 30.96
CA ASN A 439 12.19 -5.88 30.04
C ASN A 439 10.90 -5.26 29.51
N ALA A 440 10.89 -4.93 28.21
CA ALA A 440 9.78 -4.16 27.68
C ALA A 440 8.49 -4.98 27.68
N ASN A 441 8.64 -6.30 27.51
CA ASN A 441 7.46 -7.16 27.45
C ASN A 441 6.90 -7.35 28.85
N ALA A 442 7.76 -7.28 29.88
CA ALA A 442 7.25 -7.23 31.25
C ALA A 442 6.42 -5.97 31.43
N GLY A 443 6.84 -4.88 30.77
CA GLY A 443 6.04 -3.66 30.72
C GLY A 443 4.65 -3.94 30.14
N LEU A 444 4.61 -4.74 29.07
CA LEU A 444 3.34 -5.06 28.40
C LEU A 444 2.46 -5.88 29.33
N SER A 445 3.03 -6.90 30.00
CA SER A 445 2.28 -7.67 30.98
C SER A 445 1.65 -6.74 32.01
N GLY A 446 2.42 -5.74 32.45
CA GLY A 446 1.95 -4.78 33.44
C GLY A 446 0.81 -3.94 32.89
N TRP A 447 0.96 -3.52 31.64
CA TRP A 447 -0.07 -2.76 30.96
C TRP A 447 -1.39 -3.52 30.99
N TYR A 448 -1.36 -4.81 30.63
CA TYR A 448 -2.58 -5.61 30.50
C TYR A 448 -3.22 -5.88 31.86
N LEU A 449 -2.39 -6.21 32.86
CA LEU A 449 -2.88 -6.47 34.19
C LEU A 449 -3.58 -5.24 34.75
N SER A 450 -3.06 -4.04 34.43
CA SER A 450 -3.68 -2.81 34.87
C SER A 450 -5.11 -2.73 34.34
N MET A 451 -5.27 -3.05 33.06
CA MET A 451 -6.60 -3.08 32.44
C MET A 451 -7.48 -4.09 33.19
N TYR A 452 -6.90 -5.22 33.60
CA TYR A 452 -7.70 -6.27 34.22
C TYR A 452 -8.21 -5.82 35.57
N VAL A 453 -7.34 -5.14 36.35
CA VAL A 453 -7.68 -4.65 37.67
C VAL A 453 -8.73 -3.54 37.54
N HIS A 454 -8.49 -2.63 36.59
CA HIS A 454 -9.35 -1.50 36.33
C HIS A 454 -10.79 -1.97 36.10
N LYS A 455 -10.97 -2.95 35.21
CA LYS A 455 -12.28 -3.41 34.81
C LYS A 455 -13.05 -3.95 36.01
N GLU A 456 -12.37 -4.72 36.88
CA GLU A 456 -13.02 -5.31 38.04
C GLU A 456 -13.32 -4.25 39.10
N ALA A 457 -12.45 -3.25 39.23
CA ALA A 457 -12.64 -2.21 40.23
C ALA A 457 -13.89 -1.37 39.92
N TRP A 458 -14.05 -0.98 38.65
CA TRP A 458 -15.07 0.01 38.33
C TRP A 458 -16.27 -0.57 37.59
N GLY A 459 -16.16 -1.84 37.17
CA GLY A 459 -17.23 -2.50 36.43
C GLY A 459 -17.44 -1.81 35.08
N ARG A 460 -16.33 -1.33 34.53
CA ARG A 460 -16.26 -0.65 33.24
C ARG A 460 -14.78 -0.50 32.90
N LEU A 461 -14.49 -0.30 31.61
CA LEU A 461 -13.12 -0.08 31.19
C LEU A 461 -13.10 1.11 30.23
N GLY A 462 -13.02 0.84 28.92
CA GLY A 462 -12.96 1.91 27.93
C GLY A 462 -14.19 1.90 27.03
N PHE A 463 -14.02 2.39 25.79
CA PHE A 463 -15.08 2.43 24.79
C PHE A 463 -15.43 1.00 24.36
N PHE A 464 -16.48 0.87 23.54
CA PHE A 464 -17.07 -0.40 23.16
C PHE A 464 -15.95 -1.41 22.81
N PHE A 466 -12.56 -1.06 23.17
CA PHE A 466 -11.22 -0.61 23.67
C PHE A 466 -10.29 -1.80 23.92
N ASP A 467 -10.83 -2.87 24.52
CA ASP A 467 -9.99 -3.94 25.06
C ASP A 467 -9.95 -5.18 24.16
N LEU A 468 -10.08 -5.01 22.83
CA LEU A 468 -9.73 -6.08 21.91
C LEU A 468 -8.30 -6.53 22.23
N GLN A 469 -7.36 -5.57 22.19
CA GLN A 469 -5.99 -5.95 22.45
C GLN A 469 -5.80 -6.17 23.96
N GLN A 471 -7.76 -7.99 25.88
CA GLN A 471 -8.14 -9.35 26.25
C GLN A 471 -7.25 -10.36 25.54
N GLY A 473 -4.29 -9.50 25.25
CA GLY A 473 -3.05 -8.83 25.60
C GLY A 473 -2.09 -9.70 26.37
N ALA A 474 -2.53 -10.15 27.55
CA ALA A 474 -1.68 -10.88 28.48
C ALA A 474 -1.12 -12.12 27.82
N THR A 475 -1.99 -12.86 27.09
CA THR A 475 -1.61 -14.12 26.48
C THR A 475 -0.63 -13.92 25.33
N ASN A 476 -0.69 -12.77 24.63
CA ASN A 476 0.19 -12.55 23.49
C ASN A 476 1.51 -11.89 23.91
N VAL A 477 1.66 -11.59 25.19
CA VAL A 477 2.85 -10.87 25.62
C VAL A 477 4.07 -11.74 25.39
N LEU A 478 4.00 -13.01 25.82
CA LEU A 478 5.14 -13.90 25.75
C LEU A 478 4.87 -15.09 24.83
N SER A 479 3.85 -14.98 23.95
CA SER A 479 3.68 -15.95 22.90
C SER A 479 4.90 -15.91 21.97
N TYR A 480 5.28 -17.06 21.40
CA TYR A 480 6.32 -17.10 20.38
C TYR A 480 5.72 -17.57 19.06
N GLN A 481 4.39 -17.55 18.96
CA GLN A 481 3.71 -17.91 17.72
C GLN A 481 3.98 -16.84 16.67
N GLY A 482 3.98 -17.25 15.39
CA GLY A 482 4.43 -16.43 14.27
C GLY A 482 3.87 -15.02 14.30
N ASP A 483 2.54 -14.91 14.35
CA ASP A 483 1.93 -13.59 14.23
C ASP A 483 1.46 -13.09 15.60
N GLU A 484 2.09 -13.62 16.66
CA GLU A 484 1.77 -13.21 18.02
C GLU A 484 3.03 -12.67 18.70
N GLY A 485 4.14 -13.42 18.58
CA GLY A 485 5.35 -13.12 19.33
C GLY A 485 6.14 -11.96 18.72
N LEU A 486 6.59 -11.03 19.58
CA LEU A 486 7.42 -9.91 19.17
C LEU A 486 7.79 -9.10 20.41
N PRO A 487 9.08 -8.72 20.57
CA PRO A 487 9.49 -7.78 21.62
C PRO A 487 8.83 -6.43 21.34
N ASP A 488 8.44 -5.73 22.40
CA ASP A 488 7.66 -4.50 22.29
C ASP A 488 8.42 -3.45 21.48
N GLU A 489 9.76 -3.53 21.53
CA GLU A 489 10.63 -2.62 20.80
C GLU A 489 10.35 -2.70 19.31
N LEU A 490 10.00 -3.89 18.81
CA LEU A 490 9.81 -4.12 17.40
C LEU A 490 8.33 -4.06 17.02
N ARG A 491 7.45 -4.13 18.04
CA ARG A 491 6.02 -3.95 17.85
C ARG A 491 5.76 -2.53 17.35
N GLY A 492 4.57 -2.32 16.78
CA GLY A 492 4.17 -1.01 16.31
C GLY A 492 2.70 -1.02 15.95
N PRO A 493 2.15 0.06 15.33
CA PRO A 493 0.73 0.08 14.91
C PRO A 493 0.24 -1.01 13.95
N ASN A 494 1.14 -1.86 13.45
CA ASN A 494 0.74 -2.91 12.53
C ASN A 494 0.78 -4.28 13.19
N TYR A 495 1.34 -4.36 14.41
CA TYR A 495 1.18 -5.55 15.21
C TYR A 495 -0.32 -5.83 15.28
N PRO A 496 -0.78 -7.03 14.87
CA PRO A 496 -2.19 -7.24 14.54
C PRO A 496 -3.20 -6.78 15.59
N ASN A 497 -2.99 -7.15 16.86
CA ASN A 497 -3.91 -6.78 17.93
C ASN A 497 -3.98 -5.26 18.05
N TYR A 498 -2.91 -4.56 17.62
CA TYR A 498 -2.78 -3.14 17.90
C TYR A 498 -3.31 -2.27 16.76
N ALA A 499 -3.82 -2.87 15.68
CA ALA A 499 -3.91 -2.16 14.41
C ALA A 499 -5.11 -1.20 14.33
N MET A 500 -5.97 -1.16 15.36
CA MET A 500 -7.24 -0.46 15.23
C MET A 500 -7.48 0.64 16.27
N ASN A 501 -7.09 0.45 17.54
CA ASN A 501 -7.81 1.14 18.60
C ASN A 501 -6.95 2.18 19.31
N VAL A 502 -7.59 3.30 19.68
CA VAL A 502 -6.96 4.42 20.35
C VAL A 502 -6.49 3.97 21.74
N GLY A 503 -5.63 4.79 22.34
CA GLY A 503 -5.33 4.73 23.76
C GLY A 503 -4.32 3.65 24.12
N HIS A 504 -3.54 3.19 23.13
CA HIS A 504 -2.63 2.11 23.40
C HIS A 504 -1.23 2.37 22.86
N GLN A 505 -1.15 2.73 21.57
CA GLN A 505 0.12 2.72 20.84
C GLN A 505 1.14 3.62 21.52
N GLY A 506 0.72 4.83 21.92
CA GLY A 506 1.63 5.75 22.58
C GLY A 506 2.15 5.20 23.91
N GLY A 507 1.26 4.49 24.63
CA GLY A 507 1.65 3.81 25.85
C GLY A 507 2.73 2.76 25.60
N TYR A 508 2.55 1.98 24.53
CA TYR A 508 3.48 0.91 24.16
C TYR A 508 4.83 1.50 23.75
N ALA A 509 4.81 2.68 23.11
CA ALA A 509 6.06 3.37 22.80
C ALA A 509 6.76 3.74 24.11
N GLY A 510 5.98 4.28 25.05
CA GLY A 510 6.47 4.67 26.36
C GLY A 510 7.09 3.50 27.11
N ILE A 511 6.43 2.33 27.04
CA ILE A 511 6.89 1.10 27.69
C ILE A 511 8.21 0.65 27.06
N ALA A 512 8.31 0.73 25.72
CA ALA A 512 9.54 0.32 25.05
C ALA A 512 10.70 1.19 25.52
N GLN A 513 10.46 2.51 25.58
CA GLN A 513 11.48 3.46 26.00
C GLN A 513 11.87 3.17 27.45
N ALA A 514 10.85 2.95 28.30
CA ALA A 514 11.04 2.76 29.73
C ALA A 514 12.01 1.62 30.03
N ALA A 515 11.93 0.52 29.26
CA ALA A 515 12.82 -0.61 29.46
C ALA A 515 14.28 -0.18 29.30
N HIS A 516 14.50 0.77 28.39
CA HIS A 516 15.84 1.22 28.05
C HIS A 516 16.26 2.44 28.87
N SER A 517 15.33 3.35 29.14
CA SER A 517 15.70 4.53 29.92
C SER A 517 16.02 4.16 31.36
N GLY A 518 15.33 3.15 31.90
CA GLY A 518 15.64 2.62 33.22
C GLY A 518 17.10 2.17 33.29
N ARG A 519 17.61 1.70 32.14
CA ARG A 519 18.94 1.13 32.04
C ARG A 519 19.96 2.23 31.70
N GLY A 520 19.46 3.41 31.32
CA GLY A 520 20.30 4.49 30.84
C GLY A 520 20.80 4.23 29.42
N ASP A 521 20.14 3.29 28.73
CA ASP A 521 20.50 2.93 27.36
C ASP A 521 20.43 4.13 26.42
N ALA A 522 21.34 4.13 25.43
CA ALA A 522 21.46 5.20 24.44
C ALA A 522 20.31 5.19 23.44
N PHE A 523 19.67 4.03 23.25
CA PHE A 523 18.59 3.92 22.30
C PHE A 523 17.72 2.73 22.65
N THR A 524 16.52 2.68 22.06
CA THR A 524 15.52 1.67 22.37
C THR A 524 15.61 0.53 21.36
N VAL A 525 15.83 0.85 20.07
CA VAL A 525 15.90 -0.22 19.08
C VAL A 525 16.78 0.17 17.87
N ASN A 526 16.98 1.46 17.61
CA ASN A 526 17.71 1.84 16.41
C ASN A 526 18.58 3.07 16.68
N PRO A 527 19.92 2.88 16.87
CA PRO A 527 20.84 3.99 17.09
C PRO A 527 20.89 4.95 15.90
N LEU A 528 20.65 4.42 14.70
CA LEU A 528 20.65 5.26 13.51
C LEU A 528 19.61 6.37 13.65
N LEU A 529 18.41 6.02 14.14
CA LEU A 529 17.37 7.03 14.31
C LEU A 529 17.73 7.94 15.47
N LYS A 530 18.37 7.39 16.51
CA LYS A 530 18.72 8.18 17.68
C LYS A 530 19.62 9.34 17.25
N VAL A 531 20.63 9.04 16.43
CA VAL A 531 21.61 10.03 16.03
C VAL A 531 21.02 10.98 14.98
N CYS A 532 20.30 10.42 13.99
CA CYS A 532 19.63 11.19 12.96
C CYS A 532 18.89 12.40 13.55
N PHE A 533 18.16 12.19 14.66
CA PHE A 533 17.30 13.21 15.22
C PHE A 533 18.01 14.00 16.33
N ALA A 534 19.29 13.70 16.58
CA ALA A 534 20.09 14.46 17.54
C ALA A 534 20.62 15.71 16.84
N ASP A 535 19.70 16.64 16.54
CA ASP A 535 19.95 17.69 15.58
C ASP A 535 18.99 18.84 15.81
N GLU A 536 19.53 19.96 16.31
CA GLU A 536 18.73 21.11 16.72
C GLU A 536 18.23 21.92 15.51
N LEU A 537 18.72 21.60 14.31
CA LEU A 537 18.29 22.30 13.11
C LEU A 537 16.86 21.92 12.74
N MET A 538 16.39 20.75 13.21
CA MET A 538 15.04 20.29 12.89
C MET A 538 14.03 21.26 13.48
N PRO A 539 12.96 21.63 12.73
CA PRO A 539 11.93 22.54 13.24
C PRO A 539 11.32 22.12 14.56
N PHE A 540 11.08 20.81 14.72
CA PHE A 540 10.43 20.30 15.91
C PHE A 540 11.48 19.97 16.96
N ASN A 541 11.26 20.41 18.21
CA ASN A 541 12.19 20.09 19.28
C ASN A 541 11.86 18.69 19.83
N PHE A 542 12.57 17.70 19.31
CA PHE A 542 12.28 16.30 19.63
C PHE A 542 12.63 15.97 21.07
N ALA A 543 13.46 16.82 21.72
CA ALA A 543 13.81 16.55 23.12
C ALA A 543 12.65 16.86 24.04
N GLU A 544 11.71 17.70 23.59
CA GLU A 544 10.64 18.18 24.46
C GLU A 544 9.30 18.17 23.74
N PRO A 545 8.81 17.01 23.26
CA PRO A 545 7.59 16.99 22.44
C PRO A 545 6.35 17.56 23.13
N ARG A 546 6.18 17.30 24.43
CA ARG A 546 4.99 17.74 25.13
C ARG A 546 4.94 19.28 25.18
N ARG A 547 6.08 19.89 25.54
CA ARG A 547 6.20 21.34 25.54
C ARG A 547 5.93 21.90 24.14
N GLU A 548 6.51 21.27 23.12
CA GLU A 548 6.33 21.70 21.73
C GLU A 548 4.84 21.77 21.37
N PHE A 549 4.06 20.79 21.84
CA PHE A 549 2.63 20.77 21.59
C PHE A 549 1.99 22.00 22.22
N GLY A 550 2.49 22.38 23.40
CA GLY A 550 2.07 23.59 24.10
C GLY A 550 2.38 24.84 23.29
N ARG A 551 3.60 24.89 22.72
CA ARG A 551 4.02 26.02 21.89
C ARG A 551 3.11 26.14 20.68
N GLY A 552 2.71 25.00 20.11
CA GLY A 552 1.76 24.99 19.01
C GLY A 552 0.38 25.49 19.45
N ALA A 553 -0.02 25.17 20.69
CA ALA A 553 -1.34 25.54 21.18
C ALA A 553 -1.45 27.05 21.33
N ILE A 554 -0.33 27.71 21.71
CA ILE A 554 -0.33 29.14 21.92
C ILE A 554 0.23 29.86 20.70
N ARG A 555 0.27 29.17 19.55
CA ARG A 555 0.56 29.78 18.26
C ARG A 555 1.98 30.36 18.21
N GLU A 556 2.93 29.71 18.89
CA GLU A 556 4.31 30.15 18.89
C GLU A 556 5.20 29.23 18.07
N PHE A 557 4.62 28.17 17.48
CA PHE A 557 5.42 27.25 16.69
C PHE A 557 5.31 27.63 15.21
N MET A 558 6.48 27.79 14.57
CA MET A 558 6.56 28.10 13.15
C MET A 558 6.80 26.82 12.38
N PRO A 559 5.82 26.40 11.54
CA PRO A 559 5.98 25.20 10.73
C PRO A 559 6.76 25.52 9.45
N ALA A 560 7.29 24.47 8.83
CA ALA A 560 7.83 24.56 7.48
C ALA A 560 6.71 24.36 6.47
N GLY A 561 6.98 24.69 5.21
CA GLY A 561 6.19 24.21 4.08
C GLY A 561 5.03 25.12 3.69
N GLU A 562 4.98 26.34 4.23
CA GLU A 562 3.90 27.26 3.85
C GLU A 562 4.20 27.84 2.46
N ARG A 563 3.15 28.29 1.77
CA ARG A 563 3.29 28.67 0.38
C ARG A 563 3.00 30.16 0.18
N SER A 564 3.16 30.97 1.23
CA SER A 564 2.70 32.36 1.17
C SER A 564 3.50 33.14 0.13
N LEU A 565 4.77 32.76 -0.07
CA LEU A 565 5.62 33.37 -1.09
C LEU A 565 4.92 33.43 -2.45
N VAL A 566 4.21 32.36 -2.82
CA VAL A 566 3.76 32.22 -4.20
C VAL A 566 2.24 32.28 -4.30
N ILE A 567 1.61 32.80 -3.23
CA ILE A 567 0.17 32.92 -3.03
C ILE A 567 -0.17 34.41 -3.11
N PRO A 568 -1.36 34.84 -3.58
CA PRO A 568 -1.78 36.25 -3.45
C PRO A 568 -1.63 36.74 -2.01
N ALA A 569 -1.28 38.02 -1.87
CA ALA A 569 -1.04 38.64 -0.57
C ALA A 569 -2.34 39.23 -0.02
N ALA B 2 -5.38 24.16 -38.41
CA ALA B 2 -6.13 25.44 -38.32
C ALA B 2 -5.16 26.61 -38.40
N ALA B 3 -5.47 27.57 -39.26
CA ALA B 3 -4.67 28.77 -39.41
C ALA B 3 -4.57 29.55 -38.09
N ASP B 4 -5.64 29.58 -37.31
CA ASP B 4 -5.63 30.39 -36.11
C ASP B 4 -4.69 29.79 -35.07
N ILE B 5 -4.66 28.46 -35.00
CA ILE B 5 -3.81 27.81 -34.00
C ILE B 5 -2.35 27.93 -34.43
N PHE B 6 -2.10 27.80 -35.74
CA PHE B 6 -0.76 27.98 -36.29
C PHE B 6 -0.22 29.39 -35.99
N ALA B 7 -1.09 30.40 -36.16
CA ALA B 7 -0.69 31.78 -35.87
C ALA B 7 -0.30 31.90 -34.40
N LYS B 8 -1.08 31.26 -33.52
CA LYS B 8 -0.82 31.30 -32.10
C LYS B 8 0.51 30.62 -31.78
N PHE B 9 0.77 29.50 -32.47
CA PHE B 9 2.03 28.79 -32.30
C PHE B 9 3.20 29.70 -32.65
N LYS B 10 3.12 30.37 -33.82
CA LYS B 10 4.20 31.25 -34.25
C LYS B 10 4.39 32.41 -33.27
N LYS B 11 3.28 32.94 -32.74
CA LYS B 11 3.34 34.00 -31.74
C LYS B 11 4.08 33.51 -30.49
N SER B 12 3.85 32.25 -30.10
CA SER B 12 4.52 31.68 -28.93
C SER B 12 6.02 31.56 -29.16
N MET B 13 6.42 31.26 -30.40
CA MET B 13 7.81 31.14 -30.75
C MET B 13 8.47 32.52 -30.75
N GLU B 14 7.73 33.51 -31.28
CA GLU B 14 8.18 34.90 -31.33
C GLU B 14 8.45 35.42 -29.92
N VAL B 15 7.47 35.19 -29.03
CA VAL B 15 7.54 35.66 -27.66
C VAL B 15 8.71 35.00 -26.94
N LYS B 16 8.87 33.68 -27.14
CA LYS B 16 9.83 32.89 -26.40
C LYS B 16 11.25 33.26 -26.83
N PHE B 17 11.44 33.46 -28.14
CA PHE B 17 12.80 33.45 -28.68
C PHE B 17 13.21 34.77 -29.32
N THR B 18 12.26 35.69 -29.56
CA THR B 18 12.60 36.90 -30.29
C THR B 18 12.16 38.16 -29.55
N GLN B 19 11.70 38.01 -28.30
CA GLN B 19 11.57 39.18 -27.44
C GLN B 19 12.33 38.91 -26.14
N GLU B 20 12.99 39.94 -25.63
CA GLU B 20 13.89 39.76 -24.50
C GLU B 20 13.05 39.32 -23.29
N TYR B 21 13.62 38.40 -22.51
CA TYR B 21 12.98 37.99 -21.26
C TYR B 21 14.03 38.09 -20.16
N GLY B 22 13.69 38.76 -19.06
CA GLY B 22 14.69 39.14 -18.08
C GLY B 22 15.75 40.01 -18.73
N SER B 23 17.02 39.63 -18.62
CA SER B 23 18.06 40.29 -19.40
C SER B 23 18.76 39.31 -20.34
N ASN B 24 17.98 38.42 -20.98
CA ASN B 24 18.54 37.34 -21.78
C ASN B 24 19.04 37.84 -23.14
N LYS B 25 18.72 39.11 -23.46
CA LYS B 25 19.21 39.78 -24.65
C LYS B 25 18.69 39.16 -25.95
N GLN B 26 17.56 38.44 -25.89
CA GLN B 26 17.00 37.78 -27.06
C GLN B 26 15.98 38.69 -27.75
N ALA B 27 16.37 39.93 -28.03
CA ALA B 27 15.49 40.83 -28.75
C ALA B 27 15.71 40.67 -30.26
N GLY B 28 14.63 40.37 -30.99
CA GLY B 28 14.66 40.29 -32.45
C GLY B 28 15.02 38.88 -32.92
N GLY B 29 15.22 38.75 -34.23
CA GLY B 29 15.59 37.49 -34.86
C GLY B 29 14.41 36.84 -35.59
N ASP B 30 14.63 35.61 -36.09
CA ASP B 30 13.69 34.93 -36.96
C ASP B 30 13.39 33.55 -36.35
N ILE B 31 12.10 33.20 -36.25
CA ILE B 31 11.71 31.96 -35.60
C ILE B 31 12.03 30.75 -36.49
N THR B 32 12.46 31.00 -37.74
CA THR B 32 12.75 29.94 -38.70
C THR B 32 14.26 29.75 -38.87
N GLY B 33 15.07 30.66 -38.32
CA GLY B 33 16.51 30.62 -38.49
C GLY B 33 17.14 29.50 -37.67
N LYS B 34 18.31 29.02 -38.11
CA LYS B 34 18.90 27.80 -37.58
C LYS B 34 20.03 28.10 -36.59
N THR B 35 20.25 29.38 -36.28
CA THR B 35 21.43 29.78 -35.49
C THR B 35 21.02 30.59 -34.26
N GLU B 36 21.93 30.63 -33.30
CA GLU B 36 21.73 31.34 -32.06
C GLU B 36 23.09 31.81 -31.56
N LYS B 37 23.12 32.97 -30.89
CA LYS B 37 24.31 33.46 -30.25
C LYS B 37 24.23 33.17 -28.76
N PHE B 38 25.24 32.45 -28.24
CA PHE B 38 25.24 32.04 -26.85
C PHE B 38 26.12 33.00 -26.07
N LEU B 39 25.52 33.69 -25.09
CA LEU B 39 26.14 34.83 -24.43
C LEU B 39 26.77 34.43 -23.10
N ARG B 40 26.45 33.21 -22.63
CA ARG B 40 27.00 32.63 -21.42
C ARG B 40 26.74 33.54 -20.22
N LEU B 41 25.50 34.05 -20.11
CA LEU B 41 25.11 34.99 -19.07
C LEU B 41 24.98 34.27 -17.72
N GLY B 42 24.69 32.97 -17.76
CA GLY B 42 24.41 32.22 -16.56
C GLY B 42 23.03 32.55 -16.00
N PRO B 43 22.73 32.13 -14.76
CA PRO B 43 21.35 32.18 -14.25
C PRO B 43 20.75 33.57 -14.01
N GLU B 44 21.63 34.56 -13.79
CA GLU B 44 21.24 35.90 -13.35
C GLU B 44 20.44 36.61 -14.45
N GLN B 45 20.54 36.13 -15.69
CA GLN B 45 19.78 36.72 -16.79
C GLN B 45 18.28 36.57 -16.53
N ASP B 46 17.92 35.67 -15.62
CA ASP B 46 16.51 35.38 -15.37
C ASP B 46 16.11 35.93 -14.01
N ALA B 47 15.02 36.70 -13.99
CA ALA B 47 14.60 37.41 -12.79
C ALA B 47 14.30 36.44 -11.64
N ARG B 48 13.57 35.35 -11.95
CA ARG B 48 13.23 34.35 -10.94
C ARG B 48 14.49 33.71 -10.37
N LYS B 49 15.43 33.29 -11.24
CA LYS B 49 16.67 32.67 -10.79
C LYS B 49 17.44 33.61 -9.87
N GLN B 50 17.44 34.92 -10.18
CA GLN B 50 18.15 35.90 -9.37
C GLN B 50 17.59 35.90 -7.95
N GLU B 51 16.26 35.94 -7.85
CA GLU B 51 15.53 35.89 -6.59
C GLU B 51 15.90 34.61 -5.84
N MET B 52 15.93 33.48 -6.57
CA MET B 52 16.22 32.19 -5.98
C MET B 52 17.65 32.17 -5.42
N ILE B 53 18.60 32.70 -6.21
CA ILE B 53 20.01 32.73 -5.83
C ILE B 53 20.18 33.52 -4.53
N LYS B 54 19.47 34.65 -4.43
CA LYS B 54 19.58 35.54 -3.28
C LYS B 54 18.99 34.85 -2.04
N ALA B 55 17.81 34.25 -2.19
CA ALA B 55 17.19 33.54 -1.09
C ALA B 55 18.13 32.42 -0.62
N GLY B 56 18.69 31.67 -1.57
CA GLY B 56 19.55 30.54 -1.29
C GLY B 56 20.74 30.93 -0.41
N LYS B 57 21.43 32.00 -0.81
CA LYS B 57 22.61 32.48 -0.10
C LYS B 57 22.22 32.99 1.29
N GLU B 58 21.10 33.73 1.37
CA GLU B 58 20.64 34.28 2.65
C GLU B 58 20.30 33.16 3.64
N ILE B 59 19.52 32.17 3.17
CA ILE B 59 19.08 31.08 4.01
C ILE B 59 20.29 30.25 4.47
N ALA B 60 21.23 29.99 3.55
CA ALA B 60 22.44 29.24 3.88
C ALA B 60 23.17 29.87 5.07
N GLU B 61 23.37 31.20 4.99
CA GLU B 61 24.08 31.92 6.04
C GLU B 61 23.28 31.89 7.35
N LYS B 62 21.96 32.05 7.26
CA LYS B 62 21.10 32.10 8.43
C LYS B 62 21.06 30.74 9.14
N ARG B 63 20.95 29.64 8.38
CA ARG B 63 20.70 28.33 8.96
C ARG B 63 22.01 27.62 9.33
N GLY B 64 23.11 27.95 8.65
CA GLY B 64 24.43 27.47 9.03
C GLY B 64 24.81 26.16 8.34
N ILE B 65 24.09 25.81 7.28
CA ILE B 65 24.47 24.67 6.44
C ILE B 65 24.18 25.04 4.99
N ALA B 66 25.06 24.59 4.08
CA ALA B 66 25.02 24.94 2.67
C ALA B 66 23.65 24.64 2.06
N PHE B 67 23.32 25.39 1.00
CA PHE B 67 21.98 25.36 0.43
C PHE B 67 22.10 25.59 -1.08
N TYR B 68 21.07 26.21 -1.65
CA TYR B 68 21.01 26.44 -3.09
C TYR B 68 22.16 27.34 -3.49
N ASN B 69 22.92 26.89 -4.49
CA ASN B 69 24.11 27.57 -4.94
C ASN B 69 24.40 27.11 -6.37
N PRO B 70 23.89 27.83 -7.40
CA PRO B 70 24.08 27.44 -8.80
C PRO B 70 25.51 27.13 -9.23
N MET B 71 26.49 27.56 -8.43
CA MET B 71 27.89 27.31 -8.75
C MET B 71 28.26 25.86 -8.40
N MET B 72 27.36 25.15 -7.71
CA MET B 72 27.57 23.74 -7.43
C MET B 72 27.29 22.89 -8.68
N HIS B 73 26.69 23.49 -9.72
CA HIS B 73 26.52 22.79 -10.98
C HIS B 73 27.88 22.53 -11.61
N MET B 74 28.09 21.28 -12.08
CA MET B 74 29.35 20.92 -12.71
C MET B 74 29.58 21.78 -13.96
N GLY B 75 30.85 22.17 -14.15
CA GLY B 75 31.32 22.85 -15.34
C GLY B 75 30.93 24.32 -15.37
N ALA B 76 29.62 24.59 -15.34
CA ALA B 76 29.09 25.92 -15.52
C ALA B 76 27.70 26.00 -14.88
N PRO B 77 27.24 27.19 -14.44
CA PRO B 77 25.88 27.32 -13.93
C PRO B 77 24.85 27.37 -15.07
N LEU B 78 23.58 27.16 -14.72
CA LEU B 78 22.48 27.15 -15.66
C LEU B 78 22.47 28.43 -16.49
N GLY B 79 22.13 28.29 -17.79
CA GLY B 79 21.85 29.44 -18.63
C GLY B 79 23.08 29.90 -19.43
N GLN B 80 23.84 28.94 -19.95
CA GLN B 80 24.90 29.23 -20.91
C GLN B 80 24.30 29.57 -22.27
N ARG B 81 23.07 29.07 -22.50
CA ARG B 81 22.20 29.59 -23.54
C ARG B 81 21.08 30.38 -22.86
N ALA B 82 20.37 31.20 -23.66
CA ALA B 82 19.34 32.09 -23.13
C ALA B 82 18.28 31.28 -22.41
N ILE B 83 17.90 31.75 -21.21
CA ILE B 83 16.75 31.22 -20.51
C ILE B 83 15.51 31.96 -20.98
N THR B 84 14.52 31.23 -21.53
CA THR B 84 13.37 31.79 -22.21
C THR B 84 12.07 31.33 -21.55
N PRO B 85 10.96 32.11 -21.65
CA PRO B 85 9.71 31.78 -20.95
C PRO B 85 8.86 30.77 -21.70
N TYR B 86 7.74 30.37 -21.09
CA TYR B 86 6.72 29.57 -21.74
C TYR B 86 5.40 30.34 -21.73
N THR B 87 4.66 30.27 -22.85
CA THR B 87 3.27 30.70 -22.90
C THR B 87 2.38 29.49 -22.62
N ILE B 88 1.46 29.62 -21.65
CA ILE B 88 0.46 28.59 -21.46
C ILE B 88 -0.42 28.53 -22.72
N SER B 89 -0.54 27.32 -23.28
CA SER B 89 -1.22 27.10 -24.54
C SER B 89 -2.65 27.62 -24.45
N GLY B 90 -3.09 28.28 -25.53
CA GLY B 90 -4.43 28.84 -25.62
C GLY B 90 -4.60 30.11 -24.78
N THR B 91 -3.52 30.59 -24.13
CA THR B 91 -3.60 31.79 -23.31
C THR B 91 -2.52 32.78 -23.76
N ASP B 92 -2.58 33.99 -23.20
CA ASP B 92 -1.49 34.95 -23.33
C ASP B 92 -0.71 35.03 -22.01
N ILE B 93 -0.82 34.00 -21.18
CA ILE B 93 -0.06 33.99 -19.94
C ILE B 93 1.37 33.55 -20.25
N VAL B 94 2.34 34.44 -19.97
CA VAL B 94 3.73 34.13 -20.21
C VAL B 94 4.40 33.91 -18.86
N ALA B 95 4.98 32.71 -18.67
CA ALA B 95 5.38 32.25 -17.36
C ALA B 95 6.91 32.10 -17.28
N GLU B 96 7.45 32.40 -16.10
CA GLU B 96 8.79 31.98 -15.74
C GLU B 96 8.83 30.46 -15.70
N PRO B 97 9.82 29.81 -16.36
CA PRO B 97 9.97 28.36 -16.29
C PRO B 97 9.87 27.79 -14.88
N ASP B 98 10.56 28.43 -13.92
CA ASP B 98 10.63 27.90 -12.57
C ASP B 98 9.26 27.96 -11.88
N ASP B 99 8.38 28.82 -12.40
CA ASP B 99 7.07 29.03 -11.78
C ASP B 99 6.10 27.91 -12.15
N LEU B 100 6.58 26.96 -12.98
CA LEU B 100 5.76 25.86 -13.46
C LEU B 100 6.17 24.57 -12.75
N HIS B 101 7.22 24.63 -11.93
CA HIS B 101 7.51 23.53 -11.02
C HIS B 101 6.36 23.44 -10.01
N TYR B 102 5.86 22.22 -9.75
CA TYR B 102 4.70 22.02 -8.91
C TYR B 102 4.96 22.57 -7.51
N VAL B 103 6.20 22.46 -7.03
CA VAL B 103 6.55 22.94 -5.71
C VAL B 103 6.28 24.45 -5.63
N ASN B 104 6.52 25.15 -6.76
CA ASN B 104 6.49 26.60 -6.82
C ASN B 104 5.10 27.09 -7.24
N ASN B 105 4.15 26.16 -7.47
CA ASN B 105 2.90 26.52 -8.14
C ASN B 105 1.72 25.97 -7.34
N ALA B 106 1.01 26.89 -6.68
CA ALA B 106 -0.08 26.58 -5.77
C ALA B 106 -1.28 26.00 -6.52
N ALA B 107 -1.47 26.39 -7.78
CA ALA B 107 -2.60 25.91 -8.56
C ALA B 107 -2.44 24.41 -8.82
N MET B 108 -1.21 24.01 -9.14
CA MET B 108 -0.88 22.62 -9.39
C MET B 108 -1.06 21.80 -8.13
N GLN B 109 -0.58 22.33 -7.00
CA GLN B 109 -0.74 21.64 -5.72
C GLN B 109 -2.22 21.50 -5.40
N GLN B 110 -3.00 22.57 -5.65
CA GLN B 110 -4.41 22.58 -5.31
C GLN B 110 -5.18 21.62 -6.22
N MET B 111 -4.74 21.47 -7.48
CA MET B 111 -5.44 20.56 -8.36
C MET B 111 -5.36 19.14 -7.81
N TRP B 112 -4.14 18.74 -7.39
CA TRP B 112 -3.96 17.43 -6.80
C TRP B 112 -4.76 17.31 -5.50
N ASP B 113 -4.70 18.34 -4.63
CA ASP B 113 -5.42 18.30 -3.37
C ASP B 113 -6.92 18.10 -3.60
N ASP B 114 -7.46 18.83 -4.57
CA ASP B 114 -8.88 18.77 -4.90
C ASP B 114 -9.28 17.36 -5.35
N ILE B 115 -8.36 16.64 -5.99
CA ILE B 115 -8.65 15.27 -6.41
C ILE B 115 -8.48 14.35 -5.20
N ARG B 116 -7.33 14.49 -4.50
CA ARG B 116 -6.96 13.60 -3.41
C ARG B 116 -8.05 13.58 -2.34
N ARG B 117 -8.58 14.77 -2.04
CA ARG B 117 -9.46 14.95 -0.89
C ARG B 117 -10.92 14.70 -1.29
N THR B 118 -11.15 14.14 -2.48
CA THR B 118 -12.52 13.92 -2.95
C THR B 118 -12.87 12.43 -3.03
N CYS B 119 -14.11 12.12 -2.61
CA CYS B 119 -14.74 10.83 -2.90
C CYS B 119 -16.24 11.01 -3.05
N ILE B 120 -16.90 9.94 -3.52
CA ILE B 120 -18.32 9.91 -3.85
C ILE B 120 -18.94 8.73 -3.12
N VAL B 121 -20.06 8.98 -2.43
CA VAL B 121 -20.71 7.98 -1.61
C VAL B 121 -22.22 8.02 -1.91
N GLY B 122 -22.76 6.86 -2.29
CA GLY B 122 -24.19 6.71 -2.51
C GLY B 122 -24.99 7.00 -1.25
N LEU B 123 -26.23 7.48 -1.45
CA LEU B 123 -27.15 7.70 -0.35
C LEU B 123 -28.23 6.61 -0.26
N ASP B 124 -28.52 5.94 -1.38
CA ASP B 124 -29.65 5.02 -1.45
C ASP B 124 -29.52 3.87 -0.43
N MET B 125 -28.33 3.29 -0.33
CA MET B 125 -28.15 2.15 0.57
C MET B 125 -28.38 2.58 2.01
N ALA B 126 -27.90 3.79 2.33
CA ALA B 126 -28.00 4.35 3.67
C ALA B 126 -29.47 4.57 4.02
N HIS B 127 -30.22 5.14 3.07
CA HIS B 127 -31.64 5.40 3.23
C HIS B 127 -32.39 4.07 3.43
N GLU B 128 -32.05 3.06 2.62
CA GLU B 128 -32.64 1.74 2.74
C GLU B 128 -32.37 1.14 4.12
N THR B 129 -31.14 1.32 4.65
CA THR B 129 -30.78 0.86 5.98
C THR B 129 -31.73 1.47 7.02
N LEU B 130 -31.97 2.78 6.92
CA LEU B 130 -32.78 3.49 7.90
C LEU B 130 -34.20 2.97 7.86
N GLU B 131 -34.74 2.78 6.65
CA GLU B 131 -36.10 2.31 6.43
C GLU B 131 -36.24 0.87 6.95
N LYS B 132 -35.27 0.03 6.59
CA LYS B 132 -35.37 -1.39 6.89
C LYS B 132 -35.15 -1.65 8.39
N ARG B 133 -34.05 -1.13 8.95
CA ARG B 133 -33.65 -1.54 10.30
C ARG B 133 -34.40 -0.74 11.35
N LEU B 134 -34.64 0.57 11.08
CA LEU B 134 -35.23 1.43 12.08
C LEU B 134 -36.70 1.74 11.74
N GLY B 135 -37.13 1.45 10.52
CA GLY B 135 -38.44 1.84 10.02
C GLY B 135 -38.60 3.36 9.92
N LYS B 136 -37.50 4.08 9.72
CA LYS B 136 -37.52 5.52 9.55
C LYS B 136 -38.01 5.86 8.15
N GLU B 137 -38.75 6.95 8.03
CA GLU B 137 -39.14 7.43 6.72
C GLU B 137 -38.14 8.49 6.27
N VAL B 138 -37.63 8.33 5.04
CA VAL B 138 -36.70 9.28 4.47
C VAL B 138 -37.48 10.18 3.51
N THR B 139 -37.40 11.49 3.73
CA THR B 139 -38.07 12.45 2.85
C THR B 139 -37.08 13.54 2.43
N PRO B 140 -37.47 14.43 1.49
CA PRO B 140 -36.70 15.62 1.18
C PRO B 140 -36.32 16.42 2.43
N GLU B 141 -37.28 16.56 3.35
CA GLU B 141 -37.06 17.26 4.61
C GLU B 141 -35.97 16.59 5.44
N THR B 142 -36.02 15.26 5.57
CA THR B 142 -35.04 14.59 6.42
C THR B 142 -33.68 14.66 5.75
N ILE B 143 -33.66 14.60 4.41
CA ILE B 143 -32.41 14.69 3.67
C ILE B 143 -31.80 16.08 3.88
N ASN B 144 -32.63 17.13 3.76
CA ASN B 144 -32.16 18.50 3.98
C ASN B 144 -31.59 18.65 5.39
N HIS B 145 -32.28 18.10 6.40
CA HIS B 145 -31.77 18.19 7.76
C HIS B 145 -30.42 17.47 7.87
N TYR B 146 -30.31 16.33 7.17
CA TYR B 146 -29.11 15.51 7.19
C TYR B 146 -27.96 16.28 6.54
N LEU B 147 -28.26 16.97 5.43
CA LEU B 147 -27.21 17.63 4.67
C LEU B 147 -26.68 18.85 5.42
N GLU B 148 -27.55 19.51 6.19
CA GLU B 148 -27.12 20.64 7.00
C GLU B 148 -26.25 20.13 8.13
N THR B 149 -26.70 19.03 8.76
CA THR B 149 -25.94 18.35 9.79
C THR B 149 -24.56 17.99 9.24
N LEU B 150 -24.57 17.45 8.01
CA LEU B 150 -23.37 16.90 7.39
C LEU B 150 -22.37 18.02 7.09
N ASN B 151 -22.90 19.19 6.71
CA ASN B 151 -22.07 20.33 6.36
C ASN B 151 -21.46 20.98 7.61
N HIS B 152 -22.10 20.80 8.76
CA HIS B 152 -21.49 21.14 10.03
C HIS B 152 -20.42 20.11 10.40
N ALA B 153 -20.77 18.82 10.29
CA ALA B 153 -19.93 17.74 10.81
C ALA B 153 -18.69 17.49 9.97
N MET B 154 -18.81 17.56 8.62
CA MET B 154 -17.76 17.09 7.72
C MET B 154 -16.43 17.80 7.95
N PRO B 155 -16.38 19.16 8.11
CA PRO B 155 -15.10 19.85 8.30
C PRO B 155 -14.41 19.47 9.61
N GLY B 156 -15.15 18.83 10.53
CA GLY B 156 -14.56 18.31 11.75
C GLY B 156 -15.20 18.87 13.02
N ALA B 157 -16.54 18.86 13.07
CA ALA B 157 -17.24 19.43 14.20
C ALA B 157 -18.28 18.45 14.75
N ALA B 158 -18.69 18.67 16.02
CA ALA B 158 -19.40 17.66 16.81
C ALA B 158 -20.92 17.80 16.72
N VAL B 159 -21.62 16.65 16.69
CA VAL B 159 -23.08 16.62 16.64
C VAL B 159 -23.68 15.82 17.81
N VAL B 160 -22.87 15.02 18.52
CA VAL B 160 -23.45 14.09 19.48
C VAL B 160 -22.85 14.25 20.89
N GLN B 161 -21.51 14.23 21.01
CA GLN B 161 -20.88 14.10 22.31
C GLN B 161 -20.78 15.47 22.99
N GLU B 162 -20.76 15.47 24.33
CA GLU B 162 -20.43 16.65 25.12
C GLU B 162 -18.91 16.77 25.21
N MET B 163 -18.41 18.01 25.27
CA MET B 163 -17.02 18.37 25.57
C MET B 163 -16.07 17.93 24.46
N MET B 164 -16.51 18.12 23.20
CA MET B 164 -15.67 17.81 22.06
C MET B 164 -14.85 19.03 21.65
N VAL B 165 -13.63 18.77 21.16
CA VAL B 165 -12.83 19.78 20.47
C VAL B 165 -13.12 19.63 18.98
N GLU B 166 -12.91 20.70 18.21
CA GLU B 166 -13.32 20.69 16.82
C GLU B 166 -12.24 21.37 15.99
N THR B 167 -12.22 21.09 14.68
CA THR B 167 -11.31 21.79 13.77
C THR B 167 -11.77 23.25 13.71
N HIS B 168 -10.80 24.15 13.48
CA HIS B 168 -11.10 25.56 13.38
C HIS B 168 -11.71 25.84 12.01
N PRO B 169 -12.96 26.38 11.93
CA PRO B 169 -13.63 26.61 10.64
C PRO B 169 -12.79 27.40 9.64
N ALA B 170 -11.95 28.31 10.13
CA ALA B 170 -11.13 29.14 9.27
C ALA B 170 -10.01 28.33 8.62
N LEU B 171 -9.79 27.10 9.11
CA LEU B 171 -8.71 26.24 8.59
C LEU B 171 -9.26 25.25 7.57
N VAL B 172 -10.58 25.03 7.55
CA VAL B 172 -11.18 23.92 6.84
C VAL B 172 -12.33 24.42 5.94
N ASP B 173 -12.22 25.67 5.49
CA ASP B 173 -13.24 26.39 4.73
C ASP B 173 -13.55 25.75 3.38
N ASP B 174 -12.63 24.92 2.88
CA ASP B 174 -12.71 24.32 1.54
C ASP B 174 -13.46 22.99 1.60
N CYS B 175 -13.88 22.58 2.80
CA CYS B 175 -14.54 21.29 3.02
C CYS B 175 -16.06 21.48 2.95
N TYR B 176 -16.73 20.59 2.21
CA TYR B 176 -18.18 20.63 2.10
C TYR B 176 -18.67 19.35 1.41
N VAL B 177 -19.99 19.11 1.48
CA VAL B 177 -20.62 18.00 0.78
C VAL B 177 -21.78 18.56 -0.04
N LYS B 178 -21.83 18.19 -1.33
CA LYS B 178 -23.02 18.41 -2.13
C LYS B 178 -23.58 17.05 -2.55
N ILE B 179 -24.83 17.04 -3.02
CA ILE B 179 -25.42 15.81 -3.55
C ILE B 179 -25.79 16.01 -5.01
N PHE B 180 -25.84 14.90 -5.75
CA PHE B 180 -26.40 14.93 -7.08
C PHE B 180 -27.29 13.71 -7.22
N THR B 181 -28.26 13.77 -8.13
CA THR B 181 -29.24 12.71 -8.24
C THR B 181 -29.70 12.62 -9.70
N GLY B 182 -29.90 11.38 -10.16
CA GLY B 182 -30.54 11.14 -11.44
C GLY B 182 -32.06 11.16 -11.30
N ASP B 183 -32.55 11.44 -10.08
CA ASP B 183 -33.98 11.57 -9.83
C ASP B 183 -34.37 13.04 -9.85
N ASP B 184 -34.93 13.47 -10.99
CA ASP B 184 -35.29 14.86 -11.21
C ASP B 184 -36.26 15.35 -10.14
N GLU B 185 -37.19 14.48 -9.71
CA GLU B 185 -38.17 14.88 -8.72
C GLU B 185 -37.49 15.17 -7.39
N LEU B 186 -36.61 14.26 -6.96
CA LEU B 186 -35.87 14.46 -5.72
C LEU B 186 -35.06 15.75 -5.77
N ALA B 187 -34.39 16.01 -6.91
CA ALA B 187 -33.49 17.14 -7.06
C ALA B 187 -34.21 18.45 -6.76
N ASP B 188 -35.48 18.55 -7.20
CA ASP B 188 -36.28 19.75 -7.07
C ASP B 188 -36.68 20.00 -5.62
N GLU B 189 -36.55 18.99 -4.76
CA GLU B 189 -37.06 19.12 -3.40
C GLU B 189 -35.92 19.24 -2.40
N ILE B 190 -34.68 19.08 -2.87
CA ILE B 190 -33.53 19.29 -1.99
C ILE B 190 -33.16 20.77 -2.04
N ASP B 191 -32.82 21.31 -0.86
CA ASP B 191 -32.39 22.68 -0.74
C ASP B 191 -31.25 22.90 -1.73
N LYS B 192 -31.40 23.93 -2.58
CA LYS B 192 -30.56 24.19 -3.74
C LYS B 192 -29.10 24.38 -3.32
N GLN B 193 -28.87 24.79 -2.07
CA GLN B 193 -27.51 25.07 -1.64
C GLN B 193 -26.64 23.81 -1.67
N TYR B 194 -27.28 22.63 -1.59
CA TYR B 194 -26.54 21.38 -1.48
C TYR B 194 -26.47 20.62 -2.80
N VAL B 195 -27.15 21.11 -3.85
CA VAL B 195 -27.37 20.31 -5.04
C VAL B 195 -26.39 20.73 -6.14
N ILE B 196 -25.78 19.72 -6.78
CA ILE B 196 -25.19 19.91 -8.10
C ILE B 196 -26.29 19.56 -9.09
N ASN B 197 -26.80 20.59 -9.76
CA ASN B 197 -27.96 20.46 -10.63
C ASN B 197 -27.50 19.99 -12.01
N VAL B 198 -27.78 18.72 -12.31
CA VAL B 198 -27.33 18.09 -13.54
C VAL B 198 -27.97 18.80 -14.74
N ASN B 199 -29.22 19.24 -14.57
CA ASN B 199 -29.97 19.83 -15.67
C ASN B 199 -29.51 21.25 -15.95
N LYS B 200 -28.92 21.90 -14.94
CA LYS B 200 -28.40 23.25 -15.07
C LYS B 200 -26.94 23.23 -15.54
N MET B 201 -26.13 22.29 -15.01
CA MET B 201 -24.70 22.31 -15.29
C MET B 201 -24.35 21.67 -16.64
N PHE B 202 -25.23 20.81 -17.16
CA PHE B 202 -24.93 20.09 -18.39
C PHE B 202 -25.95 20.44 -19.47
N SER B 203 -25.52 20.34 -20.73
CA SER B 203 -26.42 20.44 -21.88
C SER B 203 -27.55 19.43 -21.72
N GLU B 204 -28.66 19.61 -22.44
CA GLU B 204 -29.79 18.70 -22.30
C GLU B 204 -29.39 17.29 -22.74
N GLU B 205 -28.56 17.17 -23.78
CA GLU B 205 -28.16 15.86 -24.27
C GLU B 205 -27.17 15.18 -23.33
N GLN B 206 -26.26 15.97 -22.72
CA GLN B 206 -25.30 15.40 -21.80
C GLN B 206 -25.96 15.00 -20.49
N ALA B 207 -26.88 15.85 -19.99
CA ALA B 207 -27.68 15.54 -18.80
C ALA B 207 -28.43 14.23 -18.98
N ALA B 208 -28.99 14.04 -20.17
CA ALA B 208 -29.83 12.89 -20.47
C ALA B 208 -29.00 11.60 -20.41
N GLN B 209 -27.78 11.65 -20.94
CA GLN B 209 -26.85 10.54 -20.91
C GLN B 209 -26.47 10.20 -19.47
N ILE B 210 -26.14 11.24 -18.68
CA ILE B 210 -25.73 11.00 -17.30
C ILE B 210 -26.88 10.34 -16.54
N LYS B 211 -28.09 10.88 -16.72
CA LYS B 211 -29.27 10.38 -16.03
C LYS B 211 -29.58 8.94 -16.44
N ALA B 212 -29.41 8.63 -17.73
CA ALA B 212 -29.64 7.28 -18.23
C ALA B 212 -28.62 6.31 -17.64
N SER B 213 -27.39 6.81 -17.47
CA SER B 213 -26.31 5.97 -16.96
C SER B 213 -26.53 5.63 -15.48
N ILE B 214 -26.89 6.64 -14.67
CA ILE B 214 -26.86 6.41 -13.23
C ILE B 214 -28.25 6.04 -12.70
N GLY B 215 -29.27 6.20 -13.55
CA GLY B 215 -30.65 5.94 -13.14
C GLY B 215 -31.06 6.91 -12.02
N LYS B 216 -32.08 6.54 -11.26
CA LYS B 216 -32.59 7.40 -10.21
C LYS B 216 -31.83 7.11 -8.92
N THR B 217 -30.52 7.37 -8.92
CA THR B 217 -29.68 7.15 -7.75
C THR B 217 -29.18 8.49 -7.24
N THR B 218 -28.84 8.54 -5.94
CA THR B 218 -28.44 9.77 -5.28
C THR B 218 -27.07 9.56 -4.66
N TRP B 219 -26.23 10.60 -4.75
CA TRP B 219 -24.81 10.50 -4.46
C TRP B 219 -24.33 11.76 -3.76
N GLN B 220 -23.39 11.57 -2.82
CA GLN B 220 -22.72 12.65 -2.12
C GLN B 220 -21.35 12.88 -2.77
N ALA B 221 -21.07 14.14 -3.10
CA ALA B 221 -19.75 14.59 -3.54
C ALA B 221 -19.05 15.25 -2.35
N ILE B 222 -18.09 14.54 -1.76
CA ILE B 222 -17.47 14.93 -0.51
C ILE B 222 -16.06 15.41 -0.80
N HIS B 223 -15.73 16.59 -0.26
CA HIS B 223 -14.41 17.18 -0.37
C HIS B 223 -13.93 17.48 1.04
N ILE B 224 -12.97 16.68 1.52
CA ILE B 224 -12.51 16.87 2.90
C ILE B 224 -11.52 18.02 2.93
N PRO B 225 -11.10 18.50 4.13
CA PRO B 225 -10.19 19.65 4.21
C PRO B 225 -8.84 19.35 3.57
N THR B 226 -8.38 20.28 2.72
CA THR B 226 -7.05 20.26 2.12
C THR B 226 -6.00 20.10 3.22
N ILE B 227 -6.17 20.84 4.33
CA ILE B 227 -5.17 20.85 5.40
C ILE B 227 -4.99 19.42 5.92
N VAL B 228 -6.08 18.65 5.93
CA VAL B 228 -6.05 17.27 6.42
C VAL B 228 -5.34 16.40 5.40
N SER B 229 -5.76 16.57 4.14
CA SER B 229 -5.24 15.81 3.02
C SER B 229 -3.72 15.92 2.97
N ARG B 230 -3.20 17.12 3.28
CA ARG B 230 -1.78 17.43 3.21
C ARG B 230 -1.05 16.86 4.42
N THR B 231 -1.73 16.78 5.57
CA THR B 231 -1.16 16.18 6.76
C THR B 231 -1.06 14.67 6.60
N THR B 232 -2.04 14.07 5.89
CA THR B 232 -2.16 12.63 5.85
C THR B 232 -1.89 12.13 4.44
N ASP B 233 -2.91 11.56 3.77
CA ASP B 233 -2.71 10.95 2.46
C ASP B 233 -4.03 10.80 1.73
N GLY B 234 -3.99 10.13 0.57
CA GLY B 234 -5.18 9.88 -0.23
C GLY B 234 -6.14 8.90 0.46
N ALA B 235 -5.57 7.94 1.20
CA ALA B 235 -6.37 6.83 1.68
C ALA B 235 -7.22 7.31 2.87
N GLN B 236 -6.89 8.50 3.37
CA GLN B 236 -7.63 9.19 4.40
C GLN B 236 -9.03 9.54 3.91
N THR B 237 -9.15 9.87 2.63
CA THR B 237 -10.33 10.60 2.16
C THR B 237 -11.62 9.84 2.47
N SER B 238 -11.72 8.56 2.04
CA SER B 238 -12.97 7.82 2.13
C SER B 238 -13.30 7.53 3.59
N ARG B 239 -12.25 7.40 4.42
CA ARG B 239 -12.38 7.17 5.84
C ARG B 239 -13.00 8.41 6.50
N TRP B 240 -12.39 9.57 6.27
CA TRP B 240 -12.91 10.83 6.80
C TRP B 240 -14.40 11.00 6.42
N ALA B 241 -14.71 10.86 5.13
CA ALA B 241 -16.08 11.03 4.66
C ALA B 241 -17.04 10.11 5.44
N ALA B 242 -16.68 8.83 5.55
CA ALA B 242 -17.54 7.85 6.20
C ALA B 242 -17.79 8.20 7.67
N MET B 243 -16.75 8.67 8.36
CA MET B 243 -16.91 8.95 9.78
C MET B 243 -18.03 9.98 9.98
N GLN B 244 -18.02 11.04 9.15
CA GLN B 244 -18.89 12.19 9.41
C GLN B 244 -20.29 11.93 8.84
N ILE B 245 -20.36 11.10 7.79
CA ILE B 245 -21.63 10.60 7.28
C ILE B 245 -22.33 9.80 8.38
N GLY B 246 -21.56 8.93 9.06
CA GLY B 246 -22.07 8.14 10.16
C GLY B 246 -22.65 9.03 11.28
N MET B 247 -21.83 9.97 11.77
CA MET B 247 -22.24 10.88 12.83
C MET B 247 -23.48 11.68 12.42
N SER B 248 -23.52 12.09 11.15
CA SER B 248 -24.62 12.91 10.66
C SER B 248 -25.93 12.11 10.62
N PHE B 249 -25.83 10.83 10.22
CA PHE B 249 -26.99 9.96 10.25
C PHE B 249 -27.49 9.75 11.68
N ILE B 250 -26.55 9.56 12.62
CA ILE B 250 -26.91 9.32 14.01
C ILE B 250 -27.73 10.50 14.51
N SER B 251 -27.18 11.71 14.31
CA SER B 251 -27.73 12.95 14.82
C SER B 251 -29.04 13.29 14.12
N ALA B 252 -29.03 13.26 12.77
CA ALA B 252 -30.14 13.77 11.99
C ALA B 252 -31.38 12.89 12.11
N TYR B 253 -31.18 11.58 12.35
CA TYR B 253 -32.26 10.61 12.36
C TYR B 253 -32.55 10.06 13.76
N ALA B 254 -31.93 10.65 14.79
CA ALA B 254 -32.17 10.25 16.17
C ALA B 254 -31.99 8.74 16.35
N MET B 255 -30.94 8.19 15.75
CA MET B 255 -30.58 6.79 15.98
C MET B 255 -29.95 6.67 17.36
N CYS B 256 -29.73 5.44 17.83
CA CYS B 256 -28.77 5.22 18.90
C CYS B 256 -27.43 5.74 18.39
N ALA B 257 -26.73 6.53 19.22
CA ALA B 257 -25.37 6.91 18.91
C ALA B 257 -24.47 5.69 19.04
N GLY B 258 -24.60 4.79 18.05
CA GLY B 258 -23.82 3.57 17.98
C GLY B 258 -24.67 2.34 18.24
N GLU B 259 -25.36 1.87 17.18
CA GLU B 259 -26.09 0.61 17.21
C GLU B 259 -25.72 -0.21 15.96
N ALA B 260 -26.27 -1.42 15.86
CA ALA B 260 -25.91 -2.34 14.79
C ALA B 260 -26.14 -1.71 13.41
N ALA B 261 -27.24 -0.97 13.24
CA ALA B 261 -27.61 -0.37 11.96
C ALA B 261 -26.53 0.61 11.48
N VAL B 262 -25.83 1.23 12.44
CA VAL B 262 -24.78 2.18 12.13
C VAL B 262 -23.66 1.48 11.36
N ALA B 263 -23.41 0.20 11.65
CA ALA B 263 -22.33 -0.54 10.99
C ALA B 263 -22.64 -0.75 9.50
N ASP B 264 -23.95 -0.85 9.18
CA ASP B 264 -24.38 -0.98 7.80
C ASP B 264 -24.08 0.31 7.04
N LEU B 265 -24.37 1.44 7.68
CA LEU B 265 -24.03 2.76 7.16
C LEU B 265 -22.53 2.87 6.89
N SER B 266 -21.70 2.41 7.85
CA SER B 266 -20.26 2.42 7.68
C SER B 266 -19.87 1.62 6.45
N PHE B 267 -20.39 0.38 6.37
CA PHE B 267 -19.98 -0.52 5.31
C PHE B 267 -20.37 0.07 3.97
N ALA B 268 -21.57 0.65 3.91
CA ALA B 268 -22.07 1.31 2.71
C ALA B 268 -21.12 2.46 2.34
N ALA B 269 -20.79 3.31 3.32
CA ALA B 269 -20.02 4.51 3.06
C ALA B 269 -18.57 4.17 2.69
N LYS B 270 -18.04 3.10 3.27
CA LYS B 270 -16.61 2.80 3.14
C LYS B 270 -16.33 1.83 2.01
N ALA B 272 -19.49 -0.47 0.04
CA ALA B 272 -20.51 -0.92 -0.91
C ALA B 272 -20.97 0.20 -1.83
N ALA B 273 -20.92 1.46 -1.36
CA ALA B 273 -21.47 2.55 -2.14
C ALA B 273 -20.43 3.67 -2.29
N LEU B 274 -19.15 3.30 -2.08
CA LEU B 274 -18.05 4.22 -2.23
C LEU B 274 -17.52 4.19 -3.66
N VAL B 275 -17.28 5.39 -4.22
CA VAL B 275 -16.48 5.53 -5.43
C VAL B 275 -15.26 6.40 -5.13
N SER B 276 -14.09 5.76 -5.15
CA SER B 276 -12.81 6.43 -4.96
C SER B 276 -12.35 6.99 -6.30
N MET B 277 -11.44 7.97 -6.24
CA MET B 277 -10.79 8.49 -7.43
C MET B 277 -9.89 7.42 -8.06
N GLY B 278 -9.19 6.67 -7.20
CA GLY B 278 -8.35 5.57 -7.64
C GLY B 278 -8.20 4.52 -6.55
N GLU B 279 -7.79 3.30 -6.97
CA GLU B 279 -7.65 2.15 -6.09
C GLU B 279 -6.18 1.96 -5.68
N MET B 280 -5.94 1.02 -4.77
CA MET B 280 -4.61 0.83 -4.19
C MET B 280 -3.62 0.34 -5.24
N LEU B 281 -2.33 0.34 -4.87
CA LEU B 281 -1.23 0.04 -5.77
C LEU B 281 -0.39 -1.07 -5.16
N PRO B 282 0.30 -1.91 -5.99
CA PRO B 282 1.03 -3.07 -5.48
C PRO B 282 2.26 -2.67 -4.67
N ALA B 283 2.87 -3.67 -4.01
CA ALA B 283 3.82 -3.47 -2.93
C ALA B 283 5.01 -2.59 -3.36
N ARG B 284 5.55 -2.83 -4.56
CA ARG B 284 6.74 -2.09 -4.97
C ARG B 284 6.47 -0.59 -4.90
N ALA B 286 3.77 0.73 -3.14
CA ALA B 286 2.65 0.64 -2.22
C ALA B 286 2.07 2.02 -1.94
N ARG B 287 0.75 2.13 -2.14
CA ARG B 287 -0.05 3.28 -1.83
C ARG B 287 -1.50 2.83 -1.69
N GLY B 288 -2.26 3.52 -0.83
CA GLY B 288 -3.68 3.23 -0.66
C GLY B 288 -4.49 3.95 -1.73
N PRO B 289 -5.84 3.95 -1.64
CA PRO B 289 -6.68 4.63 -2.61
C PRO B 289 -6.47 6.15 -2.69
N ASN B 290 -6.97 6.74 -3.78
CA ASN B 290 -6.96 8.18 -3.94
C ASN B 290 -5.54 8.73 -4.06
N GLU B 291 -4.64 7.93 -4.64
CA GLU B 291 -3.31 8.41 -5.00
C GLU B 291 -3.23 8.53 -6.52
N PRO B 292 -2.29 9.32 -7.10
CA PRO B 292 -2.25 9.53 -8.55
C PRO B 292 -2.12 8.26 -9.37
N GLY B 293 -1.33 7.30 -8.87
CA GLY B 293 -1.13 6.01 -9.52
C GLY B 293 -2.43 5.25 -9.76
N GLY B 294 -3.39 5.41 -8.85
CA GLY B 294 -4.64 4.69 -8.96
C GLY B 294 -5.66 5.36 -9.87
N LEU B 295 -5.40 6.62 -10.25
CA LEU B 295 -6.36 7.42 -11.00
C LEU B 295 -6.36 7.01 -12.48
N SER B 296 -7.40 6.28 -12.90
CA SER B 296 -7.49 5.81 -14.27
C SER B 296 -7.61 7.00 -15.23
N PHE B 297 -7.24 6.76 -16.50
CA PHE B 297 -7.21 7.82 -17.50
C PHE B 297 -8.62 8.35 -17.75
N GLY B 298 -9.60 7.45 -17.65
CA GLY B 298 -11.00 7.84 -17.81
C GLY B 298 -11.47 8.68 -16.63
N HIS B 299 -10.99 8.33 -15.42
CA HIS B 299 -11.35 9.09 -14.23
C HIS B 299 -10.84 10.53 -14.34
N LEU B 300 -9.58 10.70 -14.74
CA LEU B 300 -9.03 12.04 -14.93
C LEU B 300 -9.83 12.80 -15.97
N SER B 301 -10.18 12.12 -17.07
CA SER B 301 -10.96 12.75 -18.13
C SER B 301 -12.27 13.27 -17.57
N ASP B 302 -12.81 12.56 -16.57
CA ASP B 302 -14.13 12.91 -16.06
C ASP B 302 -14.06 14.02 -15.02
N ILE B 303 -12.94 14.07 -14.28
CA ILE B 303 -12.70 15.14 -13.33
C ILE B 303 -12.61 16.47 -14.07
N VAL B 304 -11.83 16.48 -15.15
CA VAL B 304 -11.65 17.66 -15.96
C VAL B 304 -12.98 18.01 -16.60
N GLN B 305 -13.34 19.31 -16.57
CA GLN B 305 -14.70 19.73 -16.83
C GLN B 305 -14.87 20.35 -18.20
N THR B 306 -13.81 20.32 -19.03
CA THR B 306 -13.88 20.96 -20.33
C THR B 306 -15.00 20.37 -21.18
N SER B 307 -15.22 19.05 -21.07
CA SER B 307 -16.22 18.34 -21.85
C SER B 307 -17.60 18.94 -21.62
N ARG B 308 -17.79 19.54 -20.44
CA ARG B 308 -19.08 20.04 -20.01
C ARG B 308 -19.35 21.44 -20.60
N VAL B 309 -18.28 22.21 -20.83
CA VAL B 309 -18.42 23.62 -21.18
C VAL B 309 -17.96 23.89 -22.61
N SER B 310 -17.51 22.86 -23.33
CA SER B 310 -17.00 23.06 -24.67
C SER B 310 -17.71 22.12 -25.64
N LYS B 311 -17.82 22.55 -26.90
CA LYS B 311 -18.32 21.71 -27.98
C LYS B 311 -17.18 21.37 -28.93
N ASP B 312 -15.95 21.74 -28.56
CA ASP B 312 -14.80 21.50 -29.42
C ASP B 312 -14.08 20.23 -28.94
N PRO B 313 -14.18 19.11 -29.70
CA PRO B 313 -13.58 17.83 -29.29
C PRO B 313 -12.09 17.87 -29.02
N ALA B 314 -11.36 18.60 -29.86
CA ALA B 314 -9.91 18.72 -29.73
C ALA B 314 -9.55 19.47 -28.45
N LYS B 315 -10.24 20.59 -28.20
CA LYS B 315 -10.00 21.44 -27.03
C LYS B 315 -10.20 20.64 -25.75
N ILE B 316 -11.29 19.86 -25.71
CA ILE B 316 -11.60 19.05 -24.54
C ILE B 316 -10.47 18.08 -24.28
N ALA B 317 -9.99 17.43 -25.35
CA ALA B 317 -8.95 16.41 -25.24
C ALA B 317 -7.65 17.05 -24.74
N LEU B 318 -7.36 18.25 -25.26
CA LEU B 318 -6.11 18.96 -25.00
C LEU B 318 -6.04 19.43 -23.55
N GLU B 319 -7.18 19.86 -23.01
CA GLU B 319 -7.25 20.24 -21.60
C GLU B 319 -6.92 19.03 -20.73
N VAL B 320 -7.45 17.85 -21.11
CA VAL B 320 -7.19 16.63 -20.35
C VAL B 320 -5.70 16.28 -20.43
N VAL B 321 -5.12 16.38 -21.63
CA VAL B 321 -3.69 16.14 -21.81
C VAL B 321 -2.89 17.00 -20.84
N GLY B 322 -3.19 18.31 -20.81
CA GLY B 322 -2.48 19.25 -19.96
C GLY B 322 -2.61 18.88 -18.48
N ALA B 323 -3.84 18.67 -18.03
CA ALA B 323 -4.08 18.27 -16.63
C ALA B 323 -3.32 16.99 -16.30
N GLY B 324 -3.38 16.02 -17.22
CA GLY B 324 -2.73 14.72 -17.04
C GLY B 324 -1.21 14.81 -16.99
N CYS B 325 -0.61 15.53 -17.97
CA CYS B 325 0.84 15.67 -18.00
C CYS B 325 1.35 16.32 -16.71
N MET B 326 0.63 17.32 -16.22
CA MET B 326 1.02 17.99 -14.98
C MET B 326 0.92 17.02 -13.82
N LEU B 327 -0.26 16.41 -13.63
CA LEU B 327 -0.48 15.56 -12.48
C LEU B 327 0.41 14.32 -12.55
N TYR B 328 0.36 13.62 -13.69
CA TYR B 328 0.97 12.30 -13.77
C TYR B 328 2.50 12.39 -13.82
N ASP B 329 3.01 13.45 -14.46
CA ASP B 329 4.45 13.52 -14.67
C ASP B 329 5.12 14.39 -13.61
N GLN B 330 4.54 15.55 -13.32
CA GLN B 330 5.22 16.49 -12.43
C GLN B 330 5.08 16.05 -10.97
N ILE B 331 3.86 15.68 -10.57
CA ILE B 331 3.56 15.35 -9.18
C ILE B 331 3.75 13.84 -8.94
N TRP B 332 3.16 13.00 -9.82
CA TRP B 332 3.16 11.55 -9.62
C TRP B 332 4.54 10.95 -9.88
N LEU B 333 4.93 10.87 -11.16
CA LEU B 333 6.21 10.31 -11.54
C LEU B 333 7.37 11.16 -11.03
N GLY B 334 7.21 12.49 -11.10
CA GLY B 334 8.27 13.46 -10.84
C GLY B 334 8.45 13.73 -9.34
N SER B 335 7.50 13.25 -8.54
CA SER B 335 7.68 13.46 -7.11
C SER B 335 7.41 12.17 -6.35
N TYR B 336 6.13 11.78 -6.26
CA TYR B 336 5.74 10.56 -5.57
C TYR B 336 6.67 9.40 -5.92
N MET B 337 7.02 9.26 -7.22
CA MET B 337 7.75 8.08 -7.69
C MET B 337 9.24 8.34 -7.91
N SER B 338 9.69 9.58 -7.70
CA SER B 338 11.10 9.93 -7.80
C SER B 338 11.40 11.12 -6.88
N GLY B 339 11.43 12.33 -7.45
CA GLY B 339 11.67 13.52 -6.66
C GLY B 339 12.93 14.26 -7.11
N GLY B 340 13.24 15.35 -6.41
CA GLY B 340 14.33 16.22 -6.77
C GLY B 340 13.84 17.32 -7.72
N VAL B 341 14.70 17.70 -8.66
CA VAL B 341 14.29 18.66 -9.68
C VAL B 341 13.01 18.16 -10.37
N GLY B 342 12.96 16.87 -10.71
CA GLY B 342 11.73 16.29 -11.25
C GLY B 342 11.49 16.65 -12.70
N PHE B 343 10.22 16.74 -13.12
CA PHE B 343 9.88 16.60 -14.53
C PHE B 343 8.96 17.71 -15.04
N THR B 344 9.23 18.96 -14.64
CA THR B 344 8.41 20.11 -15.03
C THR B 344 8.28 20.15 -16.55
N GLN B 345 9.41 20.18 -17.23
CA GLN B 345 9.44 20.51 -18.65
C GLN B 345 8.99 19.33 -19.51
N TYR B 346 9.15 18.11 -18.99
CA TYR B 346 8.56 16.95 -19.65
C TYR B 346 7.05 17.16 -19.81
N ALA B 347 6.43 17.82 -18.82
CA ALA B 347 5.00 18.03 -18.84
C ALA B 347 4.65 19.33 -19.57
N THR B 348 5.41 20.40 -19.32
CA THR B 348 5.07 21.70 -19.89
C THR B 348 5.03 21.61 -21.42
N ALA B 349 5.81 20.70 -22.00
CA ALA B 349 5.88 20.55 -23.45
C ALA B 349 4.48 20.31 -24.02
N ALA B 350 3.61 19.73 -23.19
CA ALA B 350 2.28 19.29 -23.64
C ALA B 350 1.20 20.30 -23.27
N TYR B 351 1.56 21.44 -22.64
CA TYR B 351 0.55 22.43 -22.33
C TYR B 351 1.05 23.86 -22.54
N THR B 352 2.22 24.02 -23.20
CA THR B 352 2.75 25.35 -23.44
C THR B 352 3.09 25.52 -24.92
N ASP B 353 3.07 26.79 -25.38
CA ASP B 353 3.64 27.24 -26.64
C ASP B 353 2.81 26.80 -27.85
N ASP B 354 1.69 26.09 -27.61
CA ASP B 354 0.70 25.83 -28.64
C ASP B 354 1.20 24.84 -29.69
N ILE B 355 2.28 24.12 -29.35
CA ILE B 355 2.89 23.21 -30.31
C ILE B 355 2.02 21.97 -30.47
N LEU B 356 1.60 21.38 -29.34
CA LEU B 356 0.71 20.24 -29.40
C LEU B 356 -0.61 20.64 -30.08
N ASP B 357 -1.14 21.81 -29.70
CA ASP B 357 -2.42 22.27 -30.21
C ASP B 357 -2.34 22.41 -31.73
N ASN B 358 -1.22 22.95 -32.21
CA ASN B 358 -1.01 23.15 -33.63
C ASN B 358 -1.15 21.81 -34.35
N ASN B 359 -0.44 20.80 -33.85
CA ASN B 359 -0.41 19.48 -34.47
C ASN B 359 -1.82 18.87 -34.45
N THR B 360 -2.51 18.99 -33.32
CA THR B 360 -3.83 18.41 -33.14
C THR B 360 -4.85 19.06 -34.08
N TYR B 361 -4.83 20.40 -34.17
CA TYR B 361 -5.81 21.11 -34.98
C TYR B 361 -5.57 20.85 -36.47
N TYR B 362 -4.30 20.74 -36.88
CA TYR B 362 -3.95 20.29 -38.23
C TYR B 362 -4.62 18.94 -38.51
N ASP B 363 -4.51 18.02 -37.55
CA ASP B 363 -5.07 16.68 -37.69
C ASP B 363 -6.59 16.73 -37.87
N VAL B 364 -7.28 17.59 -37.11
CA VAL B 364 -8.72 17.68 -37.20
C VAL B 364 -9.11 18.05 -38.63
N ASP B 365 -8.38 19.01 -39.23
CA ASP B 365 -8.65 19.42 -40.60
C ASP B 365 -8.37 18.28 -41.57
N TYR B 366 -7.25 17.58 -41.34
CA TYR B 366 -6.87 16.47 -42.20
C TYR B 366 -7.96 15.40 -42.18
N ILE B 367 -8.44 15.07 -40.97
CA ILE B 367 -9.45 14.05 -40.78
C ILE B 367 -10.75 14.48 -41.47
N ASN B 368 -11.13 15.75 -41.28
CA ASN B 368 -12.41 16.23 -41.79
C ASN B 368 -12.39 16.21 -43.32
N ASP B 369 -11.22 16.54 -43.89
CA ASP B 369 -11.06 16.52 -45.34
C ASP B 369 -11.11 15.09 -45.85
N LYS B 370 -10.45 14.16 -45.15
CA LYS B 370 -10.26 12.81 -45.67
C LYS B 370 -11.39 11.87 -45.31
N TYR B 371 -12.03 12.09 -44.16
CA TYR B 371 -12.97 11.13 -43.62
C TYR B 371 -14.32 11.80 -43.40
N ASN B 372 -14.68 12.71 -44.30
CA ASN B 372 -16.07 13.14 -44.41
C ASN B 372 -16.54 13.78 -43.11
N GLY B 373 -15.72 14.66 -42.52
CA GLY B 373 -16.10 15.41 -41.33
C GLY B 373 -16.14 14.56 -40.05
N ALA B 374 -15.31 13.50 -40.01
CA ALA B 374 -15.35 12.52 -38.92
C ALA B 374 -14.91 13.13 -37.58
N ALA B 375 -14.10 14.19 -37.62
CA ALA B 375 -13.52 14.76 -36.41
C ALA B 375 -14.51 15.72 -35.74
N ASN B 376 -15.59 16.06 -36.44
CA ASN B 376 -16.64 16.90 -35.89
C ASN B 376 -17.44 16.11 -34.86
N LEU B 377 -17.97 16.82 -33.86
CA LEU B 377 -18.80 16.23 -32.82
C LEU B 377 -19.95 15.44 -33.48
N GLY B 378 -20.04 14.15 -33.16
CA GLY B 378 -21.14 13.33 -33.66
C GLY B 378 -20.84 11.84 -33.48
N THR B 379 -21.88 11.02 -33.65
CA THR B 379 -21.69 9.58 -33.52
C THR B 379 -21.85 8.88 -34.87
N ASP B 380 -22.67 9.43 -35.77
CA ASP B 380 -22.93 8.86 -37.08
C ASP B 380 -21.76 9.09 -38.03
N ASN B 381 -20.89 10.05 -37.70
CA ASN B 381 -19.91 10.52 -38.66
C ASN B 381 -18.56 9.82 -38.44
N LYS B 382 -18.53 8.90 -37.46
CA LYS B 382 -17.28 8.25 -37.06
C LYS B 382 -16.91 7.16 -38.07
N VAL B 383 -15.59 6.89 -38.18
CA VAL B 383 -15.07 5.86 -39.06
C VAL B 383 -14.65 4.66 -38.22
N LYS B 384 -14.96 3.45 -38.69
CA LYS B 384 -14.57 2.23 -37.96
C LYS B 384 -13.06 2.16 -37.81
N ALA B 385 -12.60 1.83 -36.60
CA ALA B 385 -11.18 1.67 -36.33
C ALA B 385 -10.62 0.49 -37.15
N THR B 386 -9.63 0.77 -38.00
CA THR B 386 -8.91 -0.28 -38.71
C THR B 386 -7.43 0.07 -38.69
N LEU B 387 -6.57 -0.91 -38.95
CA LEU B 387 -5.14 -0.63 -39.07
C LEU B 387 -4.92 0.44 -40.14
N ASP B 388 -5.71 0.40 -41.22
CA ASP B 388 -5.51 1.32 -42.33
C ASP B 388 -5.77 2.75 -41.86
N VAL B 389 -6.86 2.96 -41.11
CA VAL B 389 -7.23 4.30 -40.70
C VAL B 389 -6.15 4.87 -39.77
N VAL B 390 -5.68 4.02 -38.84
CA VAL B 390 -4.66 4.43 -37.88
C VAL B 390 -3.38 4.79 -38.63
N LYS B 391 -2.98 3.92 -39.57
CA LYS B 391 -1.74 4.17 -40.33
C LYS B 391 -1.84 5.52 -41.03
N ASP B 392 -3.00 5.79 -41.65
CA ASP B 392 -3.20 7.02 -42.38
C ASP B 392 -3.07 8.24 -41.46
N ILE B 393 -3.88 8.27 -40.40
CA ILE B 393 -3.99 9.45 -39.55
C ILE B 393 -2.69 9.65 -38.76
N ALA B 394 -2.18 8.57 -38.14
CA ALA B 394 -1.03 8.70 -37.26
C ALA B 394 0.21 9.09 -38.04
N THR B 395 0.43 8.47 -39.22
CA THR B 395 1.59 8.79 -40.03
C THR B 395 1.55 10.26 -40.41
N GLU B 396 0.38 10.71 -40.89
CA GLU B 396 0.22 12.06 -41.41
C GLU B 396 0.43 13.06 -40.27
N SER B 397 -0.14 12.76 -39.10
CA SER B 397 0.01 13.61 -37.93
C SER B 397 1.50 13.77 -37.59
N THR B 398 2.21 12.64 -37.54
CA THR B 398 3.59 12.62 -37.06
C THR B 398 4.51 13.32 -38.06
N LEU B 399 4.33 13.03 -39.36
CA LEU B 399 5.06 13.70 -40.42
C LEU B 399 4.88 15.22 -40.30
N TYR B 400 3.63 15.66 -40.11
CA TYR B 400 3.34 17.08 -40.02
C TYR B 400 4.02 17.69 -38.78
N GLY B 401 3.96 16.99 -37.64
CA GLY B 401 4.55 17.46 -36.40
C GLY B 401 6.07 17.58 -36.52
N ILE B 402 6.69 16.54 -37.09
CA ILE B 402 8.13 16.50 -37.32
C ILE B 402 8.56 17.65 -38.23
N GLU B 403 7.80 17.86 -39.31
CA GLU B 403 8.12 18.89 -40.29
C GLU B 403 8.05 20.27 -39.65
N THR B 404 7.12 20.44 -38.70
CA THR B 404 6.95 21.70 -38.01
C THR B 404 8.19 21.96 -37.16
N TYR B 405 8.61 20.94 -36.40
CA TYR B 405 9.86 21.01 -35.63
C TYR B 405 11.04 21.33 -36.54
N GLU B 406 10.98 20.87 -37.80
CA GLU B 406 12.11 21.02 -38.72
C GLU B 406 12.10 22.41 -39.34
N LYS B 407 10.90 22.91 -39.68
CA LYS B 407 10.76 24.23 -40.28
C LYS B 407 10.91 25.34 -39.23
N PHE B 408 10.76 24.98 -37.94
CA PHE B 408 10.84 25.96 -36.87
C PHE B 408 11.87 25.52 -35.82
N PRO B 409 13.18 25.81 -36.03
CA PRO B 409 14.20 25.48 -35.05
C PRO B 409 13.89 25.94 -33.62
N THR B 410 13.10 27.02 -33.51
CA THR B 410 12.59 27.50 -32.22
C THR B 410 11.77 26.41 -31.53
N ALA B 411 10.85 25.76 -32.27
CA ALA B 411 10.03 24.70 -31.72
C ALA B 411 10.88 23.50 -31.28
N LEU B 412 11.91 23.17 -32.08
CA LEU B 412 12.81 22.06 -31.77
C LEU B 412 13.61 22.36 -30.51
N GLU B 413 14.03 23.63 -30.37
CA GLU B 413 14.83 24.04 -29.22
C GLU B 413 13.95 24.16 -27.98
N ASP B 414 12.69 24.58 -28.19
CA ASP B 414 11.68 24.59 -27.14
C ASP B 414 11.54 23.18 -26.56
N HIS B 415 11.20 22.23 -27.44
CA HIS B 415 11.05 20.84 -27.04
C HIS B 415 12.39 20.12 -27.21
N PHE B 416 13.38 20.56 -26.43
CA PHE B 416 14.77 20.17 -26.63
C PHE B 416 14.98 18.69 -26.33
N GLY B 417 14.15 18.12 -25.45
CA GLY B 417 14.23 16.69 -25.19
C GLY B 417 13.41 15.89 -26.20
N GLY B 418 13.99 14.79 -26.70
CA GLY B 418 13.29 13.87 -27.58
C GLY B 418 12.00 13.34 -26.97
N SER B 419 12.03 13.06 -25.66
CA SER B 419 10.85 12.58 -24.94
C SER B 419 9.68 13.54 -25.12
N ARG B 421 9.19 15.82 -27.46
CA ARG B 421 8.73 15.83 -28.84
C ARG B 421 7.87 14.59 -29.08
N ALA B 422 8.29 13.47 -28.48
CA ALA B 422 7.61 12.19 -28.67
C ALA B 422 6.20 12.24 -28.07
N THR B 423 6.08 12.80 -26.86
CA THR B 423 4.80 12.97 -26.18
C THR B 423 3.88 13.80 -27.07
N VAL B 424 4.43 14.91 -27.60
CA VAL B 424 3.66 15.87 -28.37
C VAL B 424 3.17 15.19 -29.66
N LEU B 425 4.11 14.58 -30.39
CA LEU B 425 3.81 13.95 -31.67
C LEU B 425 2.80 12.82 -31.47
N ALA B 426 3.01 12.00 -30.43
CA ALA B 426 2.17 10.82 -30.23
C ALA B 426 0.80 11.19 -29.66
N ALA B 427 0.77 12.27 -28.85
CA ALA B 427 -0.47 12.77 -28.28
C ALA B 427 -1.40 13.25 -29.39
N ALA B 428 -0.85 14.02 -30.33
CA ALA B 428 -1.64 14.52 -31.45
C ALA B 428 -2.12 13.36 -32.31
N SER B 429 -1.24 12.39 -32.61
CA SER B 429 -1.58 11.21 -33.39
C SER B 429 -2.71 10.41 -32.73
N GLY B 430 -2.54 10.13 -31.43
CA GLY B 430 -3.49 9.32 -30.69
C GLY B 430 -4.85 10.02 -30.56
N VAL B 431 -4.80 11.29 -30.16
CA VAL B 431 -6.00 12.10 -30.07
C VAL B 431 -6.73 12.08 -31.41
N ALA B 432 -5.97 12.27 -32.50
CA ALA B 432 -6.56 12.32 -33.83
C ALA B 432 -7.24 11.00 -34.18
N CYS B 433 -6.55 9.88 -33.96
CA CYS B 433 -7.13 8.57 -34.24
C CYS B 433 -8.37 8.34 -33.39
N ALA B 434 -8.33 8.77 -32.12
CA ALA B 434 -9.48 8.58 -31.24
C ALA B 434 -10.65 9.46 -31.68
N LEU B 435 -10.38 10.71 -32.06
CA LEU B 435 -11.40 11.64 -32.54
C LEU B 435 -12.12 11.07 -33.77
N ALA B 436 -11.35 10.48 -34.68
CA ALA B 436 -11.89 9.97 -35.95
C ALA B 436 -12.77 8.74 -35.72
N THR B 437 -12.42 7.89 -34.76
CA THR B 437 -12.97 6.54 -34.69
C THR B 437 -13.95 6.38 -33.53
N GLY B 438 -13.82 7.25 -32.51
CA GLY B 438 -14.56 7.03 -31.28
C GLY B 438 -14.11 5.76 -30.57
N ASN B 439 -12.85 5.35 -30.83
CA ASN B 439 -12.30 4.13 -30.26
C ASN B 439 -10.99 4.50 -29.55
N ALA B 440 -10.98 4.40 -28.22
CA ALA B 440 -9.84 4.88 -27.45
C ALA B 440 -8.59 4.06 -27.73
N ASN B 441 -8.76 2.75 -27.99
CA ASN B 441 -7.61 1.90 -28.23
C ASN B 441 -7.05 2.16 -29.63
N ALA B 442 -7.90 2.57 -30.56
CA ALA B 442 -7.43 3.02 -31.87
C ALA B 442 -6.54 4.25 -31.68
N GLY B 443 -6.89 5.08 -30.70
CA GLY B 443 -6.03 6.18 -30.26
C GLY B 443 -4.68 5.68 -29.77
N LEU B 444 -4.68 4.63 -28.95
CA LEU B 444 -3.44 4.05 -28.45
C LEU B 444 -2.59 3.53 -29.62
N SER B 445 -3.22 2.87 -30.59
CA SER B 445 -2.51 2.36 -31.76
C SER B 445 -1.77 3.50 -32.47
N GLY B 446 -2.48 4.63 -32.67
CA GLY B 446 -1.93 5.82 -33.29
C GLY B 446 -0.77 6.41 -32.50
N TRP B 447 -0.92 6.44 -31.17
CA TRP B 447 0.16 6.89 -30.30
C TRP B 447 1.43 6.07 -30.58
N TYR B 448 1.31 4.74 -30.54
CA TYR B 448 2.45 3.84 -30.71
C TYR B 448 3.05 3.99 -32.10
N LEU B 449 2.20 4.02 -33.13
CA LEU B 449 2.68 4.18 -34.50
C LEU B 449 3.50 5.46 -34.64
N SER B 450 3.02 6.55 -34.02
CA SER B 450 3.73 7.81 -34.01
C SER B 450 5.17 7.62 -33.54
N MET B 451 5.33 6.93 -32.40
CA MET B 451 6.64 6.67 -31.86
C MET B 451 7.51 5.94 -32.88
N TYR B 452 6.92 5.00 -33.65
CA TYR B 452 7.72 4.18 -34.54
C TYR B 452 8.20 5.02 -35.72
N VAL B 453 7.31 5.89 -36.21
CA VAL B 453 7.63 6.81 -37.29
C VAL B 453 8.72 7.77 -36.83
N HIS B 454 8.51 8.35 -35.64
CA HIS B 454 9.42 9.32 -35.03
C HIS B 454 10.83 8.74 -35.00
N LYS B 455 10.94 7.52 -34.47
CA LYS B 455 12.23 6.87 -34.24
C LYS B 455 12.99 6.71 -35.56
N GLU B 456 12.28 6.33 -36.62
CA GLU B 456 12.93 6.06 -37.90
C GLU B 456 13.31 7.36 -38.60
N ALA B 457 12.50 8.42 -38.40
CA ALA B 457 12.75 9.71 -39.03
C ALA B 457 14.02 10.36 -38.50
N TRP B 458 14.22 10.32 -37.17
CA TRP B 458 15.28 11.11 -36.57
C TRP B 458 16.42 10.26 -36.01
N GLY B 459 16.26 8.93 -36.03
CA GLY B 459 17.32 8.06 -35.56
C GLY B 459 17.53 8.21 -34.05
N ARG B 460 16.43 8.56 -33.37
CA ARG B 460 16.37 8.82 -31.95
C ARG B 460 14.89 8.90 -31.56
N LEU B 461 14.62 8.80 -30.26
CA LEU B 461 13.26 8.95 -29.77
C LEU B 461 13.29 9.79 -28.50
N GLY B 462 13.20 9.14 -27.33
CA GLY B 462 13.19 9.85 -26.05
C GLY B 462 14.41 9.48 -25.20
N PHE B 463 14.22 9.52 -23.88
CA PHE B 463 15.29 9.20 -22.95
C PHE B 463 15.57 7.70 -22.99
N PHE B 464 16.61 7.29 -22.25
CA PHE B 464 17.13 5.93 -22.28
C PHE B 464 15.97 4.94 -22.20
N PHE B 466 12.59 5.46 -22.43
CA PHE B 466 11.30 6.12 -22.78
C PHE B 466 10.32 5.12 -23.36
N ASP B 467 10.81 4.23 -24.23
CA ASP B 467 9.93 3.46 -25.09
C ASP B 467 9.89 2.01 -24.65
N LEU B 468 9.96 1.76 -23.33
CA LEU B 468 9.59 0.46 -22.79
C LEU B 468 8.14 0.17 -23.20
N GLN B 469 7.25 1.10 -22.86
CA GLN B 469 5.85 0.90 -23.17
C GLN B 469 5.62 1.17 -24.66
N GLN B 471 7.56 0.04 -27.15
CA GLN B 471 7.88 -1.19 -27.92
C GLN B 471 6.92 -2.31 -27.52
N GLY B 473 4.04 -1.50 -26.90
CA GLY B 473 2.85 -0.69 -27.05
C GLY B 473 1.87 -1.26 -28.08
N ALA B 474 2.29 -1.31 -29.34
CA ALA B 474 1.39 -1.69 -30.43
C ALA B 474 0.78 -3.07 -30.17
N THR B 475 1.59 -3.98 -29.64
CA THR B 475 1.16 -5.36 -29.43
C THR B 475 0.14 -5.47 -28.28
N ASN B 476 0.23 -4.60 -27.27
CA ASN B 476 -0.65 -4.68 -26.11
C ASN B 476 -1.94 -3.88 -26.29
N VAL B 477 -2.10 -3.18 -27.42
CA VAL B 477 -3.26 -2.34 -27.63
C VAL B 477 -4.52 -3.21 -27.66
N LEU B 478 -4.48 -4.27 -28.47
CA LEU B 478 -5.65 -5.10 -28.68
C LEU B 478 -5.43 -6.52 -28.19
N SER B 479 -4.42 -6.72 -27.34
CA SER B 479 -4.29 -7.98 -26.63
C SER B 479 -5.51 -8.21 -25.73
N TYR B 480 -5.88 -9.47 -25.52
CA TYR B 480 -6.91 -9.82 -24.55
C TYR B 480 -6.32 -10.70 -23.45
N GLN B 481 -4.98 -10.75 -23.39
CA GLN B 481 -4.29 -11.47 -22.31
C GLN B 481 -4.53 -10.77 -20.99
N GLY B 482 -4.57 -11.56 -19.90
CA GLY B 482 -4.99 -11.10 -18.58
C GLY B 482 -4.39 -9.76 -18.15
N ASP B 483 -3.05 -9.67 -18.16
CA ASP B 483 -2.39 -8.47 -17.69
C ASP B 483 -1.92 -7.62 -18.86
N GLU B 484 -2.57 -7.76 -20.03
CA GLU B 484 -2.23 -6.93 -21.18
C GLU B 484 -3.47 -6.19 -21.69
N GLY B 485 -4.62 -6.88 -21.72
CA GLY B 485 -5.83 -6.34 -22.33
C GLY B 485 -6.55 -5.36 -21.40
N LEU B 486 -6.97 -4.21 -21.95
CA LEU B 486 -7.74 -3.23 -21.19
C LEU B 486 -8.08 -2.07 -22.13
N PRO B 487 -9.35 -1.60 -22.16
CA PRO B 487 -9.70 -0.36 -22.83
C PRO B 487 -8.92 0.77 -22.17
N ASP B 488 -8.52 1.75 -22.98
CA ASP B 488 -7.73 2.88 -22.49
C ASP B 488 -8.48 3.64 -21.39
N GLU B 489 -9.82 3.68 -21.49
CA GLU B 489 -10.66 4.35 -20.51
C GLU B 489 -10.40 3.82 -19.10
N LEU B 490 -10.08 2.51 -18.99
CA LEU B 490 -9.88 1.87 -17.68
C LEU B 490 -8.39 1.74 -17.35
N ARG B 491 -7.52 1.96 -18.34
CA ARG B 491 -6.08 1.99 -18.11
C ARG B 491 -5.73 3.17 -17.20
N GLY B 492 -4.53 3.12 -16.62
CA GLY B 492 -4.06 4.17 -15.74
C GLY B 492 -2.57 3.99 -15.45
N PRO B 493 -2.00 4.80 -14.53
CA PRO B 493 -0.59 4.66 -14.16
C PRO B 493 -0.13 3.30 -13.62
N ASN B 494 -1.08 2.41 -13.32
CA ASN B 494 -0.72 1.12 -12.74
C ASN B 494 -0.82 0.01 -13.78
N TYR B 495 -1.40 0.32 -14.94
CA TYR B 495 -1.31 -0.59 -16.06
C TYR B 495 0.16 -0.91 -16.25
N PRO B 496 0.55 -2.20 -16.22
CA PRO B 496 1.96 -2.60 -16.03
C PRO B 496 3.01 -1.86 -16.87
N ASN B 497 2.76 -1.76 -18.17
CA ASN B 497 3.70 -1.17 -19.11
C ASN B 497 3.89 0.31 -18.81
N TYR B 498 2.92 0.92 -18.11
CA TYR B 498 2.87 2.37 -17.95
C TYR B 498 3.40 2.79 -16.58
N ALA B 499 3.83 1.83 -15.77
CA ALA B 499 3.98 2.06 -14.34
C ALA B 499 5.14 3.00 -14.00
N MET B 500 6.03 3.30 -14.95
CA MET B 500 7.33 3.90 -14.59
C MET B 500 7.60 5.25 -15.24
N ASN B 501 7.19 5.45 -16.52
CA ASN B 501 7.91 6.40 -17.38
C ASN B 501 7.10 7.66 -17.69
N VAL B 502 7.81 8.81 -17.71
CA VAL B 502 7.24 10.10 -18.06
C VAL B 502 6.80 10.08 -19.51
N GLY B 503 5.94 11.04 -19.85
CA GLY B 503 5.72 11.45 -21.22
C GLY B 503 4.63 10.63 -21.90
N HIS B 504 3.83 9.92 -21.08
CA HIS B 504 2.85 9.00 -21.65
C HIS B 504 1.46 9.17 -21.02
N GLN B 505 1.42 9.16 -19.68
CA GLN B 505 0.19 8.95 -18.94
C GLN B 505 -0.83 10.05 -19.28
N GLY B 506 -0.34 11.30 -19.35
CA GLY B 506 -1.17 12.44 -19.74
C GLY B 506 -1.75 12.28 -21.15
N GLY B 507 -0.90 11.82 -22.08
CA GLY B 507 -1.32 11.52 -23.44
C GLY B 507 -2.45 10.48 -23.48
N TYR B 508 -2.29 9.41 -22.69
CA TYR B 508 -3.31 8.35 -22.67
C TYR B 508 -4.63 8.88 -22.12
N ALA B 509 -4.56 9.82 -21.17
CA ALA B 509 -5.78 10.41 -20.65
C ALA B 509 -6.48 11.23 -21.75
N GLY B 510 -5.69 12.01 -22.49
CA GLY B 510 -6.20 12.78 -23.61
C GLY B 510 -6.88 11.88 -24.64
N ILE B 511 -6.25 10.73 -24.92
CA ILE B 511 -6.76 9.75 -25.88
C ILE B 511 -8.10 9.19 -25.39
N ALA B 512 -8.18 8.84 -24.10
CA ALA B 512 -9.42 8.37 -23.53
C ALA B 512 -10.52 9.41 -23.73
N GLN B 513 -10.24 10.64 -23.33
CA GLN B 513 -11.19 11.74 -23.46
C GLN B 513 -11.57 11.93 -24.93
N ALA B 514 -10.58 11.90 -25.82
CA ALA B 514 -10.76 12.20 -27.23
C ALA B 514 -11.78 11.26 -27.88
N ALA B 515 -11.71 9.96 -27.56
CA ALA B 515 -12.63 9.01 -28.15
C ALA B 515 -14.08 9.42 -27.85
N HIS B 516 -14.27 10.04 -26.68
CA HIS B 516 -15.58 10.42 -26.16
C HIS B 516 -15.96 11.85 -26.57
N SER B 517 -14.99 12.77 -26.60
CA SER B 517 -15.32 14.14 -26.96
C SER B 517 -15.67 14.24 -28.44
N GLY B 518 -14.98 13.44 -29.27
CA GLY B 518 -15.33 13.32 -30.67
C GLY B 518 -16.81 12.98 -30.83
N ARG B 519 -17.31 12.15 -29.92
CA ARG B 519 -18.67 11.65 -29.98
C ARG B 519 -19.63 12.62 -29.28
N GLY B 520 -19.09 13.59 -28.53
CA GLY B 520 -19.92 14.50 -27.75
C GLY B 520 -20.48 13.81 -26.50
N ASP B 521 -19.84 12.72 -26.07
CA ASP B 521 -20.28 11.98 -24.90
C ASP B 521 -20.15 12.84 -23.65
N ALA B 522 -21.07 12.63 -22.70
CA ALA B 522 -21.09 13.41 -21.48
C ALA B 522 -19.91 13.05 -20.59
N PHE B 523 -19.39 11.83 -20.75
CA PHE B 523 -18.32 11.38 -19.87
C PHE B 523 -17.50 10.30 -20.58
N THR B 524 -16.31 10.03 -20.01
CA THR B 524 -15.37 9.12 -20.60
C THR B 524 -15.51 7.73 -19.99
N VAL B 525 -15.70 7.64 -18.67
CA VAL B 525 -15.82 6.31 -18.08
C VAL B 525 -16.69 6.34 -16.82
N ASN B 526 -16.92 7.51 -16.23
CA ASN B 526 -17.59 7.51 -14.94
C ASN B 526 -18.44 8.77 -14.77
N PRO B 527 -19.77 8.70 -15.03
CA PRO B 527 -20.64 9.88 -14.85
C PRO B 527 -20.59 10.43 -13.44
N LEU B 528 -20.34 9.57 -12.45
CA LEU B 528 -20.32 10.00 -11.07
C LEU B 528 -19.24 11.05 -10.85
N LEU B 529 -18.03 10.81 -11.37
CA LEU B 529 -16.93 11.77 -11.28
C LEU B 529 -17.25 13.03 -12.10
N LYS B 530 -17.85 12.86 -13.28
CA LYS B 530 -18.17 14.00 -14.13
C LYS B 530 -19.06 14.98 -13.37
N VAL B 531 -20.09 14.47 -12.69
CA VAL B 531 -21.03 15.31 -11.99
C VAL B 531 -20.38 15.89 -10.72
N CYS B 532 -19.65 15.04 -10.01
CA CYS B 532 -18.94 15.42 -8.79
C CYS B 532 -18.18 16.73 -8.98
N PHE B 533 -17.46 16.85 -10.10
CA PHE B 533 -16.56 17.97 -10.30
C PHE B 533 -17.23 19.11 -11.07
N ALA B 534 -18.52 18.96 -11.41
CA ALA B 534 -19.26 20.02 -12.08
C ALA B 534 -19.77 21.00 -11.03
N ASP B 535 -18.83 21.74 -10.43
CA ASP B 535 -19.09 22.47 -9.20
C ASP B 535 -18.09 23.61 -9.08
N GLU B 536 -18.56 24.84 -9.25
CA GLU B 536 -17.69 26.00 -9.28
C GLU B 536 -17.15 26.36 -7.90
N LEU B 537 -17.68 25.72 -6.86
CA LEU B 537 -17.26 26.01 -5.49
C LEU B 537 -15.84 25.48 -5.24
N MET B 538 -15.44 24.43 -5.98
CA MET B 538 -14.10 23.86 -5.82
C MET B 538 -13.05 24.94 -6.09
N PRO B 539 -11.93 24.96 -5.34
CA PRO B 539 -10.88 25.96 -5.52
C PRO B 539 -10.25 25.95 -6.92
N PHE B 540 -10.03 24.77 -7.49
CA PHE B 540 -9.37 24.67 -8.77
C PHE B 540 -10.43 24.64 -9.86
N ASN B 541 -10.20 25.40 -10.94
CA ASN B 541 -11.17 25.42 -12.02
C ASN B 541 -10.88 24.27 -12.98
N PHE B 542 -11.63 23.18 -12.81
CA PHE B 542 -11.42 21.96 -13.57
C PHE B 542 -11.83 22.12 -15.04
N ALA B 543 -12.53 23.20 -15.41
CA ALA B 543 -12.89 23.39 -16.80
C ALA B 543 -11.73 23.99 -17.62
N GLU B 544 -10.77 24.62 -16.93
CA GLU B 544 -9.67 25.30 -17.63
C GLU B 544 -8.33 24.95 -16.96
N PRO B 545 -7.94 23.66 -16.86
CA PRO B 545 -6.74 23.30 -16.10
C PRO B 545 -5.47 24.03 -16.55
N ARG B 546 -5.25 24.11 -17.87
CA ARG B 546 -4.03 24.72 -18.37
C ARG B 546 -3.96 26.17 -17.88
N ARG B 547 -5.08 26.91 -18.07
CA ARG B 547 -5.11 28.31 -17.66
C ARG B 547 -4.80 28.43 -16.16
N GLU B 548 -5.38 27.52 -15.37
CA GLU B 548 -5.18 27.52 -13.92
C GLU B 548 -3.70 27.39 -13.59
N PHE B 549 -2.95 26.58 -14.36
CA PHE B 549 -1.52 26.45 -14.13
C PHE B 549 -0.83 27.80 -14.34
N GLY B 550 -1.32 28.56 -15.32
CA GLY B 550 -0.86 29.90 -15.63
C GLY B 550 -1.11 30.86 -14.48
N ARG B 551 -2.35 30.83 -13.96
CA ARG B 551 -2.71 31.64 -12.80
C ARG B 551 -1.79 31.35 -11.61
N GLY B 552 -1.43 30.07 -11.43
CA GLY B 552 -0.53 29.68 -10.35
C GLY B 552 0.87 30.24 -10.58
N ALA B 553 1.29 30.24 -11.85
CA ALA B 553 2.61 30.70 -12.25
C ALA B 553 2.77 32.19 -11.95
N ILE B 554 1.66 32.94 -12.05
CA ILE B 554 1.68 34.37 -11.84
C ILE B 554 1.19 34.70 -10.42
N ARG B 555 1.10 33.68 -9.57
CA ARG B 555 0.85 33.84 -8.14
C ARG B 555 -0.52 34.47 -7.89
N GLU B 556 -1.51 34.11 -8.71
CA GLU B 556 -2.85 34.62 -8.58
C GLU B 556 -3.80 33.53 -8.10
N PHE B 557 -3.28 32.34 -7.83
CA PHE B 557 -4.13 31.26 -7.36
C PHE B 557 -4.02 31.15 -5.84
N MET B 558 -5.19 31.21 -5.17
CA MET B 558 -5.22 31.00 -3.73
C MET B 558 -5.55 29.54 -3.43
N PRO B 559 -4.62 28.78 -2.80
CA PRO B 559 -4.90 27.38 -2.45
C PRO B 559 -5.63 27.37 -1.11
N ALA B 560 -6.16 26.20 -0.75
CA ALA B 560 -6.67 25.95 0.59
C ALA B 560 -5.54 25.37 1.45
N GLY B 561 -5.78 25.26 2.76
CA GLY B 561 -4.93 24.43 3.61
C GLY B 561 -3.78 25.19 4.30
N GLU B 562 -3.71 26.51 4.09
CA GLU B 562 -2.64 27.31 4.70
C GLU B 562 -2.91 27.51 6.19
N ARG B 563 -1.84 27.74 6.96
CA ARG B 563 -1.89 27.62 8.41
C ARG B 563 -1.58 28.94 9.12
N SER B 564 -1.68 30.05 8.39
CA SER B 564 -1.25 31.34 8.94
C SER B 564 -2.07 31.74 10.17
N LEU B 565 -3.32 31.26 10.26
CA LEU B 565 -4.17 31.56 11.41
C LEU B 565 -3.51 31.14 12.72
N VAL B 566 -2.74 30.05 12.69
CA VAL B 566 -2.28 29.43 13.93
C VAL B 566 -0.75 29.51 14.03
N ILE B 567 -0.16 30.36 13.19
CA ILE B 567 1.28 30.54 13.02
C ILE B 567 1.66 31.89 13.63
N PRO B 568 2.88 32.07 14.18
CA PRO B 568 3.39 33.42 14.51
C PRO B 568 3.38 34.34 13.30
N ALA B 569 3.06 35.63 13.50
CA ALA B 569 3.01 36.60 12.41
C ALA B 569 4.34 37.35 12.30
N SER C 2 -3.00 -38.47 22.54
CA SER C 2 -3.54 -38.89 21.22
C SER C 2 -5.05 -39.06 21.32
N ASP C 3 -5.75 -37.93 21.40
CA ASP C 3 -7.16 -37.94 21.78
C ASP C 3 -8.01 -38.59 20.68
N THR C 4 -9.01 -39.35 21.13
CA THR C 4 -10.01 -39.88 20.21
C THR C 4 -11.35 -39.23 20.52
N VAL C 5 -12.14 -38.97 19.46
CA VAL C 5 -13.45 -38.35 19.55
C VAL C 5 -14.39 -39.12 18.63
N ASP C 6 -15.68 -39.11 18.96
CA ASP C 6 -16.73 -39.52 18.04
C ASP C 6 -17.21 -38.29 17.29
N ILE C 7 -17.43 -38.44 15.97
CA ILE C 7 -17.91 -37.34 15.16
C ILE C 7 -19.40 -37.52 14.90
N TYR C 8 -20.17 -36.46 15.13
CA TYR C 8 -21.62 -36.46 14.97
C TYR C 8 -22.02 -35.35 13.99
N ASP C 9 -23.09 -35.60 13.24
CA ASP C 9 -23.55 -34.67 12.23
C ASP C 9 -24.41 -33.59 12.89
N ASP C 10 -25.06 -32.76 12.07
CA ASP C 10 -25.79 -31.59 12.54
C ASP C 10 -27.12 -31.98 13.18
N ARG C 11 -27.48 -33.27 13.16
CA ARG C 11 -28.74 -33.70 13.77
C ARG C 11 -28.46 -34.63 14.96
N GLY C 12 -27.19 -34.66 15.39
CA GLY C 12 -26.80 -35.45 16.54
C GLY C 12 -26.68 -36.94 16.21
N LYS C 13 -26.52 -37.28 14.92
CA LYS C 13 -26.32 -38.66 14.50
C LYS C 13 -24.83 -38.97 14.43
N LEU C 14 -24.44 -40.14 14.96
CA LEU C 14 -23.06 -40.57 14.98
C LEU C 14 -22.59 -40.85 13.55
N LEU C 15 -21.43 -40.30 13.18
CA LEU C 15 -20.89 -40.48 11.85
C LEU C 15 -19.68 -41.40 11.86
N GLU C 16 -18.86 -41.29 12.91
CA GLU C 16 -17.61 -42.04 12.97
C GLU C 16 -17.16 -42.14 14.41
N SER C 17 -16.79 -43.35 14.83
CA SER C 17 -16.39 -43.61 16.20
C SER C 17 -14.88 -43.62 16.31
N ASN C 18 -14.37 -43.24 17.49
CA ASN C 18 -12.96 -43.42 17.87
C ASN C 18 -12.02 -42.83 16.83
N VAL C 19 -12.27 -41.57 16.44
CA VAL C 19 -11.41 -40.86 15.51
C VAL C 19 -10.26 -40.23 16.30
N ASP C 20 -9.04 -40.57 15.91
CA ASP C 20 -7.86 -39.89 16.43
C ASP C 20 -7.84 -38.48 15.85
N ILE C 21 -7.67 -37.46 16.72
CA ILE C 21 -7.75 -36.07 16.31
C ILE C 21 -6.65 -35.72 15.29
N MET C 22 -5.49 -36.40 15.39
CA MET C 22 -4.39 -36.16 14.47
C MET C 22 -4.81 -36.48 13.03
N SER C 23 -5.81 -37.36 12.86
CA SER C 23 -6.32 -37.71 11.54
C SER C 23 -7.22 -36.60 10.98
N LEU C 24 -7.54 -35.62 11.83
CA LEU C 24 -8.40 -34.50 11.43
C LEU C 24 -7.54 -33.34 10.93
N ALA C 25 -6.22 -33.48 11.04
CA ALA C 25 -5.29 -32.44 10.61
C ALA C 25 -5.47 -32.15 9.12
N PRO C 26 -5.55 -30.86 8.73
CA PRO C 26 -5.57 -30.49 7.31
C PRO C 26 -4.41 -31.12 6.54
N THR C 27 -3.28 -31.36 7.25
CA THR C 27 -2.08 -31.93 6.66
C THR C 27 -2.18 -33.45 6.49
N ARG C 28 -3.20 -34.09 7.10
CA ARG C 28 -3.30 -35.55 7.06
C ARG C 28 -4.62 -36.03 6.45
N ASN C 29 -5.69 -35.26 6.63
CA ASN C 29 -7.03 -35.72 6.33
C ASN C 29 -7.32 -35.52 4.84
N ALA C 30 -7.53 -36.64 4.12
CA ALA C 30 -7.77 -36.62 2.68
C ALA C 30 -8.96 -35.73 2.32
N ALA C 31 -10.01 -35.74 3.15
CA ALA C 31 -11.25 -35.03 2.82
C ALA C 31 -11.05 -33.52 2.94
N ILE C 32 -10.28 -33.10 3.94
CA ILE C 32 -9.96 -31.69 4.14
C ILE C 32 -9.06 -31.23 3.00
N LYS C 33 -8.07 -32.05 2.65
CA LYS C 33 -7.17 -31.72 1.56
C LYS C 33 -7.98 -31.53 0.28
N LYS C 34 -9.00 -32.37 0.10
CA LYS C 34 -9.82 -32.33 -1.09
C LYS C 34 -10.65 -31.06 -1.07
N ILE C 35 -11.22 -30.71 0.08
CA ILE C 35 -11.95 -29.45 0.24
C ILE C 35 -11.04 -28.27 -0.12
N ILE C 36 -9.79 -28.28 0.38
CA ILE C 36 -8.85 -27.21 0.12
C ILE C 36 -8.50 -27.15 -1.37
N LEU C 37 -8.12 -28.30 -1.96
CA LEU C 37 -7.77 -28.35 -3.38
C LEU C 37 -8.96 -27.89 -4.23
N ASP C 38 -10.17 -28.29 -3.84
CA ASP C 38 -11.33 -27.99 -4.65
C ASP C 38 -11.66 -26.50 -4.55
N THR C 39 -11.43 -25.92 -3.38
CA THR C 39 -11.61 -24.49 -3.14
C THR C 39 -10.59 -23.71 -3.98
N LYS C 40 -9.33 -24.14 -3.96
CA LYS C 40 -8.28 -23.46 -4.70
C LYS C 40 -8.60 -23.47 -6.20
N ARG C 41 -9.10 -24.60 -6.72
CA ARG C 41 -9.15 -24.79 -8.16
C ARG C 41 -10.46 -24.30 -8.77
N SER C 42 -11.41 -23.82 -7.95
CA SER C 42 -12.75 -23.53 -8.44
C SER C 42 -13.03 -22.03 -8.47
N VAL C 43 -13.78 -21.58 -9.51
CA VAL C 43 -14.27 -20.22 -9.57
C VAL C 43 -15.69 -20.21 -10.16
N ALA C 44 -16.42 -19.13 -9.88
CA ALA C 44 -17.71 -18.85 -10.46
C ALA C 44 -17.55 -17.79 -11.54
N VAL C 45 -18.37 -17.90 -12.59
CA VAL C 45 -18.42 -16.95 -13.68
C VAL C 45 -19.89 -16.54 -13.84
N SER C 46 -20.15 -15.23 -13.84
CA SER C 46 -21.48 -14.69 -14.14
C SER C 46 -21.55 -14.38 -15.63
N LEU C 47 -22.12 -15.33 -16.40
CA LEU C 47 -22.39 -15.10 -17.81
C LEU C 47 -23.39 -13.95 -17.99
N ALA C 48 -24.41 -13.89 -17.11
CA ALA C 48 -25.38 -12.81 -17.17
C ALA C 48 -24.69 -11.46 -16.99
N GLY C 49 -23.75 -11.41 -16.03
CA GLY C 49 -22.98 -10.19 -15.76
C GLY C 49 -22.16 -9.75 -16.97
N ILE C 50 -21.47 -10.70 -17.63
CA ILE C 50 -20.64 -10.37 -18.78
C ILE C 50 -21.54 -9.85 -19.90
N GLN C 51 -22.65 -10.55 -20.12
CA GLN C 51 -23.58 -10.17 -21.18
C GLN C 51 -24.04 -8.73 -20.97
N GLY C 52 -24.44 -8.39 -19.74
CA GLY C 52 -24.88 -7.05 -19.40
C GLY C 52 -23.78 -6.02 -19.60
N ALA C 53 -22.57 -6.31 -19.10
CA ALA C 53 -21.43 -5.43 -19.25
C ALA C 53 -21.15 -5.18 -20.74
N LEU C 54 -21.22 -6.26 -21.54
CA LEU C 54 -20.92 -6.14 -22.97
C LEU C 54 -21.86 -5.14 -23.63
N ALA C 55 -23.16 -5.23 -23.32
CA ALA C 55 -24.18 -4.51 -24.05
C ALA C 55 -24.20 -3.03 -23.64
N SER C 56 -23.92 -2.78 -22.36
CA SER C 56 -24.09 -1.47 -21.76
C SER C 56 -22.76 -0.72 -21.70
N GLY C 57 -21.65 -1.45 -21.67
CA GLY C 57 -20.35 -0.84 -21.45
C GLY C 57 -20.05 -0.65 -19.96
N LYS C 58 -20.94 -1.14 -19.10
CA LYS C 58 -20.73 -1.01 -17.66
C LYS C 58 -19.80 -2.12 -17.18
N MET C 59 -18.50 -1.82 -17.18
CA MET C 59 -17.45 -2.75 -16.77
C MET C 59 -16.33 -1.97 -16.09
N GLY C 60 -15.60 -2.63 -15.18
CA GLY C 60 -14.35 -2.07 -14.66
C GLY C 60 -14.52 -1.44 -13.27
N GLY C 61 -15.75 -1.39 -12.75
CA GLY C 61 -15.95 -0.93 -11.40
C GLY C 61 -17.20 -0.07 -11.22
N LYS C 62 -17.41 0.37 -9.97
CA LYS C 62 -18.60 1.10 -9.58
C LYS C 62 -18.69 2.43 -10.31
N GLY C 63 -19.81 2.63 -11.00
CA GLY C 63 -20.08 3.87 -11.70
C GLY C 63 -19.63 3.81 -13.16
N ARG C 64 -18.74 2.87 -13.48
CA ARG C 64 -18.08 2.85 -14.78
C ARG C 64 -19.06 2.50 -15.90
N GLN C 65 -18.91 3.20 -17.02
CA GLN C 65 -19.60 2.91 -18.26
C GLN C 65 -18.82 3.54 -19.41
N ILE C 66 -18.45 2.71 -20.38
CA ILE C 66 -17.80 3.15 -21.61
C ILE C 66 -18.89 3.24 -22.68
N LEU C 67 -19.20 4.47 -23.09
CA LEU C 67 -20.25 4.73 -24.07
C LEU C 67 -19.74 4.38 -25.48
N GLY C 68 -20.68 3.92 -26.31
CA GLY C 68 -20.49 3.80 -27.75
C GLY C 68 -19.75 2.54 -28.18
N ARG C 69 -19.70 1.52 -27.31
CA ARG C 69 -18.88 0.36 -27.59
C ARG C 69 -19.68 -0.91 -27.31
N GLY C 70 -21.00 -0.86 -27.54
CA GLY C 70 -21.90 -1.95 -27.20
C GLY C 70 -21.61 -3.19 -28.06
N LEU C 71 -21.61 -4.35 -27.39
CA LEU C 71 -21.54 -5.66 -28.02
C LEU C 71 -22.72 -6.49 -27.53
N ASN C 72 -23.56 -6.95 -28.46
CA ASN C 72 -24.76 -7.67 -28.09
C ASN C 72 -24.57 -9.15 -28.35
N TYR C 73 -24.14 -9.88 -27.30
CA TYR C 73 -23.85 -11.30 -27.41
C TYR C 73 -24.77 -12.07 -26.46
N ASP C 74 -25.44 -13.12 -26.97
CA ASP C 74 -26.33 -13.92 -26.15
C ASP C 74 -25.53 -15.01 -25.45
N LEU C 75 -24.94 -14.66 -24.30
CA LEU C 75 -24.12 -15.60 -23.56
C LEU C 75 -25.03 -16.62 -22.88
N VAL C 76 -26.11 -16.11 -22.26
CA VAL C 76 -26.95 -16.96 -21.41
C VAL C 76 -27.60 -18.03 -22.28
N GLY C 77 -28.05 -17.64 -23.49
CA GLY C 77 -28.75 -18.53 -24.39
C GLY C 77 -27.82 -19.59 -24.98
N ASN C 78 -26.51 -19.41 -24.80
CA ASN C 78 -25.50 -20.26 -25.40
C ASN C 78 -24.56 -20.81 -24.34
N ALA C 79 -25.06 -20.92 -23.10
CA ALA C 79 -24.23 -21.24 -21.96
C ALA C 79 -23.63 -22.64 -22.09
N ASP C 80 -24.41 -23.60 -22.65
CA ASP C 80 -23.92 -24.96 -22.77
C ASP C 80 -22.73 -25.03 -23.71
N ALA C 81 -22.85 -24.40 -24.89
CA ALA C 81 -21.76 -24.37 -25.85
C ALA C 81 -20.57 -23.62 -25.26
N ILE C 82 -20.86 -22.58 -24.48
CA ILE C 82 -19.80 -21.80 -23.86
C ILE C 82 -19.05 -22.70 -22.87
N ALA C 83 -19.81 -23.41 -22.02
CA ALA C 83 -19.23 -24.26 -21.00
C ALA C 83 -18.33 -25.32 -21.63
N GLU C 84 -18.78 -25.87 -22.77
CA GLU C 84 -18.02 -26.88 -23.49
C GLU C 84 -16.70 -26.30 -24.01
N ASN C 85 -16.76 -25.14 -24.67
CA ASN C 85 -15.54 -24.50 -25.16
C ASN C 85 -14.63 -24.11 -24.00
N VAL C 86 -15.23 -23.66 -22.89
CA VAL C 86 -14.48 -23.25 -21.72
C VAL C 86 -13.72 -24.44 -21.15
N LYS C 87 -14.41 -25.59 -21.06
CA LYS C 87 -13.80 -26.82 -20.58
C LYS C 87 -12.57 -27.18 -21.43
N ASN C 88 -12.70 -27.03 -22.75
CA ASN C 88 -11.62 -27.40 -23.66
C ASN C 88 -10.39 -26.53 -23.41
N LEU C 89 -10.62 -25.28 -23.02
CA LEU C 89 -9.52 -24.34 -22.79
C LEU C 89 -8.92 -24.50 -21.39
N VAL C 90 -9.78 -24.80 -20.40
CA VAL C 90 -9.34 -24.86 -19.01
C VAL C 90 -8.55 -26.15 -18.78
N GLN C 91 -8.95 -27.24 -19.45
CA GLN C 91 -8.36 -28.54 -19.22
C GLN C 91 -6.92 -28.55 -19.73
N VAL C 92 -6.10 -29.40 -19.09
CA VAL C 92 -4.71 -29.61 -19.46
C VAL C 92 -4.63 -30.84 -20.38
N ASP C 93 -5.40 -31.89 -20.04
CA ASP C 93 -5.43 -33.13 -20.78
C ASP C 93 -6.84 -33.71 -20.81
N GLU C 94 -7.25 -34.19 -21.99
CA GLU C 94 -8.55 -34.80 -22.17
C GLU C 94 -8.74 -35.83 -21.06
N GLY C 95 -9.89 -35.77 -20.37
CA GLY C 95 -10.24 -36.77 -19.38
C GLY C 95 -9.66 -36.48 -17.99
N ASP C 96 -9.00 -35.32 -17.82
CA ASP C 96 -8.49 -34.92 -16.51
C ASP C 96 -9.67 -34.47 -15.63
N ASP C 97 -9.37 -33.89 -14.46
CA ASP C 97 -10.40 -33.58 -13.50
C ASP C 97 -10.98 -32.18 -13.71
N THR C 98 -10.75 -31.58 -14.89
CA THR C 98 -11.44 -30.34 -15.25
C THR C 98 -12.94 -30.60 -15.20
N SER C 99 -13.68 -29.63 -14.66
CA SER C 99 -15.12 -29.67 -14.76
C SER C 99 -15.68 -28.27 -14.95
N VAL C 100 -16.66 -28.15 -15.85
CA VAL C 100 -17.34 -26.89 -16.08
C VAL C 100 -18.84 -27.19 -16.11
N LYS C 101 -19.59 -26.55 -15.21
CA LYS C 101 -21.03 -26.77 -15.12
C LYS C 101 -21.80 -25.46 -15.30
N VAL C 102 -22.86 -25.53 -16.12
CA VAL C 102 -23.79 -24.43 -16.27
C VAL C 102 -24.67 -24.38 -15.03
N ILE C 103 -24.80 -23.18 -14.44
CA ILE C 103 -25.55 -22.98 -13.22
C ILE C 103 -26.72 -22.03 -13.51
N LYS C 104 -27.81 -22.20 -12.76
CA LYS C 104 -28.97 -21.31 -12.76
C LYS C 104 -29.35 -20.92 -14.20
N GLY C 105 -29.64 -21.93 -15.02
CA GLY C 105 -30.26 -21.74 -16.32
C GLY C 105 -29.40 -20.94 -17.30
N GLY C 106 -28.08 -20.99 -17.14
CA GLY C 106 -27.21 -20.36 -18.10
C GLY C 106 -26.66 -19.01 -17.64
N LYS C 107 -27.10 -18.53 -16.45
CA LYS C 107 -26.65 -17.24 -15.96
C LYS C 107 -25.20 -17.33 -15.45
N SER C 108 -24.79 -18.51 -15.00
CA SER C 108 -23.53 -18.67 -14.27
C SER C 108 -22.85 -19.98 -14.65
N LEU C 109 -21.53 -20.03 -14.42
CA LEU C 109 -20.76 -21.24 -14.61
C LEU C 109 -20.03 -21.57 -13.32
N LEU C 110 -19.91 -22.87 -13.01
CA LEU C 110 -18.86 -23.36 -12.14
C LEU C 110 -17.70 -23.80 -13.03
N ILE C 111 -16.50 -23.29 -12.74
CA ILE C 111 -15.29 -23.76 -13.40
C ILE C 111 -14.37 -24.37 -12.35
N GLN C 112 -14.06 -25.65 -12.53
CA GLN C 112 -13.06 -26.31 -11.72
C GLN C 112 -11.85 -26.62 -12.60
N ALA C 113 -10.79 -25.84 -12.41
CA ALA C 113 -9.53 -26.07 -13.10
C ALA C 113 -8.96 -27.42 -12.68
N PRO C 114 -8.22 -28.12 -13.55
CA PRO C 114 -7.63 -29.40 -13.20
C PRO C 114 -6.59 -29.16 -12.11
N SER C 115 -6.39 -30.18 -11.27
CA SER C 115 -5.51 -30.02 -10.13
C SER C 115 -4.06 -29.82 -10.57
N SER C 116 -3.74 -30.24 -11.80
CA SER C 116 -2.42 -30.01 -12.39
C SER C 116 -2.05 -28.52 -12.35
N ARG C 117 -3.02 -27.63 -12.55
CA ARG C 117 -2.74 -26.20 -12.56
C ARG C 117 -2.35 -25.75 -11.16
N ILE C 118 -2.98 -26.35 -10.15
CA ILE C 118 -2.70 -26.04 -8.76
C ILE C 118 -1.33 -26.61 -8.42
N ALA C 119 -1.04 -27.83 -8.88
CA ALA C 119 0.25 -28.46 -8.60
C ALA C 119 1.38 -27.64 -9.22
N ALA C 120 1.13 -27.10 -10.41
CA ALA C 120 2.14 -26.36 -11.17
C ALA C 120 2.18 -24.88 -10.74
N GLY C 121 1.28 -24.47 -9.84
CA GLY C 121 1.18 -23.07 -9.45
C GLY C 121 1.70 -22.81 -8.03
N ALA C 122 2.04 -21.54 -7.75
CA ALA C 122 2.48 -21.15 -6.42
C ALA C 122 1.28 -21.06 -5.48
N ASP C 123 0.10 -20.75 -6.04
CA ASP C 123 -1.09 -20.50 -5.24
C ASP C 123 -2.33 -21.07 -5.94
N TYR C 124 -3.42 -20.29 -5.96
CA TYR C 124 -4.71 -20.76 -6.46
C TYR C 124 -5.24 -19.85 -7.56
N MET C 125 -4.49 -18.82 -7.94
CA MET C 125 -5.05 -17.80 -8.80
C MET C 125 -5.21 -18.29 -10.24
N SER C 126 -4.60 -19.44 -10.57
CA SER C 126 -4.69 -19.98 -11.92
C SER C 126 -6.14 -20.32 -12.27
N ALA C 127 -6.95 -20.68 -11.27
CA ALA C 127 -8.34 -20.99 -11.53
C ALA C 127 -9.04 -19.75 -12.08
N THR C 128 -8.75 -18.59 -11.48
CA THR C 128 -9.35 -17.32 -11.87
C THR C 128 -8.78 -16.92 -13.24
N THR C 129 -7.44 -16.93 -13.36
CA THR C 129 -6.80 -16.38 -14.54
C THR C 129 -7.09 -17.26 -15.77
N VAL C 130 -7.05 -18.58 -15.58
CA VAL C 130 -7.30 -19.50 -16.69
C VAL C 130 -8.80 -19.51 -16.97
N GLY C 131 -9.61 -19.45 -15.91
CA GLY C 131 -11.05 -19.37 -16.03
C GLY C 131 -11.48 -18.14 -16.84
N ALA C 132 -10.96 -16.97 -16.46
CA ALA C 132 -11.24 -15.74 -17.18
C ALA C 132 -10.69 -15.78 -18.61
N ALA C 133 -9.48 -16.31 -18.77
CA ALA C 133 -8.87 -16.41 -20.09
C ALA C 133 -9.71 -17.30 -21.00
N ALA C 134 -10.20 -18.43 -20.46
CA ALA C 134 -10.98 -19.38 -21.24
C ALA C 134 -12.29 -18.74 -21.68
N VAL C 135 -12.93 -18.00 -20.77
CA VAL C 135 -14.21 -17.37 -21.05
C VAL C 135 -14.03 -16.25 -22.09
N THR C 136 -12.93 -15.48 -21.94
CA THR C 136 -12.62 -14.38 -22.85
C THR C 136 -12.40 -14.95 -24.26
N GLN C 137 -11.57 -16.00 -24.35
CA GLN C 137 -11.25 -16.61 -25.64
C GLN C 137 -12.52 -17.16 -26.29
N THR C 138 -13.35 -17.82 -25.47
CA THR C 138 -14.57 -18.44 -25.96
C THR C 138 -15.48 -17.37 -26.56
N ILE C 139 -15.60 -16.23 -25.86
CA ILE C 139 -16.51 -15.18 -26.30
C ILE C 139 -16.01 -14.62 -27.62
N ILE C 140 -14.72 -14.30 -27.67
CA ILE C 140 -14.10 -13.72 -28.86
C ILE C 140 -14.32 -14.64 -30.06
N ASP C 141 -14.08 -15.96 -29.88
CA ASP C 141 -14.24 -16.94 -30.95
C ASP C 141 -15.72 -17.14 -31.29
N MET C 142 -16.57 -17.34 -30.27
CA MET C 142 -17.94 -17.75 -30.53
C MET C 142 -18.74 -16.61 -31.16
N PHE C 143 -18.39 -15.36 -30.81
CA PHE C 143 -19.20 -14.21 -31.20
C PHE C 143 -18.52 -13.41 -32.29
N GLY C 144 -17.26 -13.76 -32.61
CA GLY C 144 -16.54 -13.10 -33.69
C GLY C 144 -16.22 -11.64 -33.39
N THR C 145 -15.61 -11.40 -32.22
CA THR C 145 -15.17 -10.07 -31.82
C THR C 145 -13.99 -9.65 -32.70
N ASP C 146 -14.11 -8.51 -33.39
CA ASP C 146 -13.00 -7.94 -34.16
C ASP C 146 -11.91 -7.51 -33.19
N MET C 147 -10.66 -7.43 -33.67
CA MET C 147 -9.58 -7.13 -32.74
C MET C 147 -9.74 -5.73 -32.13
N TYR C 148 -10.31 -4.77 -32.89
CA TYR C 148 -10.50 -3.42 -32.38
C TYR C 148 -11.56 -3.38 -31.26
N ASP C 149 -12.31 -4.47 -31.06
CA ASP C 149 -13.25 -4.55 -29.96
C ASP C 149 -12.77 -5.50 -28.86
N ALA C 150 -11.60 -6.13 -29.07
CA ALA C 150 -11.11 -7.15 -28.15
C ALA C 150 -10.99 -6.61 -26.73
N PRO C 151 -10.51 -5.36 -26.51
CA PRO C 151 -10.39 -4.80 -25.16
C PRO C 151 -11.71 -4.77 -24.40
N ILE C 152 -12.82 -4.51 -25.12
CA ILE C 152 -14.14 -4.39 -24.53
C ILE C 152 -14.65 -5.78 -24.12
N ALA C 153 -14.47 -6.78 -24.99
CA ALA C 153 -14.84 -8.13 -24.67
C ALA C 153 -14.06 -8.63 -23.45
N LYS C 154 -12.76 -8.31 -23.42
CA LYS C 154 -11.88 -8.78 -22.37
C LYS C 154 -12.30 -8.23 -21.01
N SER C 155 -12.57 -6.92 -20.95
CA SER C 155 -12.82 -6.25 -19.69
C SER C 155 -14.23 -6.55 -19.17
N ALA C 156 -15.13 -6.95 -20.07
CA ALA C 156 -16.44 -7.45 -19.64
C ALA C 156 -16.22 -8.64 -18.70
N VAL C 157 -15.09 -9.35 -18.87
CA VAL C 157 -14.78 -10.50 -18.05
C VAL C 157 -13.87 -10.12 -16.89
N TRP C 158 -12.76 -9.42 -17.20
CA TRP C 158 -11.68 -9.21 -16.25
C TRP C 158 -11.86 -7.91 -15.47
N GLY C 159 -12.81 -7.06 -15.88
CA GLY C 159 -13.00 -5.78 -15.20
C GLY C 159 -11.81 -4.84 -15.42
N SER C 160 -11.29 -4.26 -14.34
CA SER C 160 -10.27 -3.22 -14.44
C SER C 160 -8.85 -3.78 -14.32
N TYR C 161 -8.72 -5.10 -14.20
CA TYR C 161 -7.39 -5.71 -14.16
C TYR C 161 -6.76 -5.57 -15.54
N PRO C 162 -5.46 -5.18 -15.68
CA PRO C 162 -4.54 -4.92 -14.56
C PRO C 162 -4.21 -3.50 -14.07
N GLN C 163 -5.09 -2.53 -14.36
CA GLN C 163 -4.98 -1.24 -13.71
C GLN C 163 -5.23 -1.41 -12.21
N THR C 164 -6.27 -2.20 -11.88
CA THR C 164 -6.50 -2.63 -10.51
C THR C 164 -5.79 -3.95 -10.27
N MET C 165 -5.48 -4.23 -8.99
CA MET C 165 -4.75 -5.43 -8.62
C MET C 165 -5.67 -6.65 -8.72
N ASP C 166 -6.99 -6.40 -8.65
CA ASP C 166 -7.99 -7.44 -8.75
C ASP C 166 -8.82 -7.25 -10.02
N LEU C 167 -9.75 -8.17 -10.25
CA LEU C 167 -10.71 -8.09 -11.34
C LEU C 167 -11.89 -7.22 -10.91
N MET C 168 -11.60 -5.95 -10.58
CA MET C 168 -12.61 -5.02 -10.11
C MET C 168 -13.63 -4.77 -11.22
N GLY C 169 -14.93 -4.93 -10.90
CA GLY C 169 -15.98 -4.76 -11.88
C GLY C 169 -15.95 -5.85 -12.97
N GLY C 170 -15.38 -7.01 -12.62
CA GLY C 170 -15.33 -8.18 -13.50
C GLY C 170 -16.40 -9.22 -13.13
N ASN C 171 -16.28 -10.43 -13.68
CA ASN C 171 -17.36 -11.41 -13.59
C ASN C 171 -16.81 -12.81 -13.33
N VAL C 172 -15.62 -12.86 -12.71
CA VAL C 172 -15.01 -14.12 -12.29
C VAL C 172 -14.53 -13.93 -10.86
N GLN C 173 -14.91 -14.85 -9.97
CA GLN C 173 -14.46 -14.87 -8.59
C GLN C 173 -14.66 -16.26 -7.99
N GLY C 174 -13.75 -16.63 -7.11
CA GLY C 174 -13.89 -17.82 -6.29
C GLY C 174 -14.25 -17.46 -4.86
N VAL C 175 -14.09 -18.42 -3.95
CA VAL C 175 -14.43 -18.21 -2.55
C VAL C 175 -13.31 -17.45 -1.84
N LEU C 176 -12.09 -17.52 -2.41
CA LEU C 176 -10.96 -16.84 -1.81
C LEU C 176 -10.84 -15.44 -2.40
N SER C 177 -9.88 -14.65 -1.89
CA SER C 177 -9.57 -13.34 -2.42
C SER C 177 -8.16 -13.38 -3.02
N ILE C 178 -7.68 -12.25 -3.56
CA ILE C 178 -6.37 -12.27 -4.19
C ILE C 178 -5.29 -12.38 -3.11
N PRO C 179 -4.16 -13.06 -3.37
CA PRO C 179 -3.11 -13.21 -2.36
C PRO C 179 -2.68 -11.92 -1.68
N GLN C 180 -2.65 -10.81 -2.43
CA GLN C 180 -2.10 -9.56 -1.94
C GLN C 180 -2.98 -8.94 -0.86
N ASN C 181 -4.20 -9.45 -0.69
CA ASN C 181 -5.08 -8.98 0.37
C ASN C 181 -4.73 -9.61 1.72
N ASN C 182 -3.81 -10.59 1.73
CA ASN C 182 -3.45 -11.25 2.98
C ASN C 182 -2.79 -10.24 3.91
N GLU C 183 -3.26 -10.20 5.16
CA GLU C 183 -2.60 -9.41 6.19
C GLU C 183 -1.34 -10.12 6.64
N GLY C 184 -1.41 -11.46 6.71
CA GLY C 184 -0.33 -12.24 7.27
C GLY C 184 0.13 -13.32 6.31
N LEU C 185 1.16 -14.07 6.75
CA LEU C 185 1.70 -15.18 5.99
C LEU C 185 0.89 -16.45 6.32
N GLY C 186 0.39 -17.12 5.28
CA GLY C 186 -0.48 -18.29 5.42
C GLY C 186 -1.94 -17.93 5.67
N PHE C 187 -2.38 -16.76 5.17
CA PHE C 187 -3.69 -16.22 5.53
C PHE C 187 -4.75 -16.39 4.44
N SER C 188 -4.37 -16.89 3.27
CA SER C 188 -5.28 -16.93 2.14
C SER C 188 -6.58 -17.68 2.45
N LEU C 189 -6.47 -18.82 3.14
CA LEU C 189 -7.63 -19.64 3.45
C LEU C 189 -8.49 -19.01 4.56
N ARG C 190 -7.97 -17.92 5.16
CA ARG C 190 -8.70 -17.22 6.21
C ARG C 190 -9.51 -16.06 5.63
N ASN C 191 -9.23 -15.73 4.36
CA ASN C 191 -9.84 -14.57 3.74
C ASN C 191 -11.10 -15.02 3.00
N ILE C 192 -12.05 -15.55 3.76
CA ILE C 192 -13.35 -15.94 3.22
C ILE C 192 -14.46 -15.31 4.05
N MET C 193 -15.16 -14.35 3.44
CA MET C 193 -16.34 -13.73 4.02
C MET C 193 -17.23 -14.77 4.68
N ALA C 194 -17.75 -14.43 5.87
CA ALA C 194 -18.71 -15.27 6.55
C ALA C 194 -19.95 -15.51 5.69
N ASN C 195 -20.42 -14.48 4.98
CA ASN C 195 -21.61 -14.61 4.15
C ASN C 195 -21.43 -15.73 3.12
N HIS C 196 -20.24 -15.80 2.51
CA HIS C 196 -19.88 -16.86 1.58
C HIS C 196 -20.09 -18.24 2.22
N ILE C 197 -19.62 -18.40 3.47
CA ILE C 197 -19.71 -19.69 4.14
C ILE C 197 -21.16 -20.09 4.32
N ALA C 198 -21.98 -19.13 4.79
CA ALA C 198 -23.39 -19.42 5.04
C ALA C 198 -24.14 -19.66 3.73
N ALA C 199 -23.69 -19.03 2.63
CA ALA C 199 -24.30 -19.25 1.32
C ALA C 199 -24.04 -20.68 0.85
N ILE C 200 -22.78 -21.08 0.91
CA ILE C 200 -22.32 -22.38 0.46
C ILE C 200 -22.98 -23.51 1.26
N THR C 201 -23.31 -23.28 2.55
CA THR C 201 -23.87 -24.34 3.37
C THR C 201 -25.39 -24.21 3.45
N SER C 202 -25.97 -23.34 2.61
CA SER C 202 -27.42 -23.15 2.51
C SER C 202 -28.03 -22.80 3.87
N ARG C 203 -27.32 -21.99 4.67
CA ARG C 203 -27.86 -21.48 5.92
C ARG C 203 -28.00 -22.58 6.98
N GLY C 204 -27.35 -23.74 6.78
CA GLY C 204 -27.24 -24.72 7.83
C GLY C 204 -26.19 -24.29 8.86
N ALA C 205 -26.65 -23.91 10.06
CA ALA C 205 -25.81 -23.23 11.02
C ALA C 205 -24.62 -24.11 11.47
N MET C 206 -24.87 -25.39 11.76
CA MET C 206 -23.78 -26.24 12.21
C MET C 206 -22.80 -26.50 11.07
N ASN C 207 -23.31 -26.62 9.84
CA ASN C 207 -22.49 -26.89 8.67
C ASN C 207 -21.65 -25.65 8.32
N ALA C 208 -22.26 -24.48 8.46
CA ALA C 208 -21.54 -23.22 8.30
C ALA C 208 -20.32 -23.18 9.22
N ALA C 209 -20.56 -23.44 10.51
CA ALA C 209 -19.50 -23.41 11.52
C ALA C 209 -18.42 -24.43 11.17
N ALA C 210 -18.84 -25.62 10.71
CA ALA C 210 -17.92 -26.69 10.36
C ALA C 210 -17.05 -26.32 9.16
N LEU C 211 -17.67 -25.84 8.07
CA LEU C 211 -16.92 -25.48 6.88
C LEU C 211 -15.90 -24.40 7.23
N SER C 212 -16.35 -23.38 7.98
CA SER C 212 -15.53 -22.28 8.46
C SER C 212 -14.35 -22.80 9.31
N SER C 213 -14.61 -23.78 10.20
CA SER C 213 -13.56 -24.32 11.05
C SER C 213 -12.45 -24.98 10.21
N ILE C 214 -12.87 -25.66 9.14
CA ILE C 214 -11.95 -26.35 8.24
C ILE C 214 -11.00 -25.34 7.59
N TYR C 215 -11.55 -24.27 7.04
CA TYR C 215 -10.76 -23.23 6.41
C TYR C 215 -9.86 -22.54 7.44
N GLU C 216 -10.47 -22.14 8.57
CA GLU C 216 -9.76 -21.44 9.64
C GLU C 216 -8.54 -22.25 10.09
N GLN C 217 -8.77 -23.53 10.42
CA GLN C 217 -7.72 -24.38 10.95
C GLN C 217 -6.68 -24.69 9.88
N SER C 218 -7.12 -24.85 8.63
CA SER C 218 -6.18 -24.98 7.53
C SER C 218 -5.30 -23.72 7.44
N GLY C 219 -5.93 -22.55 7.67
CA GLY C 219 -5.23 -21.29 7.80
C GLY C 219 -4.18 -21.34 8.91
N ILE C 220 -4.61 -21.68 10.13
CA ILE C 220 -3.71 -21.70 11.29
C ILE C 220 -2.53 -22.62 11.01
N PHE C 221 -2.81 -23.77 10.36
CA PHE C 221 -1.79 -24.74 10.02
C PHE C 221 -0.78 -24.11 9.06
N GLU C 222 -1.29 -23.39 8.05
CA GLU C 222 -0.43 -22.79 7.04
C GLU C 222 0.38 -21.63 7.64
N MET C 223 -0.13 -21.03 8.73
CA MET C 223 0.53 -19.94 9.44
C MET C 223 1.62 -20.49 10.34
N GLY C 224 1.70 -21.82 10.47
CA GLY C 224 2.67 -22.40 11.38
C GLY C 224 2.20 -22.27 12.82
N GLY C 225 0.88 -22.13 12.99
CA GLY C 225 0.27 -21.97 14.30
C GLY C 225 -0.16 -23.29 14.94
N ALA C 226 0.21 -24.43 14.32
CA ALA C 226 -0.16 -25.74 14.83
C ALA C 226 1.04 -26.69 14.81
N VAL C 227 2.19 -26.20 15.31
CA VAL C 227 3.43 -26.95 15.27
C VAL C 227 3.71 -27.46 16.66
N GLY C 228 4.12 -28.73 16.77
CA GLY C 228 4.45 -29.33 18.06
C GLY C 228 3.21 -29.41 18.94
N MET C 229 3.34 -28.97 20.20
CA MET C 229 2.24 -29.04 21.15
C MET C 229 1.01 -28.28 20.63
N PHE C 230 1.23 -27.36 19.69
CA PHE C 230 0.14 -26.52 19.20
C PHE C 230 -0.76 -27.30 18.25
N GLU C 231 -0.27 -28.44 17.75
CA GLU C 231 -1.08 -29.29 16.88
C GLU C 231 -2.28 -29.87 17.63
N ARG C 232 -2.02 -30.61 18.72
CA ARG C 232 -3.07 -31.13 19.56
C ARG C 232 -4.05 -30.00 19.93
N HIS C 233 -3.49 -28.86 20.36
CA HIS C 233 -4.27 -27.73 20.83
C HIS C 233 -5.34 -27.34 19.79
N GLN C 234 -4.91 -27.19 18.54
CA GLN C 234 -5.77 -26.65 17.49
C GLN C 234 -6.77 -27.69 17.04
N LEU C 235 -6.33 -28.96 17.01
CA LEU C 235 -7.18 -30.03 16.52
C LEU C 235 -8.26 -30.38 17.55
N LEU C 236 -7.94 -30.23 18.85
CA LEU C 236 -8.94 -30.43 19.88
C LEU C 236 -10.09 -29.44 19.66
N GLY C 237 -9.74 -28.17 19.41
CA GLY C 237 -10.68 -27.11 19.13
C GLY C 237 -11.50 -27.40 17.87
N LEU C 238 -10.80 -27.78 16.80
CA LEU C 238 -11.44 -28.15 15.55
C LEU C 238 -12.49 -29.24 15.77
N ALA C 239 -12.11 -30.27 16.55
CA ALA C 239 -13.00 -31.40 16.76
C ALA C 239 -14.21 -30.98 17.60
N CYS C 240 -13.95 -30.38 18.77
CA CYS C 240 -14.98 -30.12 19.76
C CYS C 240 -15.89 -28.99 19.31
N GLN C 241 -15.31 -27.97 18.66
CA GLN C 241 -16.09 -26.80 18.27
C GLN C 241 -16.69 -27.03 16.88
N GLY C 242 -15.84 -27.42 15.91
CA GLY C 242 -16.23 -27.41 14.51
C GLY C 242 -16.95 -28.68 14.06
N LEU C 243 -16.65 -29.83 14.70
CA LEU C 243 -17.09 -31.11 14.18
C LEU C 243 -17.97 -31.86 15.18
N ASN C 244 -18.57 -31.13 16.13
CA ASN C 244 -19.54 -31.66 17.06
C ASN C 244 -19.01 -32.92 17.76
N ALA C 245 -17.72 -32.89 18.17
CA ALA C 245 -17.11 -34.03 18.86
C ALA C 245 -17.99 -34.47 20.03
N ASN C 246 -18.28 -35.78 20.06
CA ASN C 246 -19.00 -36.45 21.12
C ASN C 246 -20.40 -35.86 21.31
N ASN C 247 -20.87 -35.15 20.28
CA ASN C 247 -22.21 -34.59 20.21
C ASN C 247 -22.42 -33.49 21.26
N VAL C 248 -21.34 -32.97 21.84
CA VAL C 248 -21.47 -32.06 22.98
C VAL C 248 -22.11 -30.75 22.55
N VAL C 249 -21.64 -30.18 21.43
CA VAL C 249 -22.17 -28.90 20.97
C VAL C 249 -23.66 -29.06 20.73
N TYR C 250 -24.05 -30.10 20.00
CA TYR C 250 -25.44 -30.29 19.63
C TYR C 250 -26.29 -30.55 20.89
N ASP C 251 -25.77 -31.39 21.79
CA ASP C 251 -26.45 -31.71 23.04
C ASP C 251 -26.67 -30.45 23.87
N ILE C 252 -25.65 -29.60 23.96
CA ILE C 252 -25.76 -28.37 24.75
C ILE C 252 -26.81 -27.47 24.12
N VAL C 253 -26.83 -27.37 22.78
CA VAL C 253 -27.83 -26.57 22.10
C VAL C 253 -29.22 -27.06 22.48
N LYS C 254 -29.41 -28.38 22.38
CA LYS C 254 -30.69 -29.04 22.58
C LYS C 254 -31.23 -28.74 23.99
N GLU C 255 -30.35 -28.86 25.01
CA GLU C 255 -30.78 -28.67 26.39
C GLU C 255 -31.00 -27.19 26.69
N ASN C 256 -30.43 -26.29 25.87
CA ASN C 256 -30.58 -24.85 26.08
C ASN C 256 -31.53 -24.25 25.04
N GLY C 257 -32.09 -25.08 24.17
CA GLY C 257 -32.79 -24.60 22.99
C GLY C 257 -34.10 -23.86 23.32
N LYS C 258 -34.81 -24.30 24.36
CA LYS C 258 -36.13 -23.75 24.63
C LYS C 258 -36.04 -22.43 25.41
N ASP C 259 -35.24 -22.39 26.46
CA ASP C 259 -35.27 -21.27 27.40
C ASP C 259 -33.86 -20.79 27.74
N GLY C 260 -32.86 -21.37 27.08
CA GLY C 260 -31.47 -21.13 27.47
C GLY C 260 -30.98 -19.76 27.01
N THR C 261 -29.93 -19.31 27.69
CA THR C 261 -29.28 -18.03 27.48
C THR C 261 -27.78 -18.29 27.49
N ILE C 262 -26.97 -17.25 27.23
CA ILE C 262 -25.53 -17.34 27.36
C ILE C 262 -25.20 -17.89 28.74
N GLY C 263 -25.91 -17.40 29.76
CA GLY C 263 -25.74 -17.81 31.15
C GLY C 263 -25.91 -19.31 31.36
N THR C 264 -26.97 -19.89 30.80
CA THR C 264 -27.25 -21.30 31.05
C THR C 264 -26.28 -22.19 30.27
N VAL C 265 -25.84 -21.72 29.08
CA VAL C 265 -24.85 -22.45 28.28
C VAL C 265 -23.52 -22.56 29.03
N ILE C 266 -23.16 -21.50 29.76
CA ILE C 266 -21.99 -21.52 30.63
C ILE C 266 -22.12 -22.63 31.66
N GLU C 267 -23.30 -22.74 32.28
CA GLU C 267 -23.59 -23.76 33.27
C GLU C 267 -23.43 -25.16 32.66
N SER C 268 -23.90 -25.32 31.41
CA SER C 268 -23.78 -26.58 30.71
C SER C 268 -22.31 -26.98 30.54
N ILE C 269 -21.49 -26.02 30.09
CA ILE C 269 -20.08 -26.26 29.82
C ILE C 269 -19.34 -26.60 31.11
N VAL C 270 -19.53 -25.76 32.14
CA VAL C 270 -18.80 -25.93 33.39
C VAL C 270 -19.18 -27.27 34.02
N GLY C 271 -20.49 -27.55 34.06
CA GLY C 271 -21.02 -28.82 34.55
C GLY C 271 -20.33 -30.03 33.93
N ARG C 272 -20.21 -30.01 32.60
CA ARG C 272 -19.58 -31.10 31.87
C ARG C 272 -18.09 -31.17 32.21
N ALA C 273 -17.42 -30.01 32.23
CA ALA C 273 -15.99 -29.98 32.45
C ALA C 273 -15.68 -30.62 33.81
N VAL C 274 -16.55 -30.37 34.78
CA VAL C 274 -16.38 -30.91 36.12
C VAL C 274 -16.61 -32.43 36.08
N GLU C 275 -17.73 -32.84 35.46
CA GLU C 275 -18.13 -34.24 35.33
C GLU C 275 -17.04 -35.04 34.63
N ASP C 276 -16.50 -34.48 33.53
CA ASP C 276 -15.55 -35.16 32.68
C ASP C 276 -14.14 -35.10 33.24
N GLY C 277 -13.96 -34.36 34.35
CA GLY C 277 -12.68 -34.34 35.05
C GLY C 277 -11.67 -33.41 34.39
N VAL C 278 -12.14 -32.57 33.46
CA VAL C 278 -11.28 -31.63 32.75
C VAL C 278 -10.82 -30.52 33.70
N ILE C 279 -11.67 -30.16 34.67
CA ILE C 279 -11.36 -29.14 35.66
C ILE C 279 -11.72 -29.65 37.07
N SER C 280 -11.09 -29.06 38.08
CA SER C 280 -11.39 -29.32 39.49
C SER C 280 -11.27 -28.01 40.28
N VAL C 281 -11.90 -27.97 41.46
CA VAL C 281 -11.73 -26.88 42.41
C VAL C 281 -10.32 -26.93 43.00
N ASP C 282 -9.60 -25.82 42.86
CA ASP C 282 -8.22 -25.67 43.32
C ASP C 282 -8.21 -25.17 44.76
N LYS C 283 -9.12 -24.23 45.04
CA LYS C 283 -9.20 -23.53 46.31
C LYS C 283 -10.60 -22.95 46.47
N THR C 284 -11.14 -23.02 47.70
CA THR C 284 -12.32 -22.27 48.06
C THR C 284 -11.89 -20.99 48.78
N ALA C 285 -12.40 -19.84 48.30
CA ALA C 285 -12.12 -18.53 48.86
C ALA C 285 -12.98 -18.29 50.10
N PRO C 286 -12.63 -17.31 50.98
CA PRO C 286 -13.42 -17.04 52.18
C PRO C 286 -14.92 -16.91 51.96
N SER C 287 -15.30 -16.34 50.81
CA SER C 287 -16.71 -16.09 50.49
C SER C 287 -17.44 -17.39 50.12
N GLY C 288 -16.67 -18.46 49.88
CA GLY C 288 -17.24 -19.70 49.36
C GLY C 288 -17.07 -19.82 47.83
N TYR C 289 -16.57 -18.77 47.20
CA TYR C 289 -16.27 -18.82 45.76
C TYR C 289 -15.18 -19.86 45.52
N LYS C 290 -15.39 -20.67 44.48
CA LYS C 290 -14.48 -21.77 44.15
C LYS C 290 -13.62 -21.36 42.95
N PHE C 291 -12.30 -21.38 43.16
CA PHE C 291 -11.33 -21.17 42.11
C PHE C 291 -10.97 -22.50 41.47
N TYR C 292 -11.15 -22.61 40.15
CA TYR C 292 -10.93 -23.86 39.44
C TYR C 292 -9.52 -23.86 38.85
N LYS C 293 -8.99 -25.07 38.62
CA LYS C 293 -7.85 -25.24 37.75
C LYS C 293 -8.15 -26.33 36.74
N ALA C 294 -7.57 -26.20 35.54
CA ALA C 294 -7.72 -27.19 34.49
C ALA C 294 -6.71 -28.33 34.68
N ASN C 295 -7.18 -29.56 34.48
CA ASN C 295 -6.31 -30.72 34.60
C ASN C 295 -5.61 -30.95 33.25
N ASP C 296 -6.24 -30.40 32.20
CA ASP C 296 -5.76 -30.53 30.84
C ASP C 296 -6.12 -29.22 30.14
N VAL C 297 -5.10 -28.39 29.91
CA VAL C 297 -5.28 -27.01 29.48
C VAL C 297 -5.85 -26.98 28.06
N PRO C 298 -5.25 -27.68 27.07
CA PRO C 298 -5.82 -27.71 25.73
C PRO C 298 -7.25 -28.24 25.69
N MET C 299 -7.57 -29.18 26.60
CA MET C 299 -8.91 -29.77 26.61
C MET C 299 -9.91 -28.76 27.18
N TRP C 300 -9.50 -28.07 28.25
CA TRP C 300 -10.33 -26.98 28.75
C TRP C 300 -10.62 -25.94 27.67
N ASN C 301 -9.58 -25.59 26.89
CA ASN C 301 -9.71 -24.61 25.83
C ASN C 301 -10.76 -25.06 24.82
N ALA C 302 -10.76 -26.36 24.51
CA ALA C 302 -11.68 -26.94 23.55
C ALA C 302 -13.11 -26.88 24.06
N TYR C 303 -13.31 -27.10 25.37
CA TYR C 303 -14.61 -26.97 26.00
C TYR C 303 -15.11 -25.54 25.89
N ALA C 304 -14.22 -24.57 26.13
CA ALA C 304 -14.55 -23.16 25.99
C ALA C 304 -14.90 -22.81 24.54
N ALA C 305 -14.17 -23.44 23.59
CA ALA C 305 -14.43 -23.21 22.17
C ALA C 305 -15.81 -23.76 21.81
N ALA C 306 -16.09 -24.99 22.27
CA ALA C 306 -17.37 -25.62 22.07
C ALA C 306 -18.48 -24.75 22.65
N GLY C 307 -18.28 -24.30 23.89
CA GLY C 307 -19.24 -23.46 24.58
C GLY C 307 -19.56 -22.17 23.84
N THR C 308 -18.51 -21.54 23.30
CA THR C 308 -18.61 -20.29 22.57
C THR C 308 -19.57 -20.48 21.39
N LEU C 309 -19.41 -21.60 20.67
CA LEU C 309 -20.27 -21.90 19.53
C LEU C 309 -21.68 -22.25 20.01
N ALA C 310 -21.80 -23.10 21.03
CA ALA C 310 -23.13 -23.48 21.50
C ALA C 310 -23.91 -22.24 21.93
N ALA C 311 -23.20 -21.32 22.60
CA ALA C 311 -23.76 -20.06 23.03
C ALA C 311 -24.24 -19.22 21.84
N THR C 312 -23.45 -19.20 20.75
CA THR C 312 -23.82 -18.50 19.52
C THR C 312 -25.13 -19.07 18.95
N PHE C 313 -25.19 -20.41 18.81
CA PHE C 313 -26.38 -21.10 18.34
C PHE C 313 -27.62 -20.74 19.17
N VAL C 314 -27.45 -20.68 20.49
CA VAL C 314 -28.56 -20.41 21.39
C VAL C 314 -28.97 -18.93 21.30
N ASN C 315 -27.99 -18.03 21.38
CA ASN C 315 -28.30 -16.62 21.49
C ASN C 315 -28.71 -16.04 20.14
N CYS C 316 -27.95 -16.35 19.07
CA CYS C 316 -28.34 -15.90 17.75
C CYS C 316 -29.58 -16.64 17.30
N GLY C 317 -29.65 -17.92 17.65
CA GLY C 317 -30.82 -18.75 17.35
C GLY C 317 -32.09 -18.12 17.91
N ALA C 318 -32.07 -17.76 19.20
CA ALA C 318 -33.24 -17.21 19.87
C ALA C 318 -33.73 -15.97 19.15
N GLY C 319 -32.78 -15.08 18.79
CA GLY C 319 -33.12 -13.80 18.21
C GLY C 319 -33.30 -13.86 16.70
N ARG C 320 -32.98 -15.01 16.10
CA ARG C 320 -32.83 -15.15 14.65
C ARG C 320 -32.13 -13.91 14.08
N ALA C 321 -31.01 -13.55 14.72
CA ALA C 321 -30.36 -12.25 14.50
C ALA C 321 -28.85 -12.44 14.56
N ALA C 322 -28.20 -12.21 13.41
CA ALA C 322 -26.77 -12.38 13.28
C ALA C 322 -26.00 -11.53 14.30
N GLN C 323 -26.45 -10.30 14.56
CA GLN C 323 -25.65 -9.35 15.32
C GLN C 323 -25.30 -9.86 16.72
N ASN C 324 -26.10 -10.81 17.25
CA ASN C 324 -25.94 -11.28 18.62
C ASN C 324 -24.60 -11.99 18.81
N VAL C 325 -23.93 -12.35 17.70
CA VAL C 325 -22.73 -13.17 17.75
C VAL C 325 -21.58 -12.42 18.44
N SER C 326 -21.46 -11.10 18.18
CA SER C 326 -20.33 -10.35 18.70
C SER C 326 -20.36 -10.31 20.23
N SER C 327 -21.54 -10.09 20.81
CA SER C 327 -21.68 -10.06 22.25
C SER C 327 -21.64 -11.48 22.83
N THR C 328 -22.17 -12.47 22.09
CA THR C 328 -22.13 -13.85 22.55
C THR C 328 -20.69 -14.25 22.85
N LEU C 329 -19.79 -14.03 21.88
CA LEU C 329 -18.40 -14.43 21.98
C LEU C 329 -17.73 -13.74 23.16
N LEU C 330 -18.08 -12.47 23.37
CA LEU C 330 -17.50 -11.65 24.42
C LEU C 330 -17.98 -12.17 25.78
N TYR C 331 -19.30 -12.26 25.95
CA TYR C 331 -19.89 -12.48 27.26
C TYR C 331 -19.86 -13.95 27.66
N PHE C 332 -19.92 -14.86 26.66
CA PHE C 332 -19.74 -16.27 26.97
C PHE C 332 -18.41 -16.44 27.70
N ASN C 333 -17.35 -15.83 27.14
CA ASN C 333 -16.00 -16.03 27.64
C ASN C 333 -15.74 -15.22 28.89
N ASP C 334 -16.26 -13.99 28.92
CA ASP C 334 -16.08 -13.09 30.05
C ASP C 334 -16.72 -13.71 31.29
N ILE C 335 -17.99 -14.14 31.14
CA ILE C 335 -18.75 -14.68 32.26
C ILE C 335 -18.23 -16.05 32.67
N LEU C 336 -17.70 -16.82 31.71
CA LEU C 336 -17.08 -18.11 31.96
C LEU C 336 -15.89 -17.94 32.91
N GLU C 337 -15.06 -16.92 32.66
CA GLU C 337 -13.91 -16.65 33.51
C GLU C 337 -14.35 -16.25 34.90
N LYS C 338 -15.42 -15.44 34.98
CA LYS C 338 -15.93 -14.96 36.25
C LYS C 338 -16.48 -16.14 37.06
N GLU C 339 -17.04 -17.11 36.34
CA GLU C 339 -17.70 -18.27 36.92
C GLU C 339 -16.69 -19.22 37.53
N THR C 340 -15.47 -19.27 36.99
CA THR C 340 -14.56 -20.40 37.25
C THR C 340 -13.20 -19.93 37.75
N GLY C 341 -12.75 -18.75 37.34
CA GLY C 341 -11.38 -18.33 37.59
C GLY C 341 -10.41 -19.03 36.64
N LEU C 342 -10.94 -19.52 35.51
CA LEU C 342 -10.15 -20.13 34.46
C LEU C 342 -10.14 -19.20 33.25
N PRO C 343 -9.12 -19.27 32.36
CA PRO C 343 -9.11 -18.44 31.15
C PRO C 343 -10.19 -18.86 30.15
N GLY C 344 -10.81 -17.88 29.47
CA GLY C 344 -11.78 -18.15 28.44
C GLY C 344 -11.09 -18.66 27.18
N CYS C 345 -11.88 -18.88 26.12
CA CYS C 345 -11.36 -19.56 24.94
C CYS C 345 -10.21 -18.77 24.36
N ASP C 346 -9.14 -19.49 24.01
CA ASP C 346 -7.96 -18.93 23.37
C ASP C 346 -7.29 -17.95 24.33
N TYR C 347 -7.51 -18.16 25.64
CA TYR C 347 -6.78 -17.48 26.70
C TYR C 347 -7.00 -15.98 26.61
N GLY C 348 -8.23 -15.60 26.21
CA GLY C 348 -8.65 -14.21 26.17
C GLY C 348 -8.85 -13.73 24.73
N LYS C 349 -8.41 -14.53 23.76
CA LYS C 349 -8.35 -14.06 22.38
C LYS C 349 -9.72 -14.12 21.70
N VAL C 350 -10.59 -15.03 22.12
CA VAL C 350 -11.95 -15.02 21.59
C VAL C 350 -12.68 -13.77 22.12
N GLN C 351 -12.56 -13.53 23.43
CA GLN C 351 -13.14 -12.35 24.05
C GLN C 351 -12.56 -11.10 23.39
N GLY C 352 -11.24 -11.08 23.16
CA GLY C 352 -10.57 -9.98 22.48
C GLY C 352 -11.20 -9.67 21.12
N VAL C 353 -11.27 -10.68 20.27
CA VAL C 353 -11.87 -10.50 18.95
C VAL C 353 -13.28 -9.91 19.13
N ALA C 354 -14.04 -10.43 20.09
CA ALA C 354 -15.44 -10.10 20.28
C ALA C 354 -15.62 -8.65 20.72
N VAL C 355 -14.63 -8.12 21.45
CA VAL C 355 -14.68 -6.75 21.91
C VAL C 355 -14.62 -5.83 20.69
N GLY C 356 -13.59 -6.04 19.84
CA GLY C 356 -13.37 -5.23 18.65
C GLY C 356 -14.46 -5.49 17.61
N PHE C 357 -14.91 -6.75 17.55
CA PHE C 357 -15.94 -7.18 16.63
C PHE C 357 -17.28 -6.54 16.99
N SER C 358 -17.61 -6.50 18.29
CA SER C 358 -18.79 -5.79 18.76
C SER C 358 -18.76 -4.34 18.28
N PHE C 359 -17.69 -3.64 18.62
CA PHE C 359 -17.46 -2.26 18.25
C PHE C 359 -17.55 -2.09 16.73
N PHE C 360 -16.88 -2.95 15.96
CA PHE C 360 -16.83 -2.77 14.51
C PHE C 360 -18.06 -3.35 13.82
N SER C 361 -19.08 -3.72 14.61
CA SER C 361 -20.35 -4.15 14.04
C SER C 361 -21.50 -3.32 14.62
N HIS C 362 -21.14 -2.18 15.25
CA HIS C 362 -22.14 -1.30 15.86
C HIS C 362 -21.67 0.15 15.86
N SER C 363 -20.67 0.50 15.03
CA SER C 363 -20.05 1.82 15.12
C SER C 363 -19.88 2.43 13.72
N ILE C 364 -19.28 3.63 13.68
CA ILE C 364 -19.14 4.40 12.45
C ILE C 364 -17.88 4.02 11.69
N TYR C 365 -16.94 3.31 12.35
CA TYR C 365 -15.54 3.36 11.95
C TYR C 365 -15.16 2.38 10.84
N GLY C 366 -15.97 1.35 10.62
CA GLY C 366 -15.60 0.29 9.69
C GLY C 366 -16.39 -0.97 9.99
N GLY C 367 -15.84 -2.12 9.60
CA GLY C 367 -16.50 -3.42 9.72
C GLY C 367 -17.81 -3.41 8.95
N GLY C 368 -18.90 -3.71 9.67
CA GLY C 368 -20.22 -3.90 9.09
C GLY C 368 -21.01 -4.95 9.87
N GLY C 369 -22.06 -5.49 9.26
CA GLY C 369 -22.75 -6.64 9.82
C GLY C 369 -21.84 -7.86 9.91
N PRO C 370 -22.16 -8.87 10.75
CA PRO C 370 -21.29 -10.04 10.92
C PRO C 370 -20.82 -10.69 9.62
N GLY C 371 -21.65 -10.59 8.58
CA GLY C 371 -21.44 -11.32 7.33
C GLY C 371 -20.20 -10.89 6.55
N VAL C 372 -19.64 -9.71 6.88
CA VAL C 372 -18.57 -9.13 6.09
C VAL C 372 -17.22 -9.56 6.65
N PHE C 373 -17.23 -10.16 7.85
CA PHE C 373 -15.99 -10.50 8.55
C PHE C 373 -15.43 -11.85 8.10
N ASN C 374 -14.16 -12.08 8.44
CA ASN C 374 -13.44 -13.27 8.04
C ASN C 374 -12.17 -13.35 8.87
N GLY C 375 -11.44 -14.47 8.75
CA GLY C 375 -10.24 -14.70 9.55
C GLY C 375 -9.05 -13.84 9.12
N ASN C 376 -9.17 -13.13 8.00
CA ASN C 376 -8.09 -12.28 7.51
C ASN C 376 -8.41 -10.81 7.80
N HIS C 377 -9.65 -10.55 8.25
CA HIS C 377 -10.13 -9.21 8.55
C HIS C 377 -9.37 -8.68 9.77
N VAL C 378 -8.98 -7.40 9.73
CA VAL C 378 -8.17 -6.79 10.79
C VAL C 378 -8.85 -6.97 12.13
N VAL C 379 -10.19 -7.02 12.13
CA VAL C 379 -10.97 -7.02 13.36
C VAL C 379 -11.01 -8.40 14.00
N THR C 380 -11.14 -9.45 13.16
CA THR C 380 -11.52 -10.77 13.64
C THR C 380 -10.46 -11.83 13.40
N ARG C 381 -9.21 -11.44 13.12
CA ARG C 381 -8.15 -12.38 12.76
C ARG C 381 -7.49 -13.01 14.00
N HIS C 382 -7.66 -12.38 15.16
CA HIS C 382 -6.73 -12.50 16.27
C HIS C 382 -6.81 -13.85 16.98
N SER C 383 -8.03 -14.42 17.05
CA SER C 383 -8.21 -15.73 17.64
C SER C 383 -7.76 -16.79 16.64
N ARG C 384 -7.30 -17.94 17.15
CA ARG C 384 -6.74 -18.99 16.30
C ARG C 384 -7.85 -19.91 15.76
N GLY C 385 -8.78 -19.32 15.02
CA GLY C 385 -9.79 -20.11 14.33
C GLY C 385 -11.07 -20.29 15.15
N PHE C 386 -11.12 -19.78 16.39
CA PHE C 386 -12.19 -20.18 17.29
C PHE C 386 -13.35 -19.19 17.29
N ALA C 387 -13.22 -18.08 16.54
CA ALA C 387 -14.26 -17.06 16.55
C ALA C 387 -15.09 -17.10 15.28
N ILE C 388 -14.41 -17.12 14.12
CA ILE C 388 -15.08 -16.97 12.82
C ILE C 388 -16.13 -18.05 12.56
N PRO C 389 -15.93 -19.33 12.93
CA PRO C 389 -17.01 -20.33 12.78
C PRO C 389 -18.34 -19.90 13.40
N CYS C 390 -18.26 -19.24 14.56
CA CYS C 390 -19.43 -18.74 15.26
C CYS C 390 -20.10 -17.66 14.40
N VAL C 391 -19.27 -16.84 13.76
CA VAL C 391 -19.81 -15.75 12.96
C VAL C 391 -20.58 -16.35 11.78
N CYS C 392 -20.01 -17.40 11.16
CA CYS C 392 -20.67 -18.03 10.01
C CYS C 392 -22.00 -18.65 10.44
N ALA C 393 -22.01 -19.25 11.64
CA ALA C 393 -23.22 -19.78 12.24
C ALA C 393 -24.26 -18.68 12.43
N ALA C 394 -23.83 -17.55 12.98
CA ALA C 394 -24.70 -16.42 13.26
C ALA C 394 -25.38 -15.94 11.98
N VAL C 395 -24.60 -15.76 10.92
CA VAL C 395 -25.07 -15.29 9.64
C VAL C 395 -26.11 -16.26 9.08
N ALA C 396 -25.84 -17.56 9.21
CA ALA C 396 -26.75 -18.60 8.78
C ALA C 396 -28.12 -18.46 9.44
N LEU C 397 -28.14 -18.00 10.70
CA LEU C 397 -29.31 -18.05 11.57
C LEU C 397 -30.18 -16.80 11.41
N ASP C 398 -29.68 -15.80 10.69
CA ASP C 398 -30.38 -14.53 10.60
C ASP C 398 -31.64 -14.72 9.76
N ALA C 399 -32.76 -14.18 10.25
CA ALA C 399 -34.05 -14.39 9.61
C ALA C 399 -34.45 -13.16 8.79
N GLY C 400 -33.59 -12.12 8.81
CA GLY C 400 -33.71 -11.01 7.88
C GLY C 400 -33.59 -9.64 8.56
N THR C 401 -32.56 -9.48 9.41
CA THR C 401 -32.30 -8.22 10.10
C THR C 401 -31.25 -7.41 9.32
N GLN C 402 -30.52 -8.08 8.43
CA GLN C 402 -29.30 -7.53 7.84
C GLN C 402 -29.60 -6.76 6.56
N MET C 403 -28.80 -5.70 6.31
CA MET C 403 -28.82 -5.00 5.05
C MET C 403 -27.91 -5.76 4.07
N PHE C 404 -26.75 -6.19 4.56
CA PHE C 404 -25.82 -6.92 3.73
C PHE C 404 -26.08 -8.41 3.89
N THR C 405 -27.17 -8.86 3.23
CA THR C 405 -27.64 -10.24 3.28
C THR C 405 -26.62 -11.15 2.61
N ILE C 406 -26.81 -12.46 2.83
CA ILE C 406 -26.02 -13.48 2.17
C ILE C 406 -26.12 -13.30 0.65
N GLU C 407 -27.33 -13.03 0.14
CA GLU C 407 -27.58 -12.88 -1.29
C GLU C 407 -26.81 -11.69 -1.86
N SER C 408 -26.82 -10.56 -1.14
CA SER C 408 -26.29 -9.32 -1.68
C SER C 408 -24.78 -9.44 -1.91
N THR C 409 -24.09 -10.22 -1.07
CA THR C 409 -22.64 -10.31 -1.16
C THR C 409 -22.24 -11.63 -1.81
N SER C 410 -23.11 -12.64 -1.77
CA SER C 410 -22.66 -14.01 -1.89
C SER C 410 -23.56 -14.86 -2.79
N GLY C 411 -24.53 -14.23 -3.45
CA GLY C 411 -25.54 -14.95 -4.24
C GLY C 411 -24.90 -15.84 -5.30
N LEU C 412 -23.96 -15.27 -6.07
CA LEU C 412 -23.22 -15.99 -7.09
C LEU C 412 -22.48 -17.17 -6.45
N ILE C 413 -21.76 -16.90 -5.36
CA ILE C 413 -20.96 -17.93 -4.71
C ILE C 413 -21.89 -19.06 -4.23
N GLY C 414 -23.00 -18.68 -3.57
CA GLY C 414 -24.00 -19.64 -3.11
C GLY C 414 -24.51 -20.53 -4.25
N ASP C 415 -24.94 -19.90 -5.35
CA ASP C 415 -25.48 -20.61 -6.51
C ASP C 415 -24.46 -21.63 -7.04
N VAL C 416 -23.18 -21.25 -7.05
CA VAL C 416 -22.18 -22.03 -7.77
C VAL C 416 -21.55 -23.07 -6.85
N PHE C 417 -21.10 -22.64 -5.67
CA PHE C 417 -20.34 -23.51 -4.78
C PHE C 417 -21.26 -24.33 -3.90
N GLY C 418 -22.49 -23.83 -3.67
CA GLY C 418 -23.46 -24.52 -2.84
C GLY C 418 -23.92 -25.83 -3.45
N SER C 419 -23.62 -26.04 -4.74
CA SER C 419 -24.00 -27.25 -5.45
C SER C 419 -23.05 -28.39 -5.11
N ILE C 420 -21.90 -28.08 -4.50
CA ILE C 420 -20.84 -29.05 -4.26
C ILE C 420 -21.01 -29.67 -2.88
N GLU C 421 -21.17 -31.00 -2.84
CA GLU C 421 -21.69 -31.67 -1.66
C GLU C 421 -20.70 -31.67 -0.50
N GLU C 422 -19.39 -31.68 -0.80
CA GLU C 422 -18.39 -31.71 0.26
C GLU C 422 -18.35 -30.36 0.99
N PHE C 423 -18.80 -29.31 0.31
CA PHE C 423 -18.87 -27.96 0.86
C PHE C 423 -20.18 -27.80 1.65
N ARG C 424 -21.27 -28.31 1.07
CA ARG C 424 -22.61 -28.18 1.65
C ARG C 424 -22.73 -29.04 2.91
N GLN C 425 -22.02 -30.18 2.91
CA GLN C 425 -22.04 -31.16 3.98
C GLN C 425 -20.64 -31.47 4.49
N PRO C 426 -19.95 -30.50 5.14
CA PRO C 426 -18.54 -30.66 5.48
C PRO C 426 -18.23 -31.64 6.62
N ILE C 427 -19.18 -31.81 7.55
CA ILE C 427 -18.99 -32.76 8.63
C ILE C 427 -18.99 -34.18 8.06
N LYS C 428 -19.98 -34.47 7.21
CA LYS C 428 -20.06 -35.74 6.50
C LYS C 428 -18.78 -35.94 5.69
N ALA C 429 -18.32 -34.87 5.02
CA ALA C 429 -17.13 -34.96 4.20
C ALA C 429 -15.93 -35.42 5.05
N VAL C 430 -15.73 -34.78 6.20
CA VAL C 430 -14.57 -35.05 7.04
C VAL C 430 -14.70 -36.44 7.66
N ALA C 431 -15.94 -36.86 7.91
CA ALA C 431 -16.22 -38.12 8.58
C ALA C 431 -16.27 -39.27 7.58
N GLY C 432 -16.12 -38.96 6.29
CA GLY C 432 -16.15 -39.95 5.23
C GLY C 432 -17.54 -40.52 4.96
N ALA C 433 -18.57 -39.68 5.04
CA ALA C 433 -19.96 -40.12 4.94
C ALA C 433 -20.71 -39.40 3.82
N SER D 2 0.80 -30.40 -34.18
CA SER D 2 1.79 -31.09 -33.31
C SER D 2 3.20 -30.53 -33.57
N ASP D 3 3.99 -30.42 -32.50
CA ASP D 3 5.35 -29.90 -32.63
C ASP D 3 6.27 -30.73 -31.74
N THR D 4 7.36 -31.23 -32.32
CA THR D 4 8.32 -31.98 -31.55
C THR D 4 9.70 -31.34 -31.73
N VAL D 5 10.57 -31.53 -30.73
CA VAL D 5 11.92 -30.99 -30.75
C VAL D 5 12.84 -32.03 -30.12
N ASP D 6 14.13 -31.94 -30.43
CA ASP D 6 15.14 -32.68 -29.70
C ASP D 6 15.66 -31.78 -28.58
N ILE D 7 15.93 -32.37 -27.41
CA ILE D 7 16.44 -31.61 -26.28
C ILE D 7 17.91 -31.94 -26.11
N TYR D 8 18.74 -30.89 -26.06
CA TYR D 8 20.18 -31.02 -25.88
C TYR D 8 20.60 -30.33 -24.59
N ASP D 9 21.68 -30.81 -23.98
CA ASP D 9 22.13 -30.27 -22.71
C ASP D 9 23.01 -29.05 -22.96
N ASP D 10 23.60 -28.53 -21.88
CA ASP D 10 24.36 -27.30 -21.89
C ASP D 10 25.70 -27.49 -22.61
N ARG D 11 26.07 -28.75 -22.91
CA ARG D 11 27.30 -29.00 -23.64
C ARG D 11 27.00 -29.53 -25.05
N GLY D 12 25.76 -29.37 -25.49
CA GLY D 12 25.36 -29.75 -26.84
C GLY D 12 25.29 -31.26 -27.04
N LYS D 13 25.00 -32.00 -25.96
CA LYS D 13 24.76 -33.43 -26.09
C LYS D 13 23.25 -33.69 -26.09
N LEU D 14 22.80 -34.50 -27.06
CA LEU D 14 21.43 -34.98 -27.18
C LEU D 14 21.00 -35.66 -25.87
N LEU D 15 19.83 -35.26 -25.35
CA LEU D 15 19.26 -35.86 -24.15
C LEU D 15 18.04 -36.70 -24.51
N GLU D 16 17.21 -36.20 -25.42
CA GLU D 16 15.94 -36.83 -25.71
C GLU D 16 15.49 -36.35 -27.10
N SER D 17 14.92 -37.28 -27.88
CA SER D 17 14.56 -36.98 -29.25
C SER D 17 13.04 -36.98 -29.43
N ASN D 18 12.57 -36.14 -30.36
CA ASN D 18 11.21 -36.17 -30.85
C ASN D 18 10.23 -35.95 -29.70
N VAL D 19 10.56 -35.00 -28.81
CA VAL D 19 9.75 -34.66 -27.65
C VAL D 19 8.62 -33.74 -28.11
N ASP D 20 7.38 -34.12 -27.78
CA ASP D 20 6.22 -33.26 -27.99
C ASP D 20 6.34 -32.07 -27.04
N ILE D 21 6.27 -30.84 -27.58
CA ILE D 21 6.44 -29.65 -26.77
C ILE D 21 5.37 -29.58 -25.68
N MET D 22 4.21 -30.21 -25.91
CA MET D 22 3.12 -30.20 -24.95
C MET D 22 3.55 -30.88 -23.64
N SER D 23 4.46 -31.85 -23.77
CA SER D 23 4.94 -32.61 -22.63
C SER D 23 5.93 -31.79 -21.80
N LEU D 24 6.28 -30.60 -22.30
CA LEU D 24 7.18 -29.68 -21.61
C LEU D 24 6.40 -28.68 -20.76
N ALA D 25 5.07 -28.70 -20.86
CA ALA D 25 4.22 -27.76 -20.15
C ALA D 25 4.38 -27.93 -18.64
N PRO D 26 4.47 -26.81 -17.87
CA PRO D 26 4.47 -26.91 -16.41
C PRO D 26 3.30 -27.76 -15.91
N THR D 27 2.17 -27.72 -16.63
CA THR D 27 0.95 -28.40 -16.21
C THR D 27 1.02 -29.90 -16.49
N ARG D 28 2.04 -30.35 -17.25
CA ARG D 28 2.13 -31.74 -17.68
C ARG D 28 3.45 -32.39 -17.25
N ASN D 29 4.52 -31.61 -17.15
CA ASN D 29 5.87 -32.17 -17.02
C ASN D 29 6.16 -32.48 -15.56
N ALA D 30 6.32 -33.77 -15.26
CA ALA D 30 6.56 -34.24 -13.90
C ALA D 30 7.76 -33.54 -13.27
N ALA D 31 8.81 -33.31 -14.06
CA ALA D 31 10.05 -32.74 -13.55
C ALA D 31 9.89 -31.26 -13.22
N ILE D 32 9.11 -30.54 -14.03
CA ILE D 32 8.80 -29.15 -13.73
C ILE D 32 7.96 -29.08 -12.45
N LYS D 33 6.92 -29.92 -12.37
CA LYS D 33 6.06 -29.99 -11.22
C LYS D 33 6.87 -30.21 -9.94
N LYS D 34 7.90 -31.08 -10.05
CA LYS D 34 8.71 -31.41 -8.89
C LYS D 34 9.57 -30.20 -8.48
N ILE D 35 10.09 -29.47 -9.48
CA ILE D 35 10.88 -28.28 -9.22
C ILE D 35 10.03 -27.26 -8.48
N ILE D 36 8.81 -27.03 -8.97
CA ILE D 36 7.91 -26.06 -8.36
C ILE D 36 7.58 -26.48 -6.94
N LEU D 37 7.18 -27.75 -6.76
CA LEU D 37 6.76 -28.22 -5.45
C LEU D 37 7.93 -28.09 -4.47
N ASP D 38 9.13 -28.47 -4.92
CA ASP D 38 10.32 -28.41 -4.08
C ASP D 38 10.69 -26.96 -3.79
N THR D 39 10.47 -26.08 -4.78
CA THR D 39 10.71 -24.64 -4.59
C THR D 39 9.76 -24.10 -3.52
N LYS D 40 8.48 -24.50 -3.60
CA LYS D 40 7.47 -24.07 -2.66
C LYS D 40 7.82 -24.48 -1.23
N ARG D 41 8.29 -25.71 -1.04
CA ARG D 41 8.32 -26.32 0.28
C ARG D 41 9.69 -26.16 0.96
N SER D 42 10.64 -25.47 0.31
CA SER D 42 12.00 -25.40 0.85
C SER D 42 12.34 -24.00 1.35
N VAL D 43 13.05 -23.95 2.49
CA VAL D 43 13.57 -22.70 3.02
C VAL D 43 14.97 -22.94 3.56
N ALA D 44 15.74 -21.86 3.65
CA ALA D 44 17.05 -21.87 4.28
C ALA D 44 16.96 -21.19 5.64
N VAL D 45 17.77 -21.67 6.58
CA VAL D 45 17.79 -21.11 7.91
C VAL D 45 19.25 -20.82 8.25
N SER D 46 19.53 -19.57 8.65
CA SER D 46 20.87 -19.22 9.09
C SER D 46 20.97 -19.38 10.60
N LEU D 47 21.52 -20.53 11.03
CA LEU D 47 21.72 -20.76 12.45
C LEU D 47 22.76 -19.78 13.00
N ALA D 48 23.76 -19.43 12.18
CA ALA D 48 24.77 -18.46 12.56
C ALA D 48 24.13 -17.09 12.77
N GLY D 49 23.22 -16.72 11.86
CA GLY D 49 22.44 -15.49 11.93
C GLY D 49 21.64 -15.40 13.23
N ILE D 50 20.89 -16.46 13.53
CA ILE D 50 20.05 -16.46 14.73
C ILE D 50 20.96 -16.32 15.96
N GLN D 51 22.09 -17.03 15.93
CA GLN D 51 23.02 -17.09 17.05
C GLN D 51 23.50 -15.69 17.41
N GLY D 52 24.00 -14.96 16.40
CA GLY D 52 24.52 -13.61 16.60
C GLY D 52 23.42 -12.62 17.01
N ALA D 53 22.20 -12.80 16.49
CA ALA D 53 21.07 -11.96 16.83
C ALA D 53 20.71 -12.11 18.29
N LEU D 54 20.66 -13.38 18.76
CA LEU D 54 20.41 -13.72 20.15
C LEU D 54 21.43 -13.03 21.05
N ALA D 55 22.71 -13.10 20.65
CA ALA D 55 23.82 -12.65 21.49
C ALA D 55 23.89 -11.13 21.53
N SER D 56 23.65 -10.49 20.38
CA SER D 56 23.85 -9.05 20.22
C SER D 56 22.55 -8.27 20.42
N GLY D 57 21.40 -8.90 20.19
CA GLY D 57 20.14 -8.18 20.20
C GLY D 57 19.84 -7.53 18.85
N LYS D 58 20.71 -7.76 17.86
CA LYS D 58 20.53 -7.21 16.53
C LYS D 58 19.58 -8.09 15.74
N MET D 59 18.28 -7.77 15.85
CA MET D 59 17.22 -8.52 15.18
C MET D 59 16.15 -7.53 14.72
N GLY D 60 15.48 -7.86 13.61
CA GLY D 60 14.29 -7.13 13.22
C GLY D 60 14.49 -6.11 12.11
N GLY D 61 15.73 -5.98 11.62
CA GLY D 61 15.94 -5.13 10.46
C GLY D 61 17.22 -4.29 10.55
N LYS D 62 17.43 -3.48 9.51
CA LYS D 62 18.63 -2.67 9.37
C LYS D 62 18.74 -1.67 10.53
N GLY D 63 19.88 -1.73 11.22
CA GLY D 63 20.22 -0.80 12.29
C GLY D 63 19.68 -1.24 13.65
N ARG D 64 18.77 -2.22 13.68
CA ARG D 64 18.09 -2.57 14.93
C ARG D 64 19.04 -3.24 15.92
N GLN D 65 18.95 -2.82 17.18
CA GLN D 65 19.60 -3.57 18.26
C GLN D 65 18.82 -3.34 19.55
N ILE D 66 18.43 -4.44 20.20
CA ILE D 66 17.80 -4.39 21.52
C ILE D 66 18.89 -4.66 22.56
N LEU D 67 19.22 -3.64 23.35
CA LEU D 67 20.26 -3.72 24.36
C LEU D 67 19.73 -4.43 25.60
N GLY D 68 20.63 -5.17 26.26
CA GLY D 68 20.41 -5.70 27.59
C GLY D 68 19.51 -6.92 27.63
N ARG D 69 19.44 -7.67 26.52
CA ARG D 69 18.60 -8.86 26.43
C ARG D 69 19.36 -10.02 25.80
N GLY D 70 20.69 -10.04 25.98
CA GLY D 70 21.54 -11.02 25.34
C GLY D 70 21.21 -12.45 25.77
N LEU D 71 21.15 -13.35 24.78
CA LEU D 71 21.00 -14.78 24.99
C LEU D 71 22.15 -15.47 24.26
N ASN D 72 22.95 -16.25 25.00
CA ASN D 72 24.14 -16.88 24.46
C ASN D 72 23.87 -18.37 24.30
N TYR D 73 23.48 -18.76 23.09
CA TYR D 73 23.14 -20.13 22.78
C TYR D 73 24.04 -20.58 21.64
N ASP D 74 24.69 -21.73 21.84
CA ASP D 74 25.57 -22.28 20.82
C ASP D 74 24.74 -23.08 19.82
N LEU D 75 24.14 -22.38 18.84
CA LEU D 75 23.31 -23.02 17.83
C LEU D 75 24.19 -23.79 16.87
N VAL D 76 25.27 -23.15 16.38
CA VAL D 76 26.14 -23.74 15.37
C VAL D 76 26.72 -25.06 15.90
N GLY D 77 27.13 -25.08 17.17
CA GLY D 77 27.76 -26.24 17.77
C GLY D 77 26.76 -27.36 18.06
N ASN D 78 25.47 -27.04 18.04
CA ASN D 78 24.43 -28.02 18.34
C ASN D 78 23.56 -28.31 17.11
N ALA D 79 24.11 -28.08 15.91
CA ALA D 79 23.30 -27.99 14.70
C ALA D 79 22.65 -29.33 14.34
N ASP D 80 23.36 -30.44 14.58
CA ASP D 80 22.84 -31.77 14.28
C ASP D 80 21.59 -32.04 15.11
N ALA D 81 21.67 -31.79 16.42
CA ALA D 81 20.54 -32.02 17.33
C ALA D 81 19.40 -31.07 16.99
N ILE D 82 19.72 -29.82 16.66
CA ILE D 82 18.74 -28.84 16.24
C ILE D 82 18.02 -29.37 15.00
N ALA D 83 18.80 -29.83 14.01
CA ALA D 83 18.25 -30.28 12.75
C ALA D 83 17.27 -31.42 12.98
N GLU D 84 17.60 -32.30 13.93
CA GLU D 84 16.78 -33.46 14.23
C GLU D 84 15.48 -33.02 14.89
N ASN D 85 15.56 -32.11 15.88
CA ASN D 85 14.39 -31.59 16.55
C ASN D 85 13.50 -30.84 15.56
N VAL D 86 14.13 -30.07 14.66
CA VAL D 86 13.42 -29.27 13.67
C VAL D 86 12.62 -30.19 12.76
N LYS D 87 13.28 -31.27 12.30
CA LYS D 87 12.65 -32.28 11.46
C LYS D 87 11.38 -32.82 12.12
N ASN D 88 11.50 -33.20 13.40
CA ASN D 88 10.39 -33.75 14.17
C ASN D 88 9.21 -32.80 14.16
N LEU D 89 9.49 -31.49 14.23
CA LEU D 89 8.45 -30.49 14.30
C LEU D 89 7.90 -30.16 12.91
N VAL D 90 8.78 -30.16 11.90
CA VAL D 90 8.37 -29.77 10.57
C VAL D 90 7.55 -30.88 9.92
N GLN D 91 7.91 -32.14 10.23
CA GLN D 91 7.31 -33.28 9.58
C GLN D 91 5.85 -33.44 10.00
N VAL D 92 5.08 -34.10 9.13
CA VAL D 92 3.67 -34.32 9.39
C VAL D 92 3.48 -35.76 9.88
N ASP D 93 4.12 -36.71 9.21
CA ASP D 93 4.11 -38.11 9.61
C ASP D 93 5.52 -38.69 9.45
N GLU D 94 5.93 -39.50 10.43
CA GLU D 94 7.19 -40.23 10.39
C GLU D 94 7.36 -40.84 8.99
N GLY D 95 8.51 -40.59 8.37
CA GLY D 95 8.84 -41.18 7.09
C GLY D 95 8.11 -40.55 5.90
N ASP D 96 7.65 -39.30 6.05
CA ASP D 96 7.14 -38.55 4.91
C ASP D 96 8.32 -37.90 4.19
N ASP D 97 8.07 -36.93 3.30
CA ASP D 97 9.13 -36.37 2.48
C ASP D 97 9.76 -35.12 3.10
N THR D 98 9.62 -34.96 4.42
CA THR D 98 10.34 -33.91 5.13
C THR D 98 11.84 -34.17 5.00
N SER D 99 12.61 -33.11 4.83
CA SER D 99 14.06 -33.20 4.91
C SER D 99 14.60 -31.97 5.63
N VAL D 100 15.54 -32.20 6.56
CA VAL D 100 16.25 -31.12 7.22
C VAL D 100 17.73 -31.49 7.20
N LYS D 101 18.55 -30.68 6.51
CA LYS D 101 19.96 -30.96 6.36
C LYS D 101 20.80 -29.80 6.92
N VAL D 102 21.87 -30.17 7.64
CA VAL D 102 22.84 -29.23 8.19
C VAL D 102 23.77 -28.83 7.06
N ILE D 103 23.90 -27.51 6.82
CA ILE D 103 24.69 -26.93 5.73
C ILE D 103 25.92 -26.23 6.32
N LYS D 104 26.98 -26.18 5.50
CA LYS D 104 28.29 -25.61 5.80
C LYS D 104 28.61 -25.61 7.29
N GLY D 105 28.87 -26.81 7.82
CA GLY D 105 29.48 -27.01 9.12
C GLY D 105 28.59 -26.58 10.30
N GLY D 106 27.28 -26.43 10.05
CA GLY D 106 26.34 -26.13 11.10
C GLY D 106 25.90 -24.67 11.13
N LYS D 107 26.33 -23.90 10.12
CA LYS D 107 25.99 -22.49 10.07
C LYS D 107 24.59 -22.31 9.49
N SER D 108 24.10 -23.32 8.76
CA SER D 108 22.82 -23.19 8.07
C SER D 108 22.05 -24.50 8.07
N LEU D 109 20.74 -24.41 7.80
CA LEU D 109 19.88 -25.56 7.60
C LEU D 109 19.19 -25.40 6.25
N LEU D 110 19.03 -26.52 5.53
CA LEU D 110 18.00 -26.65 4.50
C LEU D 110 16.80 -27.31 5.15
N ILE D 111 15.63 -26.68 5.02
CA ILE D 111 14.40 -27.32 5.45
C ILE D 111 13.52 -27.53 4.23
N GLN D 112 13.17 -28.79 3.98
CA GLN D 112 12.15 -29.11 2.99
C GLN D 112 10.92 -29.61 3.73
N ALA D 113 9.92 -28.72 3.84
CA ALA D 113 8.66 -29.08 4.45
C ALA D 113 8.01 -30.21 3.66
N PRO D 114 7.25 -31.11 4.32
CA PRO D 114 6.58 -32.21 3.61
C PRO D 114 5.54 -31.67 2.63
N SER D 115 5.34 -32.37 1.51
CA SER D 115 4.46 -31.85 0.48
C SER D 115 3.00 -31.79 0.93
N SER D 116 2.66 -32.47 2.04
CA SER D 116 1.32 -32.39 2.60
C SER D 116 0.97 -30.96 3.02
N ARG D 117 1.97 -30.21 3.48
CA ARG D 117 1.78 -28.84 3.95
C ARG D 117 1.46 -27.93 2.76
N ILE D 118 2.05 -28.24 1.60
CA ILE D 118 1.77 -27.51 0.37
C ILE D 118 0.37 -27.86 -0.12
N ALA D 119 0.05 -29.16 -0.13
CA ALA D 119 -1.26 -29.60 -0.60
C ALA D 119 -2.38 -28.98 0.24
N ALA D 120 -2.14 -28.89 1.56
CA ALA D 120 -3.13 -28.37 2.49
C ALA D 120 -3.06 -26.85 2.57
N GLY D 121 -2.11 -26.23 1.86
CA GLY D 121 -1.92 -24.79 1.90
C GLY D 121 -2.53 -24.11 0.67
N ALA D 122 -2.83 -22.81 0.82
CA ALA D 122 -3.25 -22.02 -0.33
C ALA D 122 -2.04 -21.68 -1.19
N ASP D 123 -0.87 -21.55 -0.54
CA ASP D 123 0.32 -21.10 -1.25
C ASP D 123 1.54 -21.88 -0.77
N TYR D 124 2.62 -21.16 -0.45
CA TYR D 124 3.91 -21.80 -0.19
C TYR D 124 4.50 -21.33 1.13
N MET D 125 3.81 -20.40 1.82
CA MET D 125 4.40 -19.76 2.99
C MET D 125 4.53 -20.72 4.18
N SER D 126 3.84 -21.86 4.16
CA SER D 126 3.93 -22.82 5.27
C SER D 126 5.37 -23.28 5.48
N ALA D 127 6.16 -23.37 4.40
CA ALA D 127 7.53 -23.80 4.55
C ALA D 127 8.30 -22.81 5.43
N THR D 128 8.03 -21.50 5.22
CA THR D 128 8.63 -20.44 6.01
C THR D 128 8.08 -20.46 7.43
N THR D 129 6.75 -20.43 7.57
CA THR D 129 6.12 -20.25 8.87
C THR D 129 6.36 -21.48 9.74
N VAL D 130 6.23 -22.68 9.16
CA VAL D 130 6.47 -23.91 9.90
C VAL D 130 7.96 -24.08 10.15
N GLY D 131 8.79 -23.76 9.15
CA GLY D 131 10.23 -23.81 9.35
C GLY D 131 10.68 -22.91 10.49
N ALA D 132 10.18 -21.66 10.52
CA ALA D 132 10.51 -20.72 11.58
C ALA D 132 9.93 -21.14 12.92
N ALA D 133 8.67 -21.63 12.91
CA ALA D 133 8.04 -22.12 14.13
C ALA D 133 8.86 -23.24 14.76
N ALA D 134 9.32 -24.17 13.92
CA ALA D 134 10.02 -25.36 14.39
C ALA D 134 11.35 -24.96 15.03
N VAL D 135 12.08 -24.05 14.36
CA VAL D 135 13.35 -23.54 14.84
C VAL D 135 13.16 -22.80 16.18
N THR D 136 12.15 -21.92 16.24
CA THR D 136 11.86 -21.18 17.46
C THR D 136 11.61 -22.17 18.59
N GLN D 137 10.72 -23.15 18.32
CA GLN D 137 10.32 -24.13 19.33
C GLN D 137 11.55 -24.90 19.80
N THR D 138 12.41 -25.31 18.86
CA THR D 138 13.59 -26.12 19.15
C THR D 138 14.56 -25.34 20.03
N ILE D 139 14.76 -24.06 19.71
CA ILE D 139 15.65 -23.21 20.48
C ILE D 139 15.14 -23.09 21.91
N ILE D 140 13.84 -22.80 22.07
CA ILE D 140 13.22 -22.66 23.38
C ILE D 140 13.46 -23.95 24.17
N ASP D 141 13.14 -25.09 23.53
CA ASP D 141 13.25 -26.42 24.10
C ASP D 141 14.69 -26.70 24.51
N MET D 142 15.63 -26.43 23.60
CA MET D 142 17.00 -26.90 23.76
C MET D 142 17.70 -26.12 24.86
N PHE D 143 17.44 -24.80 24.92
CA PHE D 143 18.23 -23.89 25.74
C PHE D 143 17.43 -23.38 26.94
N GLY D 144 16.18 -23.81 27.07
CA GLY D 144 15.37 -23.48 28.25
C GLY D 144 15.18 -21.97 28.41
N THR D 145 14.83 -21.30 27.32
CA THR D 145 14.52 -19.88 27.31
C THR D 145 13.40 -19.59 28.31
N ASP D 146 13.62 -18.64 29.21
CA ASP D 146 12.58 -18.21 30.12
C ASP D 146 11.44 -17.60 29.28
N MET D 147 10.20 -17.70 29.78
CA MET D 147 9.09 -17.18 28.98
C MET D 147 9.23 -15.67 28.82
N TYR D 148 9.85 -15.01 29.81
CA TYR D 148 10.03 -13.56 29.76
C TYR D 148 11.10 -13.19 28.72
N ASP D 149 11.84 -14.19 28.22
CA ASP D 149 12.77 -13.95 27.13
C ASP D 149 12.27 -14.57 25.82
N ALA D 150 11.10 -15.20 25.84
CA ALA D 150 10.57 -15.84 24.65
C ALA D 150 10.50 -14.87 23.48
N PRO D 151 10.11 -13.58 23.67
CA PRO D 151 10.00 -12.64 22.55
C PRO D 151 11.29 -12.41 21.78
N ILE D 152 12.41 -12.47 22.51
CA ILE D 152 13.75 -12.22 21.99
C ILE D 152 14.16 -13.41 21.13
N ALA D 153 13.97 -14.62 21.66
CA ALA D 153 14.32 -15.83 20.92
C ALA D 153 13.50 -15.90 19.64
N LYS D 154 12.19 -15.63 19.75
CA LYS D 154 11.30 -15.72 18.60
C LYS D 154 11.77 -14.79 17.48
N SER D 155 12.04 -13.52 17.83
CA SER D 155 12.38 -12.53 16.81
C SER D 155 13.79 -12.71 16.25
N ALA D 156 14.70 -13.33 17.01
CA ALA D 156 15.98 -13.73 16.44
C ALA D 156 15.75 -14.52 15.15
N VAL D 157 14.63 -15.25 15.11
CA VAL D 157 14.28 -16.12 13.98
C VAL D 157 13.40 -15.36 12.98
N TRP D 158 12.31 -14.75 13.48
CA TRP D 158 11.25 -14.22 12.63
C TRP D 158 11.48 -12.74 12.28
N GLY D 159 12.41 -12.08 12.98
CA GLY D 159 12.64 -10.66 12.74
C GLY D 159 11.47 -9.81 13.22
N SER D 160 11.01 -8.88 12.36
CA SER D 160 10.04 -7.88 12.78
C SER D 160 8.60 -8.33 12.51
N TYR D 161 8.43 -9.56 12.01
CA TYR D 161 7.08 -10.08 11.77
C TYR D 161 6.40 -10.33 13.12
N PRO D 162 5.10 -9.95 13.33
CA PRO D 162 4.24 -9.32 12.32
C PRO D 162 4.02 -7.81 12.28
N GLN D 163 4.94 -7.04 12.87
CA GLN D 163 4.91 -5.59 12.67
C GLN D 163 5.14 -5.33 11.19
N THR D 164 6.11 -6.03 10.58
CA THR D 164 6.36 -6.00 9.16
C THR D 164 5.61 -7.14 8.49
N MET D 165 5.36 -7.01 7.18
CA MET D 165 4.60 -8.00 6.44
C MET D 165 5.45 -9.24 6.21
N ASP D 166 6.77 -9.07 6.30
CA ASP D 166 7.74 -10.12 6.04
C ASP D 166 8.57 -10.36 7.29
N LEU D 167 9.44 -11.37 7.24
CA LEU D 167 10.35 -11.67 8.33
C LEU D 167 11.55 -10.75 8.24
N MET D 168 11.30 -9.44 8.31
CA MET D 168 12.34 -8.45 8.09
C MET D 168 13.37 -8.56 9.21
N GLY D 169 14.65 -8.69 8.81
CA GLY D 169 15.74 -8.87 9.74
C GLY D 169 15.67 -10.20 10.48
N GLY D 170 15.02 -11.20 9.86
CA GLY D 170 14.99 -12.54 10.42
C GLY D 170 15.98 -13.48 9.72
N ASN D 171 15.86 -14.79 9.96
CA ASN D 171 16.88 -15.71 9.50
C ASN D 171 16.27 -16.90 8.78
N VAL D 172 15.07 -16.73 8.21
CA VAL D 172 14.43 -17.80 7.47
C VAL D 172 13.98 -17.22 6.13
N GLN D 173 14.49 -17.81 5.04
CA GLN D 173 14.16 -17.35 3.69
C GLN D 173 14.22 -18.53 2.74
N GLY D 174 13.29 -18.52 1.77
CA GLY D 174 13.34 -19.41 0.63
C GLY D 174 13.70 -18.62 -0.63
N VAL D 175 13.45 -19.24 -1.79
CA VAL D 175 13.79 -18.68 -3.08
C VAL D 175 12.74 -17.65 -3.48
N LEU D 176 11.52 -17.84 -2.97
CA LEU D 176 10.38 -17.01 -3.35
C LEU D 176 10.30 -15.79 -2.42
N SER D 177 9.32 -14.93 -2.66
CA SER D 177 9.03 -13.80 -1.79
C SER D 177 7.65 -14.01 -1.18
N ILE D 178 7.18 -13.08 -0.34
CA ILE D 178 5.86 -13.24 0.25
C ILE D 178 4.80 -12.96 -0.81
N PRO D 179 3.62 -13.62 -0.77
CA PRO D 179 2.57 -13.41 -1.78
C PRO D 179 2.21 -11.96 -2.05
N GLN D 180 2.21 -11.13 -1.01
CA GLN D 180 1.70 -9.78 -1.11
C GLN D 180 2.63 -8.89 -1.94
N ASN D 181 3.84 -9.40 -2.27
CA ASN D 181 4.78 -8.67 -3.12
C ASN D 181 4.45 -8.86 -4.60
N ASN D 182 3.44 -9.68 -4.91
CA ASN D 182 3.09 -9.96 -6.30
C ASN D 182 2.47 -8.72 -6.92
N GLU D 183 2.96 -8.38 -8.12
CA GLU D 183 2.36 -7.28 -8.86
C GLU D 183 1.04 -7.72 -9.47
N GLY D 184 0.99 -8.96 -9.94
CA GLY D 184 -0.19 -9.44 -10.65
C GLY D 184 -0.65 -10.80 -10.12
N LEU D 185 -1.67 -11.33 -10.79
CA LEU D 185 -2.26 -12.61 -10.40
C LEU D 185 -1.51 -13.75 -11.11
N GLY D 186 -0.97 -14.67 -10.30
CA GLY D 186 -0.20 -15.79 -10.79
C GLY D 186 1.29 -15.47 -10.93
N PHE D 187 1.79 -14.55 -10.10
CA PHE D 187 3.11 -13.96 -10.30
C PHE D 187 4.15 -14.49 -9.30
N SER D 188 3.72 -15.32 -8.34
CA SER D 188 4.64 -15.68 -7.26
C SER D 188 5.92 -16.32 -7.79
N LEU D 189 5.79 -17.17 -8.81
CA LEU D 189 6.91 -17.93 -9.36
C LEU D 189 7.82 -17.04 -10.21
N ARG D 190 7.33 -15.84 -10.56
CA ARG D 190 8.10 -14.86 -11.31
C ARG D 190 8.93 -14.00 -10.37
N ASN D 191 8.68 -14.10 -9.06
CA ASN D 191 9.33 -13.20 -8.11
C ASN D 191 10.57 -13.87 -7.53
N ILE D 192 11.51 -14.22 -8.42
CA ILE D 192 12.77 -14.83 -8.02
C ILE D 192 13.89 -14.05 -8.69
N MET D 193 14.69 -13.42 -7.84
CA MET D 193 15.85 -12.61 -8.18
C MET D 193 16.77 -13.40 -9.10
N ALA D 194 17.21 -12.77 -10.20
CA ALA D 194 18.14 -13.39 -11.13
C ALA D 194 19.38 -13.91 -10.41
N ASN D 195 19.86 -13.16 -9.39
CA ASN D 195 21.01 -13.61 -8.62
C ASN D 195 20.76 -14.99 -7.99
N HIS D 196 19.53 -15.24 -7.52
CA HIS D 196 19.17 -16.51 -6.92
C HIS D 196 19.35 -17.65 -7.92
N ILE D 197 18.88 -17.44 -9.15
CA ILE D 197 18.89 -18.48 -10.17
C ILE D 197 20.33 -18.87 -10.47
N ALA D 198 21.20 -17.86 -10.62
CA ALA D 198 22.60 -18.07 -10.99
C ALA D 198 23.36 -18.78 -9.87
N ALA D 199 22.98 -18.49 -8.61
CA ALA D 199 23.54 -19.16 -7.44
C ALA D 199 23.17 -20.64 -7.47
N ILE D 200 21.90 -20.93 -7.71
CA ILE D 200 21.34 -22.27 -7.66
C ILE D 200 21.98 -23.15 -8.73
N THR D 201 22.25 -22.55 -9.90
CA THR D 201 22.80 -23.26 -11.05
C THR D 201 24.32 -23.12 -11.09
N SER D 202 24.92 -22.61 -10.00
CA SER D 202 26.37 -22.51 -9.84
C SER D 202 27.04 -21.80 -11.02
N ARG D 203 26.37 -20.77 -11.56
CA ARG D 203 26.96 -19.91 -12.58
C ARG D 203 27.08 -20.62 -13.93
N GLY D 204 26.41 -21.76 -14.10
CA GLY D 204 26.28 -22.35 -15.42
C GLY D 204 25.24 -21.58 -16.24
N ALA D 205 25.72 -20.84 -17.25
CA ALA D 205 24.89 -19.85 -17.94
C ALA D 205 23.65 -20.49 -18.57
N MET D 206 23.82 -21.63 -19.23
CA MET D 206 22.71 -22.28 -19.91
C MET D 206 21.73 -22.86 -18.91
N ASN D 207 22.26 -23.43 -17.82
CA ASN D 207 21.43 -23.96 -16.75
C ASN D 207 20.65 -22.83 -16.08
N ALA D 208 21.31 -21.68 -15.89
CA ALA D 208 20.66 -20.51 -15.31
C ALA D 208 19.45 -20.11 -16.16
N ALA D 209 19.66 -19.97 -17.47
CA ALA D 209 18.57 -19.60 -18.38
C ALA D 209 17.47 -20.65 -18.34
N ALA D 210 17.89 -21.93 -18.29
CA ALA D 210 16.94 -23.04 -18.28
C ALA D 210 16.03 -22.97 -17.05
N LEU D 211 16.63 -22.87 -15.86
CA LEU D 211 15.83 -22.87 -14.65
C LEU D 211 14.91 -21.65 -14.61
N SER D 212 15.45 -20.50 -15.03
CA SER D 212 14.69 -19.25 -15.10
C SER D 212 13.49 -19.40 -16.02
N SER D 213 13.71 -20.05 -17.19
CA SER D 213 12.65 -20.31 -18.15
C SER D 213 11.55 -21.17 -17.51
N ILE D 214 11.94 -22.13 -16.67
CA ILE D 214 11.00 -23.03 -16.03
C ILE D 214 10.07 -22.23 -15.13
N TYR D 215 10.66 -21.34 -14.31
CA TYR D 215 9.91 -20.53 -13.36
C TYR D 215 9.03 -19.53 -14.10
N GLU D 216 9.61 -18.85 -15.09
CA GLU D 216 8.91 -17.84 -15.87
C GLU D 216 7.66 -18.42 -16.53
N GLN D 217 7.82 -19.57 -17.20
CA GLN D 217 6.71 -20.17 -17.95
C GLN D 217 5.69 -20.76 -16.98
N SER D 218 6.17 -21.32 -15.86
CA SER D 218 5.27 -21.72 -14.78
C SER D 218 4.41 -20.53 -14.36
N GLY D 219 5.05 -19.36 -14.22
CA GLY D 219 4.35 -18.11 -13.96
C GLY D 219 3.36 -17.76 -15.07
N ILE D 220 3.83 -17.79 -16.33
CA ILE D 220 2.96 -17.42 -17.45
C ILE D 220 1.72 -18.32 -17.46
N PHE D 221 1.94 -19.63 -17.23
CA PHE D 221 0.85 -20.59 -17.14
C PHE D 221 -0.12 -20.19 -16.03
N GLU D 222 0.43 -19.88 -14.84
CA GLU D 222 -0.41 -19.55 -13.69
C GLU D 222 -1.16 -18.25 -13.92
N MET D 223 -0.60 -17.38 -14.78
CA MET D 223 -1.23 -16.11 -15.11
C MET D 223 -2.35 -16.31 -16.13
N GLY D 224 -2.55 -17.54 -16.62
CA GLY D 224 -3.52 -17.76 -17.68
C GLY D 224 -3.02 -17.21 -19.02
N GLY D 225 -1.68 -17.11 -19.14
CA GLY D 225 -1.05 -16.53 -20.31
C GLY D 225 -0.74 -17.58 -21.38
N ALA D 226 -1.11 -18.84 -21.12
CA ALA D 226 -0.79 -19.93 -22.04
C ALA D 226 -2.02 -20.81 -22.28
N VAL D 227 -3.13 -20.16 -22.61
CA VAL D 227 -4.41 -20.83 -22.83
C VAL D 227 -4.70 -20.87 -24.33
N GLY D 228 -5.23 -22.00 -24.81
CA GLY D 228 -5.58 -22.17 -26.21
C GLY D 228 -4.33 -22.06 -27.09
N MET D 229 -4.43 -21.24 -28.14
CA MET D 229 -3.32 -21.07 -29.08
C MET D 229 -2.06 -20.59 -28.35
N PHE D 230 -2.23 -19.94 -27.19
CA PHE D 230 -1.09 -19.36 -26.47
C PHE D 230 -0.23 -20.45 -25.84
N GLU D 231 -0.78 -21.66 -25.70
CA GLU D 231 0.01 -22.73 -25.09
C GLU D 231 1.17 -23.10 -26.02
N ARG D 232 0.84 -23.43 -27.27
CA ARG D 232 1.84 -23.72 -28.30
C ARG D 232 2.85 -22.58 -28.35
N HIS D 233 2.33 -21.35 -28.36
CA HIS D 233 3.14 -20.14 -28.41
C HIS D 233 4.20 -20.16 -27.31
N GLN D 234 3.78 -20.39 -26.07
CA GLN D 234 4.71 -20.32 -24.94
C GLN D 234 5.68 -21.49 -24.94
N LEU D 235 5.20 -22.67 -25.35
CA LEU D 235 6.00 -23.88 -25.20
C LEU D 235 7.08 -23.94 -26.28
N LEU D 236 6.76 -23.41 -27.48
CA LEU D 236 7.79 -23.27 -28.51
C LEU D 236 8.90 -22.36 -27.99
N GLY D 237 8.50 -21.23 -27.41
CA GLY D 237 9.42 -20.29 -26.79
C GLY D 237 10.32 -20.98 -25.77
N LEU D 238 9.68 -21.68 -24.82
CA LEU D 238 10.38 -22.39 -23.76
C LEU D 238 11.35 -23.43 -24.33
N ALA D 239 10.89 -24.23 -25.31
CA ALA D 239 11.74 -25.25 -25.88
C ALA D 239 12.97 -24.63 -26.53
N CYS D 240 12.75 -23.68 -27.45
CA CYS D 240 13.80 -23.16 -28.31
C CYS D 240 14.76 -22.25 -27.54
N GLN D 241 14.22 -21.43 -26.62
CA GLN D 241 15.05 -20.51 -25.88
C GLN D 241 15.61 -21.21 -24.65
N GLY D 242 14.71 -21.80 -23.85
CA GLY D 242 15.05 -22.25 -22.51
C GLY D 242 15.74 -23.61 -22.49
N LEU D 243 15.41 -24.49 -23.45
CA LEU D 243 15.80 -25.89 -23.36
C LEU D 243 16.65 -26.32 -24.56
N ASN D 244 17.22 -25.34 -25.26
CA ASN D 244 18.23 -25.60 -26.29
C ASN D 244 17.66 -26.60 -27.30
N ALA D 245 16.41 -26.35 -27.72
CA ALA D 245 15.77 -27.23 -28.70
C ALA D 245 16.65 -27.33 -29.93
N ASN D 246 16.89 -28.58 -30.36
CA ASN D 246 17.58 -28.91 -31.60
C ASN D 246 19.02 -28.39 -31.56
N ASN D 247 19.51 -28.11 -30.35
CA ASN D 247 20.88 -27.64 -30.15
C ASN D 247 21.10 -26.27 -30.80
N VAL D 248 20.03 -25.60 -31.21
CA VAL D 248 20.14 -24.36 -31.97
C VAL D 248 20.85 -23.27 -31.14
N VAL D 249 20.41 -23.06 -29.90
CA VAL D 249 21.01 -22.02 -29.07
C VAL D 249 22.51 -22.29 -28.92
N TYR D 250 22.86 -23.54 -28.62
CA TYR D 250 24.23 -23.89 -28.31
C TYR D 250 25.09 -23.77 -29.59
N ASP D 251 24.54 -24.22 -30.72
CA ASP D 251 25.21 -24.19 -32.01
C ASP D 251 25.51 -22.74 -32.42
N ILE D 252 24.53 -21.85 -32.22
CA ILE D 252 24.72 -20.45 -32.58
C ILE D 252 25.82 -19.83 -31.71
N VAL D 253 25.85 -20.17 -30.42
CA VAL D 253 26.89 -19.69 -29.53
C VAL D 253 28.26 -20.15 -30.05
N LYS D 254 28.36 -21.44 -30.39
CA LYS D 254 29.61 -22.03 -30.87
C LYS D 254 30.11 -21.30 -32.12
N GLU D 255 29.23 -21.03 -33.08
CA GLU D 255 29.68 -20.45 -34.33
C GLU D 255 30.00 -18.96 -34.17
N ASN D 256 29.52 -18.36 -33.07
CA ASN D 256 29.68 -16.94 -32.83
C ASN D 256 30.63 -16.70 -31.65
N GLY D 257 31.22 -17.78 -31.13
CA GLY D 257 31.92 -17.76 -29.86
C GLY D 257 33.23 -16.98 -29.93
N LYS D 258 33.95 -17.11 -31.05
CA LYS D 258 35.29 -16.54 -31.18
C LYS D 258 35.22 -15.04 -31.48
N ASP D 259 34.39 -14.67 -32.47
CA ASP D 259 34.42 -13.33 -33.04
C ASP D 259 33.02 -12.74 -33.15
N GLY D 260 32.00 -13.47 -32.68
CA GLY D 260 30.63 -13.06 -32.91
C GLY D 260 30.24 -11.81 -32.13
N THR D 261 29.21 -11.13 -32.62
CA THR D 261 28.61 -9.96 -31.99
C THR D 261 27.09 -10.15 -32.00
N ILE D 262 26.35 -9.18 -31.45
CA ILE D 262 24.90 -9.21 -31.59
C ILE D 262 24.55 -9.32 -33.08
N GLY D 263 25.29 -8.57 -33.91
CA GLY D 263 25.05 -8.53 -35.34
C GLY D 263 25.18 -9.88 -36.04
N THR D 264 26.23 -10.64 -35.71
CA THR D 264 26.46 -11.91 -36.39
C THR D 264 25.44 -12.94 -35.90
N VAL D 265 25.02 -12.80 -34.64
CA VAL D 265 23.99 -13.68 -34.08
C VAL D 265 22.67 -13.50 -34.83
N ILE D 266 22.38 -12.26 -35.23
CA ILE D 266 21.18 -12.00 -36.02
C ILE D 266 21.28 -12.75 -37.35
N GLU D 267 22.44 -12.69 -37.99
CA GLU D 267 22.63 -13.35 -39.26
C GLU D 267 22.44 -14.87 -39.11
N SER D 268 22.97 -15.44 -38.02
CA SER D 268 22.81 -16.84 -37.69
C SER D 268 21.33 -17.20 -37.64
N ILE D 269 20.53 -16.36 -36.96
CA ILE D 269 19.15 -16.67 -36.66
C ILE D 269 18.28 -16.54 -37.90
N VAL D 270 18.52 -15.48 -38.69
CA VAL D 270 17.73 -15.23 -39.88
C VAL D 270 18.03 -16.31 -40.91
N GLY D 271 19.31 -16.66 -41.05
CA GLY D 271 19.74 -17.68 -41.98
C GLY D 271 19.04 -19.01 -41.68
N ARG D 272 18.92 -19.34 -40.39
CA ARG D 272 18.27 -20.58 -40.00
C ARG D 272 16.77 -20.50 -40.27
N ALA D 273 16.16 -19.35 -39.95
CA ALA D 273 14.74 -19.16 -40.16
C ALA D 273 14.38 -19.38 -41.63
N VAL D 274 15.23 -18.83 -42.52
CA VAL D 274 15.04 -18.95 -43.96
C VAL D 274 15.22 -20.42 -44.38
N GLU D 275 16.31 -21.04 -43.92
CA GLU D 275 16.65 -22.41 -44.27
C GLU D 275 15.55 -23.39 -43.86
N ASP D 276 14.97 -23.17 -42.67
CA ASP D 276 14.00 -24.07 -42.09
C ASP D 276 12.60 -23.76 -42.59
N GLY D 277 12.47 -22.73 -43.44
CA GLY D 277 11.20 -22.35 -44.04
C GLY D 277 10.26 -21.68 -43.02
N VAL D 278 10.81 -21.10 -41.96
CA VAL D 278 9.97 -20.46 -40.96
C VAL D 278 9.53 -19.08 -41.48
N ILE D 279 10.41 -18.46 -42.28
CA ILE D 279 10.14 -17.14 -42.86
C ILE D 279 10.47 -17.21 -44.36
N SER D 280 9.82 -16.34 -45.15
CA SER D 280 10.07 -16.25 -46.58
C SER D 280 10.04 -14.79 -46.98
N VAL D 281 10.72 -14.47 -48.08
CA VAL D 281 10.63 -13.15 -48.68
C VAL D 281 9.19 -12.95 -49.17
N ASP D 282 8.58 -11.85 -48.72
CA ASP D 282 7.20 -11.58 -49.04
C ASP D 282 7.13 -10.54 -50.16
N LYS D 283 8.11 -9.63 -50.19
CA LYS D 283 8.15 -8.53 -51.14
C LYS D 283 9.56 -7.94 -51.18
N THR D 284 10.01 -7.61 -52.39
CA THR D 284 11.26 -6.89 -52.59
C THR D 284 10.93 -5.44 -52.88
N ALA D 285 11.50 -4.53 -52.06
CA ALA D 285 11.30 -3.11 -52.22
C ALA D 285 12.13 -2.60 -53.39
N PRO D 286 11.85 -1.38 -53.91
CA PRO D 286 12.64 -0.79 -55.00
C PRO D 286 14.15 -0.79 -54.77
N SER D 287 14.58 -0.65 -53.51
CA SER D 287 15.99 -0.55 -53.18
C SER D 287 16.67 -1.91 -53.23
N GLY D 288 15.87 -2.97 -53.31
CA GLY D 288 16.38 -4.34 -53.23
C GLY D 288 16.21 -4.94 -51.83
N TYR D 289 15.81 -4.12 -50.86
CA TYR D 289 15.53 -4.62 -49.52
C TYR D 289 14.39 -5.62 -49.58
N LYS D 290 14.54 -6.73 -48.86
CA LYS D 290 13.55 -7.79 -48.86
C LYS D 290 12.72 -7.73 -47.57
N PHE D 291 11.40 -7.55 -47.74
CA PHE D 291 10.45 -7.69 -46.65
C PHE D 291 10.07 -9.16 -46.47
N TYR D 292 10.23 -9.67 -45.24
CA TYR D 292 9.89 -11.05 -44.93
C TYR D 292 8.49 -11.15 -44.32
N LYS D 293 7.87 -12.33 -44.44
CA LYS D 293 6.76 -12.70 -43.58
C LYS D 293 7.02 -14.07 -42.97
N ALA D 294 6.49 -14.29 -41.75
CA ALA D 294 6.63 -15.56 -41.06
C ALA D 294 5.54 -16.49 -41.56
N ASN D 295 5.94 -17.74 -41.86
CA ASN D 295 4.99 -18.76 -42.31
C ASN D 295 4.32 -19.37 -41.10
N ASP D 296 5.05 -19.33 -39.97
CA ASP D 296 4.58 -19.82 -38.69
C ASP D 296 4.98 -18.79 -37.63
N VAL D 297 3.99 -18.03 -37.17
CA VAL D 297 4.24 -16.85 -36.35
C VAL D 297 4.77 -17.26 -34.97
N PRO D 298 4.14 -18.24 -34.27
CA PRO D 298 4.68 -18.71 -32.99
C PRO D 298 6.09 -19.29 -33.12
N MET D 299 6.36 -19.92 -34.28
CA MET D 299 7.68 -20.50 -34.51
C MET D 299 8.71 -19.39 -34.71
N TRP D 300 8.39 -18.40 -35.55
CA TRP D 300 9.29 -17.25 -35.73
C TRP D 300 9.61 -16.61 -34.38
N ASN D 301 8.58 -16.46 -33.54
CA ASN D 301 8.72 -15.89 -32.22
C ASN D 301 9.73 -16.70 -31.42
N ALA D 302 9.70 -18.02 -31.58
CA ALA D 302 10.54 -18.91 -30.80
C ALA D 302 12.00 -18.80 -31.24
N TYR D 303 12.21 -18.59 -32.56
CA TYR D 303 13.54 -18.33 -33.13
C TYR D 303 14.08 -17.01 -32.59
N ALA D 304 13.20 -16.01 -32.53
CA ALA D 304 13.58 -14.71 -31.98
C ALA D 304 13.96 -14.85 -30.50
N ALA D 305 13.22 -15.68 -29.76
CA ALA D 305 13.53 -15.97 -28.37
C ALA D 305 14.90 -16.62 -28.22
N ALA D 306 15.15 -17.68 -29.02
CA ALA D 306 16.42 -18.40 -29.02
C ALA D 306 17.56 -17.43 -29.31
N GLY D 307 17.36 -16.59 -30.33
CA GLY D 307 18.36 -15.63 -30.78
C GLY D 307 18.70 -14.59 -29.71
N THR D 308 17.67 -14.12 -29.00
CA THR D 308 17.84 -13.18 -27.90
C THR D 308 18.82 -13.76 -26.89
N LEU D 309 18.62 -15.03 -26.52
CA LEU D 309 19.44 -15.67 -25.51
C LEU D 309 20.85 -15.95 -26.05
N ALA D 310 20.94 -16.42 -27.29
CA ALA D 310 22.24 -16.72 -27.89
C ALA D 310 23.07 -15.45 -27.95
N ALA D 311 22.43 -14.33 -28.35
CA ALA D 311 23.08 -13.03 -28.38
C ALA D 311 23.61 -12.65 -26.98
N THR D 312 22.80 -12.90 -25.93
CA THR D 312 23.20 -12.64 -24.56
C THR D 312 24.49 -13.40 -24.24
N PHE D 313 24.48 -14.70 -24.58
CA PHE D 313 25.60 -15.59 -24.28
C PHE D 313 26.88 -15.03 -24.90
N VAL D 314 26.75 -14.53 -26.14
CA VAL D 314 27.88 -14.05 -26.93
C VAL D 314 28.33 -12.68 -26.40
N ASN D 315 27.38 -11.77 -26.17
CA ASN D 315 27.71 -10.39 -25.84
C ASN D 315 28.17 -10.28 -24.38
N CYS D 316 27.39 -10.83 -23.44
CA CYS D 316 27.78 -10.87 -22.04
C CYS D 316 28.98 -11.77 -21.84
N GLY D 317 29.04 -12.88 -22.59
CA GLY D 317 30.14 -13.82 -22.52
C GLY D 317 31.46 -13.18 -22.93
N ALA D 318 31.46 -12.46 -24.06
CA ALA D 318 32.64 -11.77 -24.56
C ALA D 318 33.17 -10.78 -23.51
N GLY D 319 32.26 -10.03 -22.88
CA GLY D 319 32.65 -8.97 -21.96
C GLY D 319 32.86 -9.48 -20.54
N ARG D 320 32.40 -10.73 -20.28
CA ARG D 320 32.28 -11.27 -18.93
C ARG D 320 31.61 -10.26 -18.00
N ALA D 321 30.51 -9.67 -18.49
CA ALA D 321 29.89 -8.53 -17.85
C ALA D 321 28.37 -8.64 -17.95
N ALA D 322 27.70 -8.74 -16.78
CA ALA D 322 26.26 -8.91 -16.74
C ALA D 322 25.53 -7.76 -17.43
N GLN D 323 26.08 -6.53 -17.30
CA GLN D 323 25.35 -5.32 -17.69
C GLN D 323 24.99 -5.31 -19.18
N ASN D 324 25.73 -6.07 -20.00
CA ASN D 324 25.55 -6.11 -21.45
C ASN D 324 24.19 -6.71 -21.83
N VAL D 325 23.50 -7.31 -20.86
CA VAL D 325 22.28 -8.04 -21.18
C VAL D 325 21.16 -7.08 -21.58
N SER D 326 21.09 -5.89 -20.95
CA SER D 326 19.99 -4.98 -21.23
C SER D 326 20.03 -4.48 -22.68
N SER D 327 21.22 -4.02 -23.14
CA SER D 327 21.43 -3.65 -24.52
C SER D 327 21.28 -4.83 -25.49
N THR D 328 21.72 -6.03 -25.07
CA THR D 328 21.63 -7.20 -25.94
C THR D 328 20.17 -7.47 -26.25
N LEU D 329 19.32 -7.49 -25.22
CA LEU D 329 17.92 -7.78 -25.44
C LEU D 329 17.32 -6.71 -26.36
N LEU D 330 17.73 -5.45 -26.17
CA LEU D 330 17.18 -4.35 -26.93
C LEU D 330 17.63 -4.43 -28.39
N TYR D 331 18.95 -4.51 -28.61
CA TYR D 331 19.52 -4.35 -29.94
C TYR D 331 19.37 -5.60 -30.78
N PHE D 332 19.43 -6.79 -30.15
CA PHE D 332 19.17 -8.03 -30.88
C PHE D 332 17.82 -7.91 -31.59
N ASN D 333 16.79 -7.45 -30.87
CA ASN D 333 15.42 -7.47 -31.37
C ASN D 333 15.18 -6.31 -32.33
N ASP D 334 15.74 -5.14 -31.99
CA ASP D 334 15.59 -3.95 -32.79
C ASP D 334 16.24 -4.16 -34.16
N ILE D 335 17.48 -4.67 -34.13
CA ILE D 335 18.25 -4.86 -35.36
C ILE D 335 17.65 -6.01 -36.19
N LEU D 336 17.10 -7.03 -35.51
CA LEU D 336 16.42 -8.13 -36.16
C LEU D 336 15.23 -7.66 -37.00
N GLU D 337 14.45 -6.72 -36.45
CA GLU D 337 13.31 -6.12 -37.15
C GLU D 337 13.81 -5.31 -38.35
N LYS D 338 14.91 -4.57 -38.17
CA LYS D 338 15.50 -3.79 -39.23
C LYS D 338 16.01 -4.69 -40.36
N GLU D 339 16.46 -5.90 -39.97
CA GLU D 339 17.02 -6.87 -40.90
C GLU D 339 15.94 -7.51 -41.78
N THR D 340 14.72 -7.68 -41.24
CA THR D 340 13.76 -8.62 -41.79
C THR D 340 12.44 -7.97 -42.17
N GLY D 341 12.03 -6.94 -41.41
CA GLY D 341 10.66 -6.43 -41.53
C GLY D 341 9.67 -7.33 -40.79
N LEU D 342 10.22 -8.17 -39.90
CA LEU D 342 9.42 -9.02 -39.03
C LEU D 342 9.45 -8.46 -37.61
N PRO D 343 8.45 -8.77 -36.75
CA PRO D 343 8.45 -8.34 -35.36
C PRO D 343 9.52 -9.09 -34.56
N GLY D 344 10.14 -8.41 -33.60
CA GLY D 344 11.09 -9.06 -32.71
C GLY D 344 10.37 -9.96 -31.70
N CYS D 345 11.14 -10.53 -30.77
CA CYS D 345 10.59 -11.50 -29.85
C CYS D 345 9.46 -10.86 -29.03
N ASP D 346 8.33 -11.57 -28.95
CA ASP D 346 7.18 -11.16 -28.14
C ASP D 346 6.55 -9.91 -28.75
N TYR D 347 6.76 -9.73 -30.06
CA TYR D 347 6.13 -8.68 -30.86
C TYR D 347 6.48 -7.29 -30.29
N GLY D 348 7.73 -7.14 -29.86
CA GLY D 348 8.22 -5.88 -29.34
C GLY D 348 8.43 -5.91 -27.82
N LYS D 349 7.89 -6.94 -27.14
CA LYS D 349 7.83 -6.89 -25.69
C LYS D 349 9.19 -7.19 -25.05
N VAL D 350 10.04 -7.97 -25.73
CA VAL D 350 11.39 -8.20 -25.23
C VAL D 350 12.19 -6.90 -25.35
N GLN D 351 12.09 -6.24 -26.52
CA GLN D 351 12.73 -4.95 -26.77
C GLN D 351 12.24 -3.92 -25.76
N GLY D 352 10.92 -3.88 -25.52
CA GLY D 352 10.35 -2.96 -24.57
C GLY D 352 10.93 -3.18 -23.17
N VAL D 353 10.89 -4.43 -22.69
CA VAL D 353 11.53 -4.77 -21.43
C VAL D 353 12.94 -4.18 -21.42
N ALA D 354 13.67 -4.40 -22.52
CA ALA D 354 15.09 -4.10 -22.61
C ALA D 354 15.37 -2.60 -22.52
N VAL D 355 14.43 -1.80 -23.04
CA VAL D 355 14.55 -0.35 -23.03
C VAL D 355 14.51 0.15 -21.59
N GLY D 356 13.44 -0.24 -20.87
CA GLY D 356 13.28 0.16 -19.48
C GLY D 356 14.35 -0.45 -18.57
N PHE D 357 14.72 -1.69 -18.87
CA PHE D 357 15.72 -2.42 -18.11
C PHE D 357 17.08 -1.73 -18.27
N SER D 358 17.42 -1.35 -19.51
CA SER D 358 18.64 -0.59 -19.76
C SER D 358 18.66 0.69 -18.92
N PHE D 359 17.55 1.45 -18.99
CA PHE D 359 17.41 2.69 -18.22
C PHE D 359 17.55 2.37 -16.73
N PHE D 360 16.84 1.33 -16.25
CA PHE D 360 16.79 1.04 -14.83
C PHE D 360 18.00 0.24 -14.36
N SER D 361 18.99 0.03 -15.24
CA SER D 361 20.24 -0.55 -14.78
C SER D 361 21.42 0.38 -15.05
N HIS D 362 21.10 1.66 -15.31
CA HIS D 362 22.09 2.66 -15.71
C HIS D 362 21.67 4.07 -15.25
N SER D 363 20.74 4.17 -14.29
CA SER D 363 20.22 5.48 -13.92
C SER D 363 20.07 5.63 -12.40
N ILE D 364 19.57 6.80 -12.00
CA ILE D 364 19.42 7.19 -10.60
C ILE D 364 18.10 6.65 -10.02
N TYR D 365 17.15 6.24 -10.87
CA TYR D 365 15.74 6.19 -10.48
C TYR D 365 15.35 4.92 -9.73
N GLY D 366 16.09 3.84 -9.93
CA GLY D 366 15.71 2.56 -9.34
C GLY D 366 16.48 1.40 -9.97
N GLY D 367 15.87 0.20 -9.94
CA GLY D 367 16.49 -0.99 -10.48
C GLY D 367 17.77 -1.34 -9.72
N GLY D 368 18.86 -1.46 -10.47
CA GLY D 368 20.13 -1.92 -9.94
C GLY D 368 20.91 -2.63 -11.04
N GLY D 369 21.91 -3.42 -10.65
CA GLY D 369 22.56 -4.32 -11.59
C GLY D 369 21.60 -5.43 -12.03
N PRO D 370 21.88 -6.11 -13.16
CA PRO D 370 21.02 -7.18 -13.68
C PRO D 370 20.51 -8.16 -12.63
N GLY D 371 21.36 -8.46 -11.62
CA GLY D 371 21.08 -9.49 -10.62
C GLY D 371 19.83 -9.24 -9.77
N VAL D 372 19.34 -8.00 -9.74
CA VAL D 372 18.24 -7.65 -8.86
C VAL D 372 16.89 -7.93 -9.54
N PHE D 373 16.89 -8.04 -10.88
CA PHE D 373 15.65 -8.10 -11.64
C PHE D 373 15.03 -9.50 -11.60
N ASN D 374 13.74 -9.55 -11.93
CA ASN D 374 12.94 -10.78 -11.87
C ASN D 374 11.66 -10.56 -12.67
N GLY D 375 10.93 -11.64 -12.95
CA GLY D 375 9.70 -11.55 -13.72
C GLY D 375 8.58 -10.76 -13.02
N ASN D 376 8.75 -10.49 -11.71
CA ASN D 376 7.74 -9.76 -10.97
C ASN D 376 8.14 -8.30 -10.85
N HIS D 377 9.38 -7.98 -11.24
CA HIS D 377 9.89 -6.62 -11.10
C HIS D 377 9.14 -5.71 -12.08
N VAL D 378 8.75 -4.51 -11.62
CA VAL D 378 7.96 -3.59 -12.43
C VAL D 378 8.65 -3.34 -13.78
N VAL D 379 9.99 -3.35 -13.77
CA VAL D 379 10.78 -3.05 -14.96
C VAL D 379 10.74 -4.20 -15.96
N THR D 380 10.80 -5.46 -15.47
CA THR D 380 11.14 -6.59 -16.34
C THR D 380 10.04 -7.66 -16.40
N ARG D 381 8.82 -7.30 -15.99
CA ARG D 381 7.70 -8.25 -15.97
C ARG D 381 7.02 -8.40 -17.34
N HIS D 382 7.27 -7.49 -18.28
CA HIS D 382 6.36 -7.21 -19.38
C HIS D 382 6.40 -8.26 -20.49
N SER D 383 7.56 -8.90 -20.69
CA SER D 383 7.67 -9.96 -21.68
C SER D 383 7.11 -11.26 -21.07
N ARG D 384 6.53 -12.13 -21.92
CA ARG D 384 5.97 -13.39 -21.45
C ARG D 384 7.07 -14.44 -21.25
N GLY D 385 8.04 -14.16 -20.37
CA GLY D 385 9.00 -15.16 -19.95
C GLY D 385 10.31 -15.16 -20.75
N PHE D 386 10.42 -14.30 -21.77
CA PHE D 386 11.49 -14.44 -22.75
C PHE D 386 12.66 -13.51 -22.48
N ALA D 387 12.59 -12.72 -21.40
CA ALA D 387 13.64 -11.74 -21.15
C ALA D 387 14.49 -12.18 -19.95
N ILE D 388 13.81 -12.55 -18.86
CA ILE D 388 14.47 -12.82 -17.60
C ILE D 388 15.47 -13.99 -17.69
N PRO D 389 15.21 -15.08 -18.43
CA PRO D 389 16.21 -16.15 -18.59
C PRO D 389 17.57 -15.65 -19.10
N CYS D 390 17.54 -14.63 -19.95
CA CYS D 390 18.76 -14.01 -20.47
C CYS D 390 19.50 -13.27 -19.36
N VAL D 391 18.72 -12.67 -18.45
CA VAL D 391 19.28 -11.88 -17.37
C VAL D 391 20.01 -12.81 -16.40
N CYS D 392 19.39 -13.96 -16.11
CA CYS D 392 20.00 -14.97 -15.25
C CYS D 392 21.29 -15.50 -15.87
N ALA D 393 21.27 -15.67 -17.20
CA ALA D 393 22.48 -16.08 -17.90
C ALA D 393 23.58 -15.04 -17.73
N ALA D 394 23.23 -13.77 -17.94
CA ALA D 394 24.15 -12.65 -17.90
C ALA D 394 24.86 -12.57 -16.55
N VAL D 395 24.07 -12.72 -15.47
CA VAL D 395 24.56 -12.66 -14.11
C VAL D 395 25.55 -13.81 -13.89
N ALA D 396 25.21 -14.99 -14.43
CA ALA D 396 26.06 -16.18 -14.38
C ALA D 396 27.42 -15.92 -15.01
N LEU D 397 27.44 -15.12 -16.10
CA LEU D 397 28.62 -14.93 -16.94
C LEU D 397 29.57 -13.86 -16.38
N ASP D 398 29.11 -13.08 -15.39
CA ASP D 398 29.89 -11.96 -14.87
C ASP D 398 31.15 -12.45 -14.15
N ALA D 399 32.31 -11.85 -14.49
CA ALA D 399 33.61 -12.24 -13.96
C ALA D 399 34.02 -11.40 -12.75
N GLY D 400 33.20 -10.40 -12.42
CA GLY D 400 33.40 -9.63 -11.19
C GLY D 400 33.33 -8.11 -11.42
N THR D 401 32.33 -7.65 -12.19
CA THR D 401 32.13 -6.24 -12.46
C THR D 401 31.12 -5.65 -11.48
N GLN D 402 30.36 -6.52 -10.81
CA GLN D 402 29.16 -6.10 -10.11
C GLN D 402 29.45 -5.76 -8.65
N MET D 403 28.63 -4.86 -8.10
CA MET D 403 28.61 -4.59 -6.68
C MET D 403 27.70 -5.60 -5.99
N PHE D 404 26.53 -5.83 -6.60
CA PHE D 404 25.54 -6.74 -6.05
C PHE D 404 25.79 -8.13 -6.64
N THR D 405 26.87 -8.74 -6.13
CA THR D 405 27.32 -10.05 -6.52
C THR D 405 26.31 -11.10 -6.08
N ILE D 406 26.32 -12.22 -6.80
CA ILE D 406 25.59 -13.42 -6.42
C ILE D 406 25.79 -13.68 -4.93
N GLU D 407 27.06 -13.68 -4.47
CA GLU D 407 27.39 -14.00 -3.09
C GLU D 407 26.69 -13.06 -2.11
N SER D 408 26.64 -11.77 -2.45
CA SER D 408 26.13 -10.78 -1.50
C SER D 408 24.63 -10.96 -1.26
N THR D 409 23.90 -11.46 -2.27
CA THR D 409 22.45 -11.55 -2.15
C THR D 409 21.98 -12.98 -1.96
N SER D 410 22.78 -13.97 -2.37
CA SER D 410 22.26 -15.29 -2.68
C SER D 410 23.17 -16.41 -2.17
N GLY D 411 24.12 -16.10 -1.29
CA GLY D 411 25.05 -17.07 -0.75
C GLY D 411 24.35 -18.22 -0.02
N LEU D 412 23.53 -17.88 0.98
CA LEU D 412 22.68 -18.84 1.68
C LEU D 412 21.86 -19.66 0.69
N ILE D 413 21.09 -18.99 -0.17
CA ILE D 413 20.25 -19.64 -1.17
C ILE D 413 21.10 -20.60 -2.00
N GLY D 414 22.26 -20.12 -2.48
CA GLY D 414 23.18 -20.92 -3.28
C GLY D 414 23.70 -22.16 -2.53
N ASP D 415 24.16 -21.96 -1.29
CA ASP D 415 24.70 -23.03 -0.46
C ASP D 415 23.65 -24.12 -0.24
N VAL D 416 22.37 -23.71 -0.21
CA VAL D 416 21.30 -24.58 0.27
C VAL D 416 20.63 -25.28 -0.92
N PHE D 417 20.44 -24.53 -2.02
CA PHE D 417 19.69 -25.04 -3.16
C PHE D 417 20.61 -25.61 -4.22
N GLY D 418 21.85 -25.11 -4.29
CA GLY D 418 22.80 -25.46 -5.33
C GLY D 418 23.22 -26.93 -5.28
N SER D 419 22.87 -27.60 -4.17
CA SER D 419 23.15 -29.01 -3.95
C SER D 419 22.27 -29.89 -4.85
N ILE D 420 20.96 -29.60 -4.83
CA ILE D 420 19.93 -30.48 -5.36
C ILE D 420 20.01 -30.54 -6.89
N GLU D 421 19.89 -31.77 -7.41
CA GLU D 421 20.24 -32.13 -8.78
C GLU D 421 19.32 -31.46 -9.80
N GLU D 422 18.01 -31.48 -9.52
CA GLU D 422 17.03 -31.01 -10.50
C GLU D 422 17.19 -29.50 -10.69
N PHE D 423 17.76 -28.83 -9.68
CA PHE D 423 17.96 -27.39 -9.68
C PHE D 423 19.24 -27.05 -10.45
N ARG D 424 20.31 -27.80 -10.21
CA ARG D 424 21.60 -27.47 -10.83
C ARG D 424 21.65 -28.02 -12.26
N GLN D 425 20.79 -28.99 -12.57
CA GLN D 425 20.74 -29.60 -13.89
C GLN D 425 19.31 -29.57 -14.44
N PRO D 426 18.71 -28.37 -14.60
CA PRO D 426 17.32 -28.26 -15.04
C PRO D 426 16.95 -28.82 -16.42
N ILE D 427 17.88 -28.75 -17.39
CA ILE D 427 17.60 -29.27 -18.72
C ILE D 427 17.52 -30.80 -18.65
N LYS D 428 18.49 -31.42 -17.96
CA LYS D 428 18.50 -32.85 -17.72
C LYS D 428 17.23 -33.27 -16.96
N ALA D 429 16.81 -32.46 -15.97
CA ALA D 429 15.62 -32.79 -15.20
C ALA D 429 14.40 -32.82 -16.12
N VAL D 430 14.22 -31.75 -16.90
CA VAL D 430 13.06 -31.61 -17.76
C VAL D 430 13.02 -32.78 -18.77
N ALA D 431 14.21 -33.19 -19.24
CA ALA D 431 14.31 -34.17 -20.30
C ALA D 431 14.17 -35.59 -19.75
N GLY D 432 14.43 -35.78 -18.45
CA GLY D 432 14.28 -37.08 -17.82
C GLY D 432 15.61 -37.79 -17.57
N ALA D 433 16.67 -37.01 -17.27
CA ALA D 433 17.96 -37.54 -16.86
C ALA D 433 18.53 -36.70 -15.71
N ALA E 75 -27.32 -30.89 38.78
CA ALA E 75 -27.31 -29.65 37.96
C ALA E 75 -26.29 -28.68 38.55
N TYR E 76 -25.45 -28.12 37.68
CA TYR E 76 -24.46 -27.13 38.08
C TYR E 76 -25.18 -25.82 38.43
N GLU E 77 -24.92 -25.31 39.64
CA GLU E 77 -25.40 -24.01 40.07
C GLU E 77 -24.27 -22.98 40.00
N ALA E 78 -24.53 -21.91 39.22
CA ALA E 78 -23.60 -20.81 39.03
C ALA E 78 -23.23 -20.13 40.34
N GLN E 79 -21.95 -19.71 40.45
CA GLN E 79 -21.48 -18.96 41.60
C GLN E 79 -21.24 -17.49 41.22
N TYR E 80 -21.12 -17.19 39.92
CA TYR E 80 -21.23 -15.87 39.32
C TYR E 80 -19.96 -15.03 39.46
N TYR E 81 -19.58 -14.70 40.69
CA TYR E 81 -18.53 -13.72 40.88
C TYR E 81 -17.95 -13.83 42.29
N PRO E 82 -16.61 -13.64 42.47
CA PRO E 82 -15.99 -13.73 43.80
C PRO E 82 -16.25 -12.51 44.68
N GLY E 83 -15.89 -12.59 45.95
CA GLY E 83 -15.87 -11.40 46.81
C GLY E 83 -16.96 -11.45 47.88
N ALA E 84 -16.57 -11.07 49.11
CA ALA E 84 -17.43 -11.20 50.27
C ALA E 84 -17.99 -9.85 50.71
N THR E 85 -17.59 -8.75 50.06
CA THR E 85 -18.07 -7.42 50.42
C THR E 85 -19.46 -7.22 49.83
N SER E 86 -20.08 -6.09 50.19
CA SER E 86 -21.39 -5.72 49.66
C SER E 86 -21.33 -5.60 48.14
N VAL E 87 -20.18 -5.18 47.61
CA VAL E 87 -20.00 -5.04 46.18
C VAL E 87 -20.13 -6.43 45.54
N GLY E 88 -19.57 -7.45 46.22
CA GLY E 88 -19.72 -8.83 45.79
C GLY E 88 -21.18 -9.28 45.74
N ALA E 89 -21.90 -9.07 46.86
CA ALA E 89 -23.28 -9.48 46.96
C ALA E 89 -24.15 -8.79 45.90
N ASN E 90 -23.85 -7.52 45.62
CA ASN E 90 -24.62 -6.73 44.67
C ASN E 90 -24.37 -7.24 43.25
N ARG E 91 -23.11 -7.53 42.93
CA ARG E 91 -22.73 -7.99 41.61
C ARG E 91 -23.41 -9.33 41.33
N ARG E 92 -23.40 -10.21 42.33
CA ARG E 92 -24.05 -11.51 42.24
C ARG E 92 -25.57 -11.35 42.07
N LYS E 93 -26.15 -10.33 42.69
CA LYS E 93 -27.57 -10.06 42.54
C LYS E 93 -27.87 -9.62 41.10
N HIS E 94 -27.01 -8.75 40.58
CA HIS E 94 -27.16 -8.21 39.23
C HIS E 94 -27.04 -9.33 38.20
N MET E 95 -26.04 -10.20 38.37
CA MET E 95 -25.76 -11.26 37.42
C MET E 95 -26.87 -12.31 37.44
N SER E 96 -27.33 -12.69 38.64
CA SER E 96 -28.35 -13.72 38.81
C SER E 96 -29.76 -13.18 38.55
N GLY E 97 -29.92 -11.85 38.48
CA GLY E 97 -31.24 -11.26 38.30
C GLY E 97 -32.08 -11.27 39.58
N LYS E 98 -31.45 -11.59 40.72
CA LYS E 98 -32.11 -11.58 42.01
C LYS E 98 -32.15 -10.15 42.54
N LEU E 99 -33.06 -9.36 41.97
CA LEU E 99 -33.08 -7.91 42.14
C LEU E 99 -34.38 -7.49 42.81
N GLU E 100 -34.27 -6.55 43.74
CA GLU E 100 -35.44 -6.00 44.41
C GLU E 100 -36.16 -5.03 43.47
N LYS E 101 -37.46 -5.24 43.29
CA LYS E 101 -38.33 -4.29 42.61
C LYS E 101 -38.55 -3.09 43.52
N LEU E 102 -38.28 -1.88 43.01
CA LEU E 102 -38.34 -0.67 43.82
C LEU E 102 -39.41 0.30 43.31
N ARG E 103 -39.86 0.10 42.05
CA ARG E 103 -40.79 1.06 41.47
C ARG E 103 -41.53 0.38 40.33
N GLU E 104 -42.52 1.08 39.76
CA GLU E 104 -43.29 0.54 38.65
C GLU E 104 -43.23 1.52 37.49
N ILE E 105 -43.22 0.98 36.27
CA ILE E 105 -43.41 1.79 35.08
C ILE E 105 -44.41 1.08 34.19
N SER E 106 -45.45 1.80 33.74
CA SER E 106 -46.47 1.20 32.90
C SER E 106 -45.86 0.87 31.53
N ASP E 107 -46.49 -0.08 30.83
CA ASP E 107 -46.08 -0.47 29.49
C ASP E 107 -45.94 0.76 28.60
N GLU E 108 -46.97 1.63 28.65
CA GLU E 108 -47.05 2.77 27.76
C GLU E 108 -45.98 3.81 28.09
N ASP E 109 -45.71 4.01 29.39
CA ASP E 109 -44.67 4.95 29.83
C ASP E 109 -43.29 4.47 29.38
N LEU E 110 -43.07 3.16 29.48
CA LEU E 110 -41.80 2.57 29.09
C LEU E 110 -41.59 2.73 27.58
N THR E 111 -42.61 2.36 26.80
CA THR E 111 -42.57 2.55 25.34
C THR E 111 -42.24 4.00 25.02
N ALA E 112 -42.87 4.93 25.75
CA ALA E 112 -42.70 6.36 25.54
C ALA E 112 -41.23 6.77 25.67
N VAL E 113 -40.58 6.37 26.77
CA VAL E 113 -39.22 6.81 27.04
C VAL E 113 -38.23 6.14 26.10
N LEU E 114 -38.55 4.92 25.63
CA LEU E 114 -37.70 4.16 24.72
C LEU E 114 -37.67 4.82 23.34
N GLY E 115 -38.81 5.41 22.94
CA GLY E 115 -38.88 6.32 21.80
C GLY E 115 -38.85 5.63 20.44
N HIS E 116 -39.21 4.32 20.38
CA HIS E 116 -39.12 3.57 19.13
C HIS E 116 -40.47 3.50 18.40
N ARG E 117 -41.58 3.67 19.13
CA ARG E 117 -42.90 3.69 18.52
C ARG E 117 -43.89 4.37 19.46
N ALA E 118 -45.06 4.76 18.94
CA ALA E 118 -46.11 5.35 19.76
C ALA E 118 -46.51 4.36 20.85
N PRO E 119 -46.69 4.81 22.13
CA PRO E 119 -47.20 3.93 23.19
C PRO E 119 -48.50 3.25 22.74
N GLY E 120 -48.59 1.94 23.02
CA GLY E 120 -49.78 1.17 22.73
C GLY E 120 -49.88 0.66 21.30
N SER E 121 -48.99 1.12 20.40
CA SER E 121 -49.07 0.76 18.99
C SER E 121 -48.48 -0.63 18.76
N ASP E 122 -48.84 -1.21 17.61
CA ASP E 122 -48.29 -2.49 17.16
C ASP E 122 -46.78 -2.36 17.02
N TYR E 123 -46.07 -3.49 17.13
CA TYR E 123 -44.63 -3.49 16.89
C TYR E 123 -44.39 -3.47 15.39
N PRO E 124 -43.67 -2.46 14.84
CA PRO E 124 -43.30 -2.46 13.43
C PRO E 124 -42.40 -3.69 13.24
N SER E 125 -42.25 -4.12 11.98
CA SER E 125 -41.39 -5.26 11.67
C SER E 125 -40.28 -4.88 10.71
N THR E 126 -39.20 -5.67 10.72
CA THR E 126 -38.10 -5.54 9.78
C THR E 126 -38.18 -6.63 8.71
N HIS E 127 -38.80 -7.76 9.05
CA HIS E 127 -39.00 -8.84 8.08
C HIS E 127 -40.31 -9.54 8.42
N PRO E 128 -40.89 -10.35 7.49
CA PRO E 128 -42.15 -11.05 7.76
C PRO E 128 -41.99 -12.06 8.90
N PRO E 129 -43.08 -12.37 9.64
CA PRO E 129 -43.03 -13.36 10.72
C PRO E 129 -42.49 -14.70 10.22
N LEU E 130 -41.83 -15.45 11.13
CA LEU E 130 -41.19 -16.71 10.77
C LEU E 130 -42.23 -17.66 10.14
N ALA E 131 -43.45 -17.67 10.70
CA ALA E 131 -44.52 -18.56 10.29
C ALA E 131 -45.01 -18.21 8.88
N GLU E 132 -44.70 -17.01 8.41
CA GLU E 132 -45.24 -16.53 7.15
C GLU E 132 -44.24 -16.77 6.02
N MET E 133 -42.96 -16.57 6.28
CA MET E 133 -41.99 -16.67 5.19
C MET E 133 -41.33 -18.04 5.17
N GLY E 134 -41.44 -18.80 6.26
CA GLY E 134 -40.74 -20.07 6.36
C GLY E 134 -39.27 -19.86 6.68
N GLU E 135 -38.57 -20.95 7.00
CA GLU E 135 -37.18 -20.88 7.42
C GLU E 135 -36.39 -21.95 6.69
N PRO E 136 -35.10 -21.73 6.36
CA PRO E 136 -34.24 -22.77 5.80
C PRO E 136 -34.21 -23.98 6.72
N ALA E 137 -33.97 -25.14 6.10
CA ALA E 137 -33.69 -26.38 6.83
C ALA E 137 -32.43 -26.16 7.68
N CYS E 138 -32.62 -26.13 9.00
CA CYS E 138 -31.47 -25.95 9.89
C CYS E 138 -31.76 -26.62 11.24
N SER E 139 -30.88 -27.56 11.60
CA SER E 139 -31.01 -28.32 12.83
C SER E 139 -30.98 -27.41 14.05
N ILE E 140 -30.31 -26.25 13.93
CA ILE E 140 -30.22 -25.31 15.03
C ILE E 140 -31.51 -24.48 15.14
N ARG E 141 -31.97 -23.93 14.01
CA ARG E 141 -33.25 -23.22 14.00
C ARG E 141 -34.36 -24.11 14.57
N GLU E 142 -34.29 -25.42 14.27
CA GLU E 142 -35.29 -26.38 14.72
C GLU E 142 -35.17 -26.65 16.22
N ALA E 143 -33.93 -26.62 16.76
CA ALA E 143 -33.69 -26.91 18.18
C ALA E 143 -33.90 -25.69 19.08
N VAL E 144 -33.68 -24.49 18.54
CA VAL E 144 -33.68 -23.27 19.34
C VAL E 144 -34.95 -22.48 19.05
N ALA E 145 -35.80 -22.33 20.08
CA ALA E 145 -37.05 -21.61 19.96
C ALA E 145 -36.77 -20.12 19.76
N ALA E 146 -37.37 -19.54 18.70
CA ALA E 146 -37.31 -18.11 18.50
C ALA E 146 -37.99 -17.42 19.67
N THR E 147 -37.49 -16.24 20.07
CA THR E 147 -38.19 -15.36 20.99
C THR E 147 -39.51 -14.94 20.34
N PRO E 148 -40.48 -14.42 21.13
CA PRO E 148 -41.70 -13.83 20.56
C PRO E 148 -41.38 -12.74 19.55
N GLY E 149 -40.35 -11.94 19.86
CA GLY E 149 -39.93 -10.83 19.01
C GLY E 149 -39.34 -11.31 17.69
N ALA E 150 -38.58 -12.42 17.74
CA ALA E 150 -38.00 -13.01 16.55
C ALA E 150 -39.09 -13.65 15.70
N ALA E 151 -40.03 -14.33 16.36
CA ALA E 151 -41.13 -14.98 15.69
C ALA E 151 -41.94 -13.97 14.87
N ALA E 152 -42.11 -12.76 15.42
CA ALA E 152 -42.99 -11.76 14.82
C ALA E 152 -42.26 -10.88 13.80
N GLY E 153 -40.92 -10.94 13.78
CA GLY E 153 -40.10 -10.18 12.85
C GLY E 153 -39.89 -8.73 13.27
N ASP E 154 -39.98 -8.45 14.58
CA ASP E 154 -39.74 -7.13 15.14
C ASP E 154 -38.41 -6.55 14.67
N ARG E 155 -38.37 -5.22 14.57
CA ARG E 155 -37.12 -4.48 14.47
C ARG E 155 -36.28 -4.81 15.70
N VAL E 156 -34.96 -4.81 15.52
CA VAL E 156 -34.05 -4.81 16.66
C VAL E 156 -33.93 -3.35 17.10
N ARG E 157 -34.40 -3.08 18.31
CA ARG E 157 -34.27 -1.76 18.94
C ARG E 157 -33.50 -1.94 20.25
N TYR E 158 -33.38 -0.87 21.06
CA TYR E 158 -32.45 -0.90 22.17
C TYR E 158 -32.98 -0.12 23.38
N VAL E 159 -32.37 -0.42 24.53
CA VAL E 159 -32.39 0.43 25.70
C VAL E 159 -30.94 0.62 26.16
N GLN E 160 -30.58 1.88 26.47
CA GLN E 160 -29.23 2.26 26.85
C GLN E 160 -29.24 3.13 28.10
N PHE E 161 -28.28 2.88 29.00
CA PHE E 161 -28.19 3.58 30.27
C PHE E 161 -26.77 4.09 30.50
N ALA E 162 -26.70 5.27 31.13
CA ALA E 162 -25.49 5.78 31.77
C ALA E 162 -25.64 5.58 33.28
N ASP E 163 -24.51 5.34 33.96
CA ASP E 163 -24.52 5.11 35.39
C ASP E 163 -23.38 5.87 36.05
N SER E 164 -23.71 6.65 37.10
CA SER E 164 -22.72 7.45 37.80
C SER E 164 -21.69 6.56 38.48
N MET E 165 -20.44 7.03 38.49
CA MET E 165 -19.36 6.34 39.18
C MET E 165 -19.48 6.60 40.69
N TYR E 166 -20.35 7.56 41.04
CA TYR E 166 -20.62 7.93 42.42
C TYR E 166 -21.70 7.02 42.97
N ASN E 167 -21.40 5.71 42.97
CA ASN E 167 -22.15 4.65 43.63
C ASN E 167 -23.54 4.45 43.03
N ALA E 168 -23.69 4.74 41.73
CA ALA E 168 -24.87 4.22 41.05
C ALA E 168 -24.94 2.71 41.33
N PRO E 169 -26.14 2.13 41.57
CA PRO E 169 -26.25 0.68 41.77
C PRO E 169 -25.58 -0.11 40.65
N ALA E 170 -25.86 0.28 39.39
CA ALA E 170 -25.37 -0.46 38.23
C ALA E 170 -23.97 0.00 37.82
N THR E 171 -23.19 -0.95 37.29
CA THR E 171 -22.01 -0.65 36.49
C THR E 171 -22.22 -1.30 35.12
N PRO E 172 -21.64 -0.74 34.04
CA PRO E 172 -21.84 -1.27 32.69
C PRO E 172 -21.68 -2.78 32.48
N TYR E 173 -20.56 -3.37 32.94
CA TYR E 173 -20.34 -4.79 32.72
C TYR E 173 -21.47 -5.61 33.37
N PHE E 174 -21.84 -5.23 34.60
CA PHE E 174 -22.79 -6.00 35.37
C PHE E 174 -24.19 -5.91 34.75
N ARG E 175 -24.50 -4.76 34.13
CA ARG E 175 -25.73 -4.66 33.36
C ARG E 175 -25.70 -5.67 32.22
N SER E 176 -24.55 -5.76 31.54
CA SER E 176 -24.43 -6.65 30.39
C SER E 176 -24.51 -8.11 30.82
N TYR E 177 -23.85 -8.45 31.95
CA TYR E 177 -23.89 -9.79 32.50
C TYR E 177 -25.33 -10.17 32.86
N PHE E 178 -26.05 -9.25 33.52
CA PHE E 178 -27.45 -9.42 33.81
C PHE E 178 -28.24 -9.78 32.55
N ALA E 179 -27.99 -9.07 31.44
CA ALA E 179 -28.72 -9.32 30.19
C ALA E 179 -28.40 -10.70 29.63
N ALA E 180 -27.10 -10.99 29.53
CA ALA E 180 -26.59 -12.21 28.91
C ALA E 180 -27.05 -13.44 29.69
N ILE E 181 -27.15 -13.30 31.03
CA ILE E 181 -27.47 -14.44 31.87
C ILE E 181 -28.98 -14.66 31.91
N ASN E 182 -29.76 -13.58 31.87
CA ASN E 182 -31.17 -13.69 32.26
C ASN E 182 -32.12 -13.58 31.07
N PHE E 183 -31.63 -13.18 29.90
CA PHE E 183 -32.50 -12.90 28.76
C PHE E 183 -32.01 -13.63 27.52
N ARG E 184 -32.98 -14.06 26.70
CA ARG E 184 -32.71 -14.81 25.48
C ARG E 184 -32.65 -13.83 24.31
N GLY E 185 -31.70 -14.07 23.39
CA GLY E 185 -31.63 -13.33 22.14
C GLY E 185 -31.34 -11.86 22.40
N VAL E 186 -30.27 -11.59 23.15
CA VAL E 186 -29.91 -10.23 23.51
C VAL E 186 -28.53 -9.88 22.95
N ASP E 187 -28.32 -8.58 22.72
CA ASP E 187 -27.07 -8.07 22.18
C ASP E 187 -26.54 -7.00 23.12
N PRO E 188 -26.01 -7.38 24.30
CA PRO E 188 -25.46 -6.38 25.23
C PRO E 188 -24.15 -5.80 24.74
N GLY E 189 -23.94 -4.50 24.99
CA GLY E 189 -22.66 -3.85 24.76
C GLY E 189 -22.29 -2.98 25.96
N THR E 190 -21.01 -3.08 26.39
CA THR E 190 -20.49 -2.36 27.55
C THR E 190 -19.49 -1.30 27.10
N LEU E 191 -19.72 -0.06 27.54
CA LEU E 191 -18.78 1.06 27.43
C LEU E 191 -18.65 1.68 28.82
N SER E 192 -17.65 2.56 29.00
CA SER E 192 -17.49 3.25 30.28
C SER E 192 -18.70 4.15 30.60
N GLY E 193 -19.16 4.90 29.59
CA GLY E 193 -20.18 5.91 29.81
C GLY E 193 -21.60 5.45 29.48
N ARG E 194 -21.73 4.25 28.93
CA ARG E 194 -23.03 3.76 28.52
C ARG E 194 -22.98 2.24 28.40
N GLN E 195 -24.15 1.62 28.57
CA GLN E 195 -24.36 0.20 28.39
C GLN E 195 -25.68 0.03 27.65
N ILE E 196 -25.70 -0.88 26.67
CA ILE E 196 -26.87 -0.99 25.82
C ILE E 196 -27.30 -2.45 25.77
N VAL E 197 -28.60 -2.67 25.58
CA VAL E 197 -29.09 -3.97 25.16
C VAL E 197 -29.85 -3.76 23.87
N GLU E 198 -29.37 -4.39 22.79
CA GLU E 198 -30.11 -4.49 21.56
C GLU E 198 -30.79 -5.85 21.51
N ALA E 199 -32.09 -5.85 21.16
CA ALA E 199 -32.86 -7.06 21.00
C ALA E 199 -34.09 -6.78 20.14
N ARG E 200 -34.76 -7.82 19.67
CA ARG E 200 -36.07 -7.68 19.05
C ARG E 200 -36.95 -6.83 19.96
N GLU E 201 -37.71 -5.90 19.36
CA GLU E 201 -38.31 -4.80 20.11
C GLU E 201 -39.06 -5.28 21.36
N ARG E 202 -39.90 -6.31 21.22
CA ARG E 202 -40.76 -6.68 22.33
C ARG E 202 -39.94 -7.42 23.40
N ASP E 203 -38.89 -8.14 22.99
CA ASP E 203 -38.00 -8.83 23.92
C ASP E 203 -37.20 -7.80 24.70
N MET E 204 -36.76 -6.76 23.98
CA MET E 204 -35.97 -5.69 24.56
C MET E 204 -36.77 -4.98 25.66
N GLU E 205 -38.06 -4.78 25.41
CA GLU E 205 -38.89 -4.01 26.34
C GLU E 205 -38.96 -4.69 27.70
N GLN E 206 -39.06 -6.03 27.68
CA GLN E 206 -39.15 -6.83 28.91
C GLN E 206 -37.88 -6.67 29.72
N CYS E 207 -36.75 -6.52 29.00
CA CYS E 207 -35.45 -6.33 29.61
C CYS E 207 -35.36 -4.92 30.17
N ALA E 208 -35.83 -3.93 29.39
CA ALA E 208 -35.81 -2.54 29.84
C ALA E 208 -36.68 -2.38 31.09
N LYS E 209 -37.84 -3.05 31.09
CA LYS E 209 -38.77 -3.01 32.21
C LYS E 209 -38.07 -3.44 33.50
N VAL E 210 -37.36 -4.57 33.46
CA VAL E 210 -36.69 -5.09 34.64
C VAL E 210 -35.65 -4.09 35.13
N GLN E 211 -34.83 -3.58 34.21
CA GLN E 211 -33.74 -2.68 34.57
C GLN E 211 -34.31 -1.42 35.21
N MET E 212 -35.48 -1.00 34.71
CA MET E 212 -36.07 0.27 35.09
C MET E 212 -36.78 0.17 36.43
N GLU E 213 -37.32 -1.00 36.75
CA GLU E 213 -38.17 -1.15 37.93
C GLU E 213 -37.39 -1.64 39.14
N THR E 214 -36.18 -2.17 38.93
CA THR E 214 -35.44 -2.82 40.00
C THR E 214 -34.38 -1.89 40.56
N GLU E 215 -33.70 -2.36 41.60
CA GLU E 215 -32.63 -1.62 42.24
C GLU E 215 -31.46 -1.40 41.29
N MET E 216 -31.44 -2.11 40.15
CA MET E 216 -30.37 -1.98 39.17
C MET E 216 -30.25 -0.52 38.72
N THR E 217 -31.39 0.16 38.58
CA THR E 217 -31.40 1.55 38.16
C THR E 217 -31.81 2.42 39.34
N ASP E 218 -30.96 3.40 39.68
CA ASP E 218 -31.40 4.54 40.46
C ASP E 218 -31.72 5.69 39.50
N PRO E 219 -32.92 6.29 39.57
CA PRO E 219 -33.33 7.28 38.58
C PRO E 219 -32.58 8.63 38.65
N ALA E 220 -31.84 8.86 39.75
CA ALA E 220 -31.01 10.06 39.86
C ALA E 220 -29.59 9.77 39.37
N LEU E 221 -28.99 8.68 39.84
CA LEU E 221 -27.58 8.39 39.58
C LEU E 221 -27.41 7.73 38.21
N ALA E 222 -28.53 7.36 37.59
CA ALA E 222 -28.53 6.77 36.27
C ALA E 222 -29.50 7.51 35.36
N GLY E 223 -29.37 7.27 34.06
CA GLY E 223 -30.32 7.80 33.09
C GLY E 223 -30.36 6.91 31.85
N MET E 224 -31.58 6.72 31.32
CA MET E 224 -31.75 6.09 30.03
C MET E 224 -31.41 7.11 28.94
N ARG E 225 -30.35 6.81 28.17
CA ARG E 225 -29.79 7.74 27.21
C ARG E 225 -29.30 6.98 25.98
N GLY E 226 -29.95 7.24 24.82
CA GLY E 226 -29.60 6.59 23.57
C GLY E 226 -28.47 7.31 22.83
N ALA E 227 -28.17 8.54 23.28
CA ALA E 227 -27.14 9.39 22.68
C ALA E 227 -26.79 10.50 23.67
N THR E 228 -25.60 11.07 23.51
CA THR E 228 -25.11 12.16 24.36
C THR E 228 -25.12 11.67 25.81
N VAL E 229 -24.27 10.68 26.10
CA VAL E 229 -24.41 9.88 27.31
C VAL E 229 -23.61 10.49 28.47
N HIS E 230 -22.75 11.48 28.14
CA HIS E 230 -21.81 12.10 29.05
C HIS E 230 -22.41 12.28 30.45
N GLY E 231 -21.65 11.90 31.49
CA GLY E 231 -22.09 12.14 32.85
C GLY E 231 -21.53 11.17 33.88
N HIS E 232 -21.20 9.94 33.47
CA HIS E 232 -20.88 8.88 34.42
C HIS E 232 -19.71 9.31 35.31
N SER E 233 -18.79 10.09 34.73
CA SER E 233 -17.52 10.43 35.37
C SER E 233 -17.54 11.89 35.85
N VAL E 234 -18.68 12.57 35.69
CA VAL E 234 -18.81 13.98 36.02
C VAL E 234 -19.30 14.10 37.46
N ARG E 235 -18.85 15.16 38.14
CA ARG E 235 -19.32 15.48 39.47
C ARG E 235 -20.84 15.61 39.45
N LEU E 236 -21.48 15.19 40.55
CA LEU E 236 -22.93 15.25 40.68
C LEU E 236 -23.38 16.70 40.81
N GLN E 237 -24.60 16.97 40.35
CA GLN E 237 -25.33 18.16 40.76
C GLN E 237 -25.51 18.12 42.28
N GLU E 238 -25.79 19.28 42.88
CA GLU E 238 -25.89 19.39 44.33
C GLU E 238 -27.09 18.61 44.84
N ASP E 239 -28.07 18.38 43.97
CA ASP E 239 -29.28 17.63 44.32
C ASP E 239 -29.07 16.12 44.13
N GLY E 240 -27.83 15.72 43.79
CA GLY E 240 -27.47 14.31 43.73
C GLY E 240 -27.81 13.65 42.39
N VAL E 241 -28.18 14.46 41.39
CA VAL E 241 -28.53 13.96 40.07
C VAL E 241 -27.30 14.04 39.17
N MET E 242 -27.09 12.99 38.38
CA MET E 242 -26.00 12.93 37.42
C MET E 242 -26.34 13.81 36.22
N PHE E 243 -25.36 14.62 35.82
CA PHE E 243 -25.44 15.53 34.69
C PHE E 243 -25.98 14.80 33.47
N ASP E 244 -26.94 15.46 32.81
CA ASP E 244 -27.43 15.08 31.48
C ASP E 244 -27.34 16.32 30.61
N MET E 245 -26.50 16.27 29.58
CA MET E 245 -26.35 17.40 28.68
C MET E 245 -27.72 17.78 28.12
N LEU E 246 -28.61 16.79 27.97
CA LEU E 246 -29.85 17.00 27.23
C LEU E 246 -31.05 17.03 28.17
N ASP E 247 -30.79 16.96 29.48
CA ASP E 247 -31.80 17.21 30.49
C ASP E 247 -33.08 16.40 30.20
N ARG E 248 -32.95 15.07 30.17
CA ARG E 248 -34.07 14.21 29.83
C ARG E 248 -34.90 13.89 31.07
N ARG E 249 -34.26 14.02 32.25
CA ARG E 249 -34.87 13.65 33.52
C ARG E 249 -34.25 14.51 34.63
N ARG E 250 -35.04 14.81 35.66
CA ARG E 250 -34.63 15.71 36.74
C ARG E 250 -35.57 15.59 37.94
N LEU E 251 -35.10 16.04 39.11
CA LEU E 251 -35.91 16.06 40.32
C LEU E 251 -37.01 17.11 40.19
N GLU E 252 -38.26 16.66 40.27
CA GLU E 252 -39.39 17.57 40.39
C GLU E 252 -40.30 17.07 41.51
N GLY E 253 -40.42 17.88 42.56
CA GLY E 253 -41.29 17.58 43.69
C GLY E 253 -40.83 16.34 44.45
N GLY E 254 -39.51 16.15 44.54
CA GLY E 254 -38.91 15.06 45.29
C GLY E 254 -38.87 13.74 44.52
N VAL E 255 -39.39 13.72 43.29
CA VAL E 255 -39.36 12.52 42.45
C VAL E 255 -38.61 12.86 41.16
N ILE E 256 -38.07 11.81 40.51
CA ILE E 256 -37.42 11.96 39.21
C ILE E 256 -38.50 11.90 38.13
N ILE E 257 -38.57 12.94 37.31
CA ILE E 257 -39.48 12.99 36.17
C ILE E 257 -38.63 12.88 34.90
N MET E 258 -39.03 11.98 34.00
CA MET E 258 -38.46 11.88 32.66
C MET E 258 -39.55 12.34 31.68
N ASP E 259 -39.29 13.45 30.97
CA ASP E 259 -40.30 14.05 30.10
C ASP E 259 -39.80 14.10 28.66
N LYS E 260 -38.66 13.45 28.39
CA LYS E 260 -38.15 13.29 27.04
C LYS E 260 -37.85 11.81 26.81
N ASP E 261 -37.76 11.40 25.54
CA ASP E 261 -37.36 10.03 25.25
C ASP E 261 -35.84 9.92 25.45
N GLN E 262 -35.29 8.72 25.19
CA GLN E 262 -33.91 8.44 25.51
C GLN E 262 -32.96 9.14 24.54
N VAL E 263 -33.49 9.63 23.41
CA VAL E 263 -32.72 10.47 22.51
C VAL E 263 -33.17 11.93 22.60
N ALA E 264 -33.84 12.27 23.70
CA ALA E 264 -34.09 13.64 24.13
C ALA E 264 -35.15 14.35 23.29
N ILE E 265 -36.01 13.60 22.60
CA ILE E 265 -37.19 14.19 21.97
C ILE E 265 -38.27 14.35 23.04
N PRO E 266 -38.78 15.59 23.29
CA PRO E 266 -39.78 15.81 24.34
C PRO E 266 -41.01 14.92 24.18
N LEU E 267 -41.52 14.43 25.31
CA LEU E 267 -42.72 13.60 25.34
C LEU E 267 -43.93 14.49 25.60
N ASP E 268 -45.11 13.95 25.27
CA ASP E 268 -46.40 14.56 25.61
C ASP E 268 -46.84 14.04 26.99
N ARG E 269 -45.87 13.60 27.80
CA ARG E 269 -46.17 13.04 29.11
C ARG E 269 -44.97 13.23 30.04
N LYS E 270 -45.24 13.26 31.35
CA LYS E 270 -44.19 13.28 32.36
C LYS E 270 -44.17 11.92 33.04
N VAL E 271 -43.07 11.19 32.88
CA VAL E 271 -42.98 9.85 33.42
C VAL E 271 -42.36 9.92 34.81
N ASN E 272 -43.11 9.44 35.80
CA ASN E 272 -42.73 9.51 37.20
C ASN E 272 -41.92 8.25 37.54
N LEU E 273 -40.64 8.46 37.84
CA LEU E 273 -39.71 7.37 38.10
C LEU E 273 -39.48 7.22 39.61
N GLY E 274 -40.29 7.92 40.41
CA GLY E 274 -40.25 7.78 41.86
C GLY E 274 -39.03 8.46 42.49
N LYS E 275 -38.91 8.32 43.81
CA LYS E 275 -37.88 9.00 44.58
C LYS E 275 -36.53 8.34 44.32
N PRO E 276 -35.43 9.12 44.28
CA PRO E 276 -34.08 8.54 44.20
C PRO E 276 -33.64 7.90 45.52
N MET E 277 -32.58 7.09 45.45
CA MET E 277 -31.94 6.52 46.62
C MET E 277 -31.20 7.62 47.36
N SER E 278 -31.11 7.52 48.70
CA SER E 278 -30.18 8.35 49.43
C SER E 278 -28.77 7.90 49.07
N SER E 279 -27.80 8.80 49.28
CA SER E 279 -26.39 8.51 49.06
C SER E 279 -26.00 7.26 49.84
N GLU E 280 -26.56 7.12 51.05
CA GLU E 280 -26.29 6.03 51.96
C GLU E 280 -26.76 4.71 51.33
N GLU E 281 -27.98 4.73 50.78
CA GLU E 281 -28.57 3.52 50.22
C GLU E 281 -27.80 3.11 48.96
N ALA E 282 -27.51 4.08 48.09
CA ALA E 282 -26.78 3.79 46.87
C ALA E 282 -25.43 3.16 47.20
N ALA E 283 -24.76 3.66 48.25
CA ALA E 283 -23.48 3.11 48.71
C ALA E 283 -23.59 1.63 49.02
N LYS E 284 -24.71 1.21 49.64
CA LYS E 284 -24.89 -0.17 50.06
C LYS E 284 -25.31 -1.06 48.89
N ARG E 285 -25.87 -0.44 47.83
CA ARG E 285 -26.46 -1.18 46.73
C ARG E 285 -25.54 -1.24 45.50
N THR E 286 -24.43 -0.48 45.52
CA THR E 286 -23.63 -0.28 44.32
C THR E 286 -22.80 -1.53 44.00
N THR E 287 -22.61 -1.76 42.69
CA THR E 287 -21.70 -2.78 42.20
C THR E 287 -20.31 -2.19 41.93
N ILE E 288 -20.11 -0.90 42.19
CA ILE E 288 -18.81 -0.27 41.96
C ILE E 288 -17.98 -0.30 43.24
N TYR E 289 -16.67 -0.46 43.10
CA TYR E 289 -15.76 -0.24 44.22
C TYR E 289 -15.29 1.22 44.19
N ARG E 290 -15.13 1.80 45.38
CA ARG E 290 -14.50 3.10 45.56
C ARG E 290 -13.79 3.11 46.92
N VAL E 291 -12.66 3.81 46.99
CA VAL E 291 -11.79 3.82 48.17
C VAL E 291 -12.51 4.47 49.36
N ASP E 292 -13.52 5.30 49.09
CA ASP E 292 -14.25 6.01 50.13
C ASP E 292 -15.54 5.27 50.45
N ASN E 293 -15.64 4.01 49.99
CA ASN E 293 -16.84 3.22 50.24
C ASN E 293 -16.40 1.79 50.55
N VAL E 294 -16.38 0.95 49.52
CA VAL E 294 -15.83 -0.40 49.59
C VAL E 294 -14.62 -0.41 48.66
N ALA E 295 -13.42 -0.35 49.26
CA ALA E 295 -12.17 -0.20 48.54
C ALA E 295 -11.78 -1.49 47.83
N PHE E 296 -11.43 -1.37 46.55
CA PHE E 296 -10.99 -2.54 45.77
C PHE E 296 -9.71 -3.09 46.38
N ARG E 297 -8.83 -2.17 46.84
CA ARG E 297 -7.53 -2.54 47.39
C ARG E 297 -7.70 -3.63 48.45
N ASP E 298 -8.82 -3.60 49.18
CA ASP E 298 -9.04 -4.45 50.34
C ASP E 298 -9.70 -5.78 49.99
N ASP E 299 -10.12 -5.95 48.71
CA ASP E 299 -10.81 -7.17 48.33
C ASP E 299 -9.81 -8.18 47.79
N ALA E 300 -9.09 -8.84 48.71
CA ALA E 300 -8.01 -9.76 48.40
C ALA E 300 -8.50 -10.89 47.49
N GLU E 301 -9.79 -11.23 47.61
CA GLU E 301 -10.37 -12.38 46.93
C GLU E 301 -10.58 -12.06 45.45
N VAL E 302 -11.00 -10.83 45.15
CA VAL E 302 -11.27 -10.47 43.78
C VAL E 302 -9.95 -10.15 43.08
N ILE E 303 -9.00 -9.56 43.83
CA ILE E 303 -7.67 -9.29 43.30
C ILE E 303 -7.01 -10.62 42.92
N GLU E 304 -7.19 -11.63 43.79
CA GLU E 304 -6.70 -12.98 43.56
C GLU E 304 -7.31 -13.53 42.27
N TRP E 305 -8.63 -13.37 42.09
CA TRP E 305 -9.29 -13.79 40.85
C TRP E 305 -8.56 -13.21 39.64
N VAL E 306 -8.35 -11.89 39.63
CA VAL E 306 -7.69 -11.19 38.53
C VAL E 306 -6.30 -11.78 38.29
N HIS E 307 -5.52 -11.92 39.38
CA HIS E 307 -4.16 -12.44 39.31
C HIS E 307 -4.14 -13.86 38.73
N ARG E 308 -5.09 -14.70 39.16
CA ARG E 308 -5.15 -16.07 38.66
C ARG E 308 -5.41 -16.08 37.15
N VAL E 309 -6.41 -15.31 36.69
CA VAL E 309 -6.75 -15.28 35.28
C VAL E 309 -5.56 -14.75 34.48
N PHE E 310 -4.92 -13.70 35.03
CA PHE E 310 -3.77 -13.08 34.41
C PHE E 310 -2.62 -14.08 34.25
N ASP E 311 -2.28 -14.80 35.32
CA ASP E 311 -1.17 -15.75 35.29
C ASP E 311 -1.43 -16.87 34.28
N GLN E 312 -2.68 -17.35 34.26
CA GLN E 312 -3.08 -18.40 33.33
C GLN E 312 -2.94 -17.90 31.89
N ARG E 313 -3.53 -16.74 31.61
CA ARG E 313 -3.58 -16.24 30.25
C ARG E 313 -2.15 -16.03 29.74
N THR E 314 -1.31 -15.42 30.59
CA THR E 314 0.08 -15.18 30.24
C THR E 314 0.77 -16.51 29.94
N SER E 315 0.75 -17.41 30.93
CA SER E 315 1.51 -18.66 30.86
C SER E 315 1.06 -19.48 29.65
N TYR E 316 -0.26 -19.54 29.43
CA TYR E 316 -0.81 -20.46 28.44
C TYR E 316 -0.58 -19.92 27.02
N GLY E 317 -0.43 -18.60 26.91
CA GLY E 317 -0.09 -17.97 25.63
C GLY E 317 1.35 -18.28 25.20
N PHE E 318 2.23 -18.52 26.19
CA PHE E 318 3.56 -19.03 25.93
C PHE E 318 3.50 -20.51 25.55
N GLN E 319 2.97 -21.33 26.47
CA GLN E 319 2.80 -22.76 26.24
C GLN E 319 1.54 -23.21 26.98
N PRO E 320 0.48 -23.68 26.26
CA PRO E 320 -0.77 -24.09 26.89
C PRO E 320 -0.67 -25.46 27.57
N LYS E 321 -0.03 -25.48 28.75
CA LYS E 321 0.22 -26.71 29.48
C LYS E 321 0.63 -26.36 30.92
N ALA F 75 25.49 -18.74 -46.98
CA ALA F 75 25.68 -17.95 -45.74
C ALA F 75 24.88 -16.65 -45.85
N TYR F 76 24.16 -16.32 -44.77
CA TYR F 76 23.22 -15.20 -44.77
C TYR F 76 23.97 -13.86 -44.89
N GLU F 77 23.48 -13.01 -45.80
CA GLU F 77 24.06 -11.72 -46.16
C GLU F 77 23.14 -10.61 -45.65
N ALA F 78 23.59 -9.88 -44.61
CA ALA F 78 22.81 -8.84 -43.96
C ALA F 78 22.39 -7.74 -44.95
N GLN F 79 21.14 -7.28 -44.84
CA GLN F 79 20.63 -6.16 -45.63
C GLN F 79 20.54 -4.88 -44.79
N TYR F 80 20.43 -5.02 -43.47
CA TYR F 80 20.62 -3.95 -42.49
C TYR F 80 19.39 -3.06 -42.33
N TYR F 81 19.00 -2.36 -43.41
CA TYR F 81 18.03 -1.28 -43.30
C TYR F 81 17.43 -0.98 -44.66
N PRO F 82 16.11 -0.69 -44.75
CA PRO F 82 15.50 -0.26 -46.02
C PRO F 82 15.81 1.17 -46.46
N GLY F 83 15.37 1.51 -47.67
CA GLY F 83 15.44 2.88 -48.16
C GLY F 83 16.54 3.07 -49.20
N ALA F 84 16.19 3.82 -50.26
CA ALA F 84 17.05 4.01 -51.41
C ALA F 84 17.71 5.39 -51.40
N THR F 85 17.46 6.20 -50.36
CA THR F 85 18.02 7.55 -50.32
C THR F 85 19.43 7.50 -49.73
N SER F 86 20.11 8.65 -49.74
CA SER F 86 21.44 8.76 -49.15
C SER F 86 21.38 8.46 -47.66
N VAL F 87 20.24 8.75 -47.04
CA VAL F 87 20.01 8.44 -45.63
C VAL F 87 20.05 6.92 -45.46
N GLY F 88 19.39 6.20 -46.36
CA GLY F 88 19.47 4.74 -46.39
C GLY F 88 20.90 4.23 -46.55
N ALA F 89 21.62 4.78 -47.54
CA ALA F 89 23.00 4.38 -47.78
C ALA F 89 23.85 4.62 -46.53
N ASN F 90 23.70 5.81 -45.94
CA ASN F 90 24.50 6.21 -44.79
C ASN F 90 24.17 5.33 -43.58
N ARG F 91 22.88 5.02 -43.40
CA ARG F 91 22.46 4.15 -42.30
C ARG F 91 23.11 2.78 -42.43
N ARG F 92 23.20 2.27 -43.66
CA ARG F 92 23.75 0.95 -43.90
C ARG F 92 25.27 0.97 -43.72
N LYS F 93 25.88 2.10 -44.07
CA LYS F 93 27.31 2.29 -43.85
C LYS F 93 27.60 2.28 -42.35
N HIS F 94 26.76 2.96 -41.56
CA HIS F 94 26.94 3.03 -40.11
C HIS F 94 26.77 1.64 -39.50
N MET F 95 25.66 0.97 -39.84
CA MET F 95 25.33 -0.33 -39.28
C MET F 95 26.42 -1.35 -39.61
N SER F 96 26.86 -1.33 -40.88
CA SER F 96 27.82 -2.31 -41.39
C SER F 96 29.25 -1.98 -40.97
N GLY F 97 29.50 -0.73 -40.53
CA GLY F 97 30.84 -0.32 -40.15
C GLY F 97 31.72 0.04 -41.36
N LYS F 98 31.12 0.13 -42.54
CA LYS F 98 31.84 0.50 -43.75
C LYS F 98 31.94 2.03 -43.82
N LEU F 99 32.86 2.58 -43.03
CA LEU F 99 32.92 4.01 -42.76
C LEU F 99 34.25 4.56 -43.27
N GLU F 100 34.18 5.73 -43.91
CA GLU F 100 35.39 6.37 -44.41
C GLU F 100 36.15 7.00 -43.25
N LYS F 101 37.45 6.70 -43.16
CA LYS F 101 38.35 7.37 -42.22
C LYS F 101 38.63 8.78 -42.74
N LEU F 102 38.42 9.78 -41.87
CA LEU F 102 38.51 11.18 -42.27
C LEU F 102 39.61 11.89 -41.49
N ARG F 103 40.12 11.24 -40.43
CA ARG F 103 41.04 11.92 -39.54
C ARG F 103 41.72 10.88 -38.65
N GLU F 104 42.73 11.32 -37.91
CA GLU F 104 43.45 10.42 -37.03
C GLU F 104 43.49 11.04 -35.64
N ILE F 105 43.40 10.19 -34.63
CA ILE F 105 43.63 10.61 -33.26
C ILE F 105 44.63 9.64 -32.65
N SER F 106 45.66 10.19 -32.01
CA SER F 106 46.67 9.36 -31.36
C SER F 106 46.05 8.64 -30.17
N ASP F 107 46.65 7.52 -29.79
CA ASP F 107 46.22 6.75 -28.63
C ASP F 107 46.17 7.66 -27.39
N GLU F 108 47.17 8.53 -27.25
CA GLU F 108 47.28 9.32 -26.02
C GLU F 108 46.25 10.44 -25.99
N ASP F 109 45.99 11.06 -27.14
CA ASP F 109 44.97 12.10 -27.27
C ASP F 109 43.60 11.49 -26.98
N LEU F 110 43.36 10.29 -27.52
CA LEU F 110 42.12 9.56 -27.28
C LEU F 110 41.93 9.31 -25.79
N THR F 111 42.94 8.74 -25.12
CA THR F 111 42.87 8.46 -23.69
C THR F 111 42.57 9.74 -22.91
N ALA F 112 43.24 10.84 -23.29
CA ALA F 112 43.11 12.11 -22.60
C ALA F 112 41.67 12.61 -22.70
N VAL F 113 41.04 12.50 -23.87
CA VAL F 113 39.71 13.07 -24.04
C VAL F 113 38.69 12.18 -23.33
N LEU F 114 38.95 10.87 -23.28
CA LEU F 114 38.03 9.92 -22.65
C LEU F 114 37.95 10.17 -21.15
N GLY F 115 39.10 10.44 -20.52
CA GLY F 115 39.16 10.96 -19.17
C GLY F 115 39.14 9.91 -18.07
N HIS F 116 39.49 8.65 -18.40
CA HIS F 116 39.37 7.55 -17.45
C HIS F 116 40.70 7.26 -16.77
N ARG F 117 41.82 7.54 -17.44
CA ARG F 117 43.13 7.32 -16.86
C ARG F 117 44.14 8.25 -17.53
N ALA F 118 45.34 8.34 -16.91
CA ALA F 118 46.42 9.16 -17.46
C ALA F 118 46.81 8.60 -18.83
N PRO F 119 46.92 9.43 -19.89
CA PRO F 119 47.38 8.95 -21.19
C PRO F 119 48.66 8.13 -21.02
N GLY F 120 48.74 6.99 -21.73
CA GLY F 120 49.93 6.16 -21.74
C GLY F 120 50.04 5.25 -20.53
N SER F 121 49.14 5.41 -19.54
CA SER F 121 49.17 4.59 -18.34
C SER F 121 48.59 3.20 -18.61
N ASP F 122 48.91 2.27 -17.71
CA ASP F 122 48.30 0.95 -17.67
C ASP F 122 46.81 1.06 -17.39
N TYR F 123 46.03 0.10 -17.88
CA TYR F 123 44.59 0.05 -17.65
C TYR F 123 44.33 -0.41 -16.23
N PRO F 124 43.66 0.39 -15.38
CA PRO F 124 43.23 -0.09 -14.05
C PRO F 124 42.31 -1.29 -14.25
N SER F 125 42.13 -2.09 -13.19
CA SER F 125 41.26 -3.25 -13.29
C SER F 125 40.19 -3.19 -12.21
N THR F 126 39.09 -3.92 -12.42
CA THR F 126 38.02 -4.02 -11.43
C THR F 126 38.03 -5.42 -10.80
N HIS F 127 38.64 -6.39 -11.49
CA HIS F 127 38.86 -7.71 -10.92
C HIS F 127 40.15 -8.29 -11.52
N PRO F 128 40.75 -9.36 -10.93
CA PRO F 128 41.99 -9.92 -11.46
C PRO F 128 41.78 -10.50 -12.86
N PRO F 129 42.86 -10.72 -13.66
CA PRO F 129 42.71 -11.32 -14.99
C PRO F 129 42.08 -12.70 -14.83
N LEU F 130 41.34 -13.13 -15.86
CA LEU F 130 40.64 -14.40 -15.87
C LEU F 130 41.62 -15.54 -15.61
N ALA F 131 42.79 -15.48 -16.26
CA ALA F 131 43.78 -16.55 -16.17
C ALA F 131 44.27 -16.74 -14.73
N GLU F 132 44.24 -15.67 -13.92
CA GLU F 132 44.78 -15.73 -12.58
C GLU F 132 43.72 -16.20 -11.58
N MET F 133 42.47 -15.76 -11.76
CA MET F 133 41.46 -16.06 -10.76
C MET F 133 40.69 -17.31 -11.14
N GLY F 134 40.80 -17.73 -12.41
CA GLY F 134 40.05 -18.87 -12.89
C GLY F 134 38.58 -18.49 -13.09
N GLU F 135 37.80 -19.41 -13.66
CA GLU F 135 36.38 -19.19 -13.94
C GLU F 135 35.59 -20.44 -13.58
N PRO F 136 34.27 -20.34 -13.29
CA PRO F 136 33.42 -21.52 -13.17
C PRO F 136 33.37 -22.31 -14.47
N ALA F 137 33.08 -23.61 -14.38
CA ALA F 137 33.20 -24.52 -15.51
C ALA F 137 31.96 -24.45 -16.41
N CYS F 138 31.68 -23.25 -16.92
CA CYS F 138 30.48 -22.96 -17.69
C CYS F 138 30.72 -23.21 -19.18
N SER F 139 29.78 -23.89 -19.84
CA SER F 139 29.93 -24.24 -21.25
C SER F 139 29.98 -22.99 -22.13
N ILE F 140 29.30 -21.92 -21.68
CA ILE F 140 29.26 -20.66 -22.41
C ILE F 140 30.59 -19.92 -22.26
N ARG F 141 31.09 -19.83 -21.03
CA ARG F 141 32.41 -19.25 -20.81
C ARG F 141 33.45 -19.97 -21.68
N GLU F 142 33.31 -21.30 -21.82
CA GLU F 142 34.27 -22.10 -22.57
C GLU F 142 34.12 -21.90 -24.07
N ALA F 143 32.91 -21.57 -24.53
CA ALA F 143 32.63 -21.44 -25.96
C ALA F 143 32.87 -20.02 -26.46
N VAL F 144 32.79 -19.03 -25.56
CA VAL F 144 32.85 -17.64 -25.98
C VAL F 144 34.17 -17.05 -25.51
N ALA F 145 35.00 -16.62 -26.46
CA ALA F 145 36.26 -15.97 -26.13
C ALA F 145 35.98 -14.62 -25.47
N ALA F 146 36.59 -14.41 -24.29
CA ALA F 146 36.60 -13.14 -23.61
C ALA F 146 37.33 -12.12 -24.48
N THR F 147 36.85 -10.86 -24.50
CA THR F 147 37.56 -9.78 -25.14
C THR F 147 38.89 -9.56 -24.42
N PRO F 148 39.90 -8.91 -25.05
CA PRO F 148 41.15 -8.58 -24.36
C PRO F 148 40.89 -7.80 -23.06
N GLY F 149 39.88 -6.92 -23.08
CA GLY F 149 39.51 -6.14 -21.90
C GLY F 149 38.99 -7.03 -20.77
N ALA F 150 38.15 -8.01 -21.13
CA ALA F 150 37.57 -8.88 -20.12
C ALA F 150 38.63 -9.82 -19.57
N ALA F 151 39.53 -10.27 -20.46
CA ALA F 151 40.63 -11.14 -20.07
C ALA F 151 41.49 -10.45 -19.01
N ALA F 152 41.68 -9.13 -19.16
CA ALA F 152 42.60 -8.39 -18.31
C ALA F 152 41.90 -7.86 -17.05
N GLY F 153 40.57 -7.90 -17.01
CA GLY F 153 39.81 -7.48 -15.84
C GLY F 153 39.65 -5.96 -15.79
N ASP F 154 39.69 -5.31 -16.96
CA ASP F 154 39.54 -3.87 -17.05
C ASP F 154 38.23 -3.43 -16.41
N ARG F 155 38.23 -2.22 -15.84
CA ARG F 155 36.99 -1.55 -15.48
C ARG F 155 36.13 -1.42 -16.72
N VAL F 156 34.82 -1.34 -16.52
CA VAL F 156 33.93 -0.97 -17.61
C VAL F 156 33.88 0.55 -17.64
N ARG F 157 34.34 1.14 -18.74
CA ARG F 157 34.27 2.58 -18.93
C ARG F 157 33.49 2.87 -20.21
N TYR F 158 33.38 4.15 -20.57
CA TYR F 158 32.43 4.52 -21.62
C TYR F 158 33.01 5.61 -22.52
N VAL F 159 32.37 5.74 -23.69
CA VAL F 159 32.50 6.89 -24.57
C VAL F 159 31.09 7.29 -24.98
N GLN F 160 30.81 8.61 -24.96
CA GLN F 160 29.47 9.12 -25.16
C GLN F 160 29.49 10.35 -26.07
N PHE F 161 28.50 10.43 -26.97
CA PHE F 161 28.46 11.50 -27.96
C PHE F 161 27.06 12.09 -28.04
N ALA F 162 27.02 13.43 -28.17
CA ALA F 162 25.88 14.19 -28.65
C ALA F 162 26.03 14.43 -30.15
N ASP F 163 24.92 14.45 -30.88
CA ASP F 163 24.96 14.67 -32.33
C ASP F 163 23.88 15.66 -32.74
N SER F 164 24.24 16.68 -33.51
CA SER F 164 23.27 17.69 -33.93
C SER F 164 22.21 17.08 -34.83
N MET F 165 20.96 17.53 -34.66
CA MET F 165 19.86 17.12 -35.52
C MET F 165 19.91 17.87 -36.85
N TYR F 166 20.82 18.86 -36.92
CA TYR F 166 21.10 19.59 -38.15
C TYR F 166 22.15 18.80 -38.95
N ASN F 167 21.78 17.56 -39.32
CA ASN F 167 22.51 16.74 -40.27
C ASN F 167 23.91 16.36 -39.77
N ALA F 168 24.10 16.20 -38.47
CA ALA F 168 25.31 15.49 -38.07
C ALA F 168 25.31 14.14 -38.78
N PRO F 169 26.47 13.59 -39.20
CA PRO F 169 26.49 12.26 -39.81
C PRO F 169 25.74 11.22 -38.99
N ALA F 170 26.02 11.21 -37.67
CA ALA F 170 25.51 10.19 -36.77
C ALA F 170 24.14 10.60 -36.22
N THR F 171 23.30 9.57 -36.02
CA THR F 171 22.15 9.65 -35.14
C THR F 171 22.30 8.59 -34.04
N PRO F 172 21.72 8.82 -32.83
CA PRO F 172 21.94 7.90 -31.71
C PRO F 172 21.68 6.41 -31.94
N TYR F 173 20.54 6.07 -32.54
CA TYR F 173 20.21 4.66 -32.77
C TYR F 173 21.28 4.01 -33.65
N PHE F 174 21.68 4.72 -34.71
CA PHE F 174 22.61 4.15 -35.68
C PHE F 174 24.02 4.05 -35.08
N ARG F 175 24.35 4.92 -34.13
CA ARG F 175 25.62 4.71 -33.42
C ARG F 175 25.55 3.40 -32.64
N SER F 176 24.38 3.13 -32.04
CA SER F 176 24.23 1.94 -31.21
C SER F 176 24.21 0.69 -32.07
N TYR F 177 23.58 0.77 -33.25
CA TYR F 177 23.55 -0.36 -34.17
C TYR F 177 24.97 -0.67 -34.62
N PHE F 178 25.75 0.37 -34.91
CA PHE F 178 27.15 0.21 -35.30
C PHE F 178 27.92 -0.59 -34.24
N ALA F 179 27.74 -0.24 -32.97
CA ALA F 179 28.44 -0.88 -31.86
C ALA F 179 28.02 -2.34 -31.72
N ALA F 180 26.70 -2.57 -31.72
CA ALA F 180 26.13 -3.89 -31.54
C ALA F 180 26.53 -4.83 -32.68
N ILE F 181 26.63 -4.30 -33.90
CA ILE F 181 26.95 -5.13 -35.05
C ILE F 181 28.46 -5.42 -35.13
N ASN F 182 29.30 -4.43 -34.81
CA ASN F 182 30.71 -4.50 -35.18
C ASN F 182 31.64 -4.76 -34.01
N PHE F 183 31.13 -4.72 -32.77
CA PHE F 183 32.01 -4.87 -31.62
C PHE F 183 31.49 -5.95 -30.67
N ARG F 184 32.43 -6.61 -29.97
CA ARG F 184 32.10 -7.68 -29.07
C ARG F 184 32.06 -7.13 -27.65
N GLY F 185 31.15 -7.65 -26.81
CA GLY F 185 31.13 -7.30 -25.40
C GLY F 185 30.92 -5.80 -25.21
N VAL F 186 29.84 -5.27 -25.83
CA VAL F 186 29.55 -3.85 -25.74
C VAL F 186 28.18 -3.63 -25.10
N ASP F 187 28.05 -2.49 -24.42
CA ASP F 187 26.83 -2.09 -23.76
C ASP F 187 26.38 -0.75 -24.33
N PRO F 188 25.82 -0.71 -25.56
CA PRO F 188 25.32 0.55 -26.14
C PRO F 188 24.02 1.06 -25.51
N GLY F 189 23.89 2.39 -25.40
CA GLY F 189 22.68 3.04 -24.92
C GLY F 189 22.27 4.20 -25.84
N THR F 190 20.98 4.28 -26.20
CA THR F 190 20.48 5.34 -27.06
C THR F 190 19.53 6.25 -26.28
N LEU F 191 19.82 7.56 -26.34
CA LEU F 191 18.95 8.62 -25.86
C LEU F 191 18.87 9.66 -26.98
N SER F 192 17.92 10.59 -26.89
CA SER F 192 17.79 11.59 -27.96
C SER F 192 19.02 12.49 -28.02
N GLY F 193 19.56 12.81 -26.85
CA GLY F 193 20.57 13.84 -26.72
C GLY F 193 21.98 13.30 -26.51
N ARG F 194 22.10 11.96 -26.39
CA ARG F 194 23.36 11.32 -26.07
C ARG F 194 23.26 9.84 -26.44
N GLN F 195 24.39 9.28 -26.90
CA GLN F 195 24.53 7.86 -27.16
C GLN F 195 25.81 7.42 -26.46
N ILE F 196 25.76 6.26 -25.80
CA ILE F 196 26.91 5.78 -25.03
C ILE F 196 27.27 4.36 -25.48
N VAL F 197 28.56 4.04 -25.37
CA VAL F 197 29.03 2.67 -25.39
C VAL F 197 29.82 2.44 -24.09
N GLU F 198 29.30 1.54 -23.24
CA GLU F 198 30.09 1.06 -22.12
C GLU F 198 30.71 -0.26 -22.57
N ALA F 199 31.97 -0.49 -22.17
CA ALA F 199 32.69 -1.72 -22.43
C ALA F 199 33.92 -1.73 -21.53
N ARG F 200 34.56 -2.90 -21.40
CA ARG F 200 35.87 -2.99 -20.77
C ARG F 200 36.77 -1.93 -21.39
N GLU F 201 37.57 -1.27 -20.53
CA GLU F 201 38.24 -0.03 -20.90
C GLU F 201 38.91 -0.13 -22.27
N ARG F 202 39.76 -1.15 -22.46
CA ARG F 202 40.56 -1.21 -23.68
C ARG F 202 39.69 -1.49 -24.90
N ASP F 203 38.59 -2.21 -24.71
CA ASP F 203 37.69 -2.56 -25.80
C ASP F 203 36.93 -1.32 -26.25
N MET F 204 36.42 -0.56 -25.25
CA MET F 204 35.75 0.71 -25.45
C MET F 204 36.64 1.67 -26.26
N GLU F 205 37.94 1.71 -25.92
CA GLU F 205 38.86 2.62 -26.61
C GLU F 205 38.93 2.32 -28.10
N GLN F 206 38.95 1.03 -28.47
CA GLN F 206 38.96 0.64 -29.88
C GLN F 206 37.68 1.13 -30.57
N CYS F 207 36.57 1.10 -29.84
CA CYS F 207 35.29 1.53 -30.39
C CYS F 207 35.27 3.05 -30.52
N ALA F 208 35.72 3.74 -29.47
CA ALA F 208 35.81 5.19 -29.44
C ALA F 208 36.69 5.68 -30.61
N LYS F 209 37.79 4.97 -30.88
CA LYS F 209 38.72 5.38 -31.92
C LYS F 209 38.04 5.41 -33.29
N VAL F 210 37.30 4.34 -33.62
CA VAL F 210 36.68 4.24 -34.93
C VAL F 210 35.61 5.34 -35.05
N GLN F 211 34.88 5.57 -33.96
CA GLN F 211 33.84 6.60 -33.94
C GLN F 211 34.47 7.97 -34.16
N MET F 212 35.65 8.20 -33.58
CA MET F 212 36.31 9.49 -33.64
C MET F 212 36.99 9.75 -34.97
N GLU F 213 37.40 8.67 -35.66
CA GLU F 213 38.26 8.83 -36.82
C GLU F 213 37.49 8.82 -38.14
N THR F 214 36.25 8.29 -38.11
CA THR F 214 35.52 8.06 -39.34
C THR F 214 34.48 9.16 -39.54
N GLU F 215 33.77 9.09 -40.67
CA GLU F 215 32.73 10.04 -41.04
C GLU F 215 31.56 10.00 -40.05
N MET F 216 31.52 9.00 -39.16
CA MET F 216 30.44 8.87 -38.19
C MET F 216 30.36 10.12 -37.31
N THR F 217 31.51 10.68 -36.96
CA THR F 217 31.56 11.86 -36.11
C THR F 217 32.08 13.06 -36.91
N ASP F 218 31.21 14.05 -37.11
CA ASP F 218 31.70 15.38 -37.46
C ASP F 218 32.10 16.11 -36.18
N PRO F 219 33.35 16.63 -36.08
CA PRO F 219 33.82 17.26 -34.85
C PRO F 219 33.16 18.60 -34.49
N ALA F 220 32.43 19.20 -35.45
CA ALA F 220 31.68 20.41 -35.17
C ALA F 220 30.25 20.08 -34.76
N LEU F 221 29.57 19.20 -35.53
CA LEU F 221 28.16 18.91 -35.33
C LEU F 221 27.94 17.90 -34.22
N ALA F 222 29.02 17.29 -33.75
CA ALA F 222 28.96 16.30 -32.69
C ALA F 222 29.98 16.68 -31.63
N GLY F 223 29.85 16.05 -30.45
CA GLY F 223 30.82 16.27 -29.38
C GLY F 223 30.81 15.08 -28.43
N MET F 224 32.00 14.75 -27.93
CA MET F 224 32.12 13.70 -26.94
C MET F 224 31.77 14.30 -25.58
N ARG F 225 30.69 13.80 -24.97
CA ARG F 225 30.14 14.42 -23.76
C ARG F 225 29.66 13.32 -22.83
N GLY F 226 30.35 13.15 -21.70
CA GLY F 226 29.97 12.16 -20.70
C GLY F 226 28.92 12.70 -19.74
N ALA F 227 28.73 14.02 -19.76
CA ALA F 227 27.78 14.72 -18.89
C ALA F 227 27.46 16.08 -19.51
N THR F 228 26.30 16.64 -19.13
CA THR F 228 25.81 17.92 -19.61
C THR F 228 25.79 17.93 -21.14
N VAL F 229 24.91 17.13 -21.73
CA VAL F 229 25.03 16.74 -23.14
C VAL F 229 24.22 17.68 -24.03
N HIS F 230 23.38 18.52 -23.42
CA HIS F 230 22.46 19.43 -24.11
C HIS F 230 23.09 20.02 -25.38
N GLY F 231 22.38 19.93 -26.51
CA GLY F 231 22.88 20.51 -27.75
C GLY F 231 22.21 19.96 -29.01
N HIS F 232 21.88 18.67 -29.04
CA HIS F 232 21.45 18.02 -30.26
C HIS F 232 20.31 18.78 -30.95
N SER F 233 19.41 19.37 -30.15
CA SER F 233 18.17 19.95 -30.62
C SER F 233 18.24 21.48 -30.58
N VAL F 234 19.41 22.01 -30.20
CA VAL F 234 19.64 23.45 -30.09
C VAL F 234 20.10 24.00 -31.44
N ARG F 235 19.70 25.24 -31.74
CA ARG F 235 20.18 25.94 -32.92
C ARG F 235 21.70 25.98 -32.91
N LEU F 236 22.30 25.97 -34.10
CA LEU F 236 23.75 25.93 -34.23
C LEU F 236 24.34 27.31 -33.91
N GLN F 237 25.62 27.33 -33.50
CA GLN F 237 26.40 28.55 -33.51
C GLN F 237 26.54 29.00 -34.96
N GLU F 238 26.78 30.31 -35.14
CA GLU F 238 26.88 30.89 -36.47
C GLU F 238 28.07 30.28 -37.21
N ASP F 239 29.05 29.75 -36.47
CA ASP F 239 30.21 29.09 -37.04
C ASP F 239 29.95 27.62 -37.34
N GLY F 240 28.70 27.17 -37.11
CA GLY F 240 28.28 25.83 -37.52
C GLY F 240 28.62 24.75 -36.49
N VAL F 241 29.04 25.16 -35.29
CA VAL F 241 29.36 24.25 -34.20
C VAL F 241 28.15 24.12 -33.27
N MET F 242 27.87 22.89 -32.80
CA MET F 242 26.79 22.60 -31.88
C MET F 242 27.14 23.08 -30.47
N PHE F 243 26.19 23.82 -29.87
CA PHE F 243 26.28 24.32 -28.50
C PHE F 243 26.83 23.25 -27.55
N ASP F 244 27.77 23.68 -26.70
CA ASP F 244 28.22 22.90 -25.56
C ASP F 244 28.20 23.80 -24.33
N MET F 245 27.28 23.50 -23.39
CA MET F 245 27.20 24.26 -22.15
C MET F 245 28.58 24.36 -21.50
N LEU F 246 29.41 23.32 -21.65
CA LEU F 246 30.66 23.22 -20.92
C LEU F 246 31.88 23.46 -21.82
N ASP F 247 31.63 23.81 -23.09
CA ASP F 247 32.64 24.30 -24.00
C ASP F 247 33.88 23.39 -24.02
N ARG F 248 33.67 22.10 -24.31
CA ARG F 248 34.74 21.11 -24.33
C ARG F 248 35.56 21.20 -25.62
N ARG F 249 34.92 21.66 -26.71
CA ARG F 249 35.55 21.74 -28.02
C ARG F 249 35.00 22.94 -28.80
N ARG F 250 35.84 23.53 -29.65
CA ARG F 250 35.45 24.69 -30.45
C ARG F 250 36.36 24.84 -31.66
N LEU F 251 35.93 25.68 -32.61
CA LEU F 251 36.71 26.06 -33.78
C LEU F 251 37.88 26.95 -33.35
N GLU F 252 39.10 26.52 -33.67
CA GLU F 252 40.28 27.36 -33.49
C GLU F 252 41.14 27.22 -34.75
N GLY F 253 41.29 28.33 -35.47
CA GLY F 253 42.11 28.38 -36.67
C GLY F 253 41.62 27.43 -37.75
N GLY F 254 40.28 27.33 -37.90
CA GLY F 254 39.69 26.54 -38.97
C GLY F 254 39.55 25.05 -38.63
N VAL F 255 40.07 24.64 -37.46
CA VAL F 255 39.96 23.24 -37.04
C VAL F 255 39.26 23.18 -35.68
N ILE F 256 38.72 22.00 -35.35
CA ILE F 256 38.12 21.80 -34.03
C ILE F 256 39.22 21.37 -33.06
N ILE F 257 39.29 22.09 -31.93
CA ILE F 257 40.19 21.77 -30.84
C ILE F 257 39.33 21.30 -29.66
N MET F 258 39.72 20.16 -29.06
CA MET F 258 39.15 19.67 -27.83
C MET F 258 40.24 19.75 -26.76
N ASP F 259 40.00 20.54 -25.70
CA ASP F 259 41.01 20.84 -24.70
C ASP F 259 40.46 20.54 -23.31
N LYS F 260 39.33 19.84 -23.26
CA LYS F 260 38.80 19.28 -22.03
C LYS F 260 38.46 17.81 -22.29
N ASP F 261 38.38 17.01 -21.21
CA ASP F 261 37.92 15.63 -21.34
C ASP F 261 36.40 15.65 -21.52
N GLN F 262 35.78 14.47 -21.59
CA GLN F 262 34.37 14.40 -21.97
C GLN F 262 33.46 14.80 -20.80
N VAL F 263 34.02 14.86 -19.58
CA VAL F 263 33.28 15.41 -18.45
C VAL F 263 33.74 16.84 -18.14
N ALA F 264 34.38 17.48 -19.12
CA ALA F 264 34.71 18.91 -19.13
C ALA F 264 35.84 19.26 -18.17
N ILE F 265 36.66 18.29 -17.80
CA ILE F 265 37.86 18.61 -17.04
C ILE F 265 38.93 19.10 -18.01
N PRO F 266 39.41 20.36 -17.87
CA PRO F 266 40.39 20.92 -18.82
C PRO F 266 41.61 20.01 -18.93
N LEU F 267 42.16 19.91 -20.15
CA LEU F 267 43.33 19.11 -20.43
C LEU F 267 44.54 20.05 -20.51
N ASP F 268 45.73 19.46 -20.34
CA ASP F 268 46.98 20.16 -20.59
C ASP F 268 47.46 19.83 -22.00
N ARG F 269 46.51 19.63 -22.91
CA ARG F 269 46.80 19.44 -24.31
C ARG F 269 45.62 19.96 -25.13
N LYS F 270 45.91 20.34 -26.37
CA LYS F 270 44.88 20.73 -27.32
C LYS F 270 44.80 19.62 -28.37
N VAL F 271 43.70 18.86 -28.31
CA VAL F 271 43.51 17.78 -29.25
C VAL F 271 42.90 18.37 -30.52
N ASN F 272 43.64 18.26 -31.63
CA ASN F 272 43.24 18.80 -32.92
C ASN F 272 42.40 17.76 -33.65
N LEU F 273 41.08 18.02 -33.76
CA LEU F 273 40.19 17.05 -34.36
C LEU F 273 40.00 17.32 -35.85
N GLY F 274 40.71 18.32 -36.38
CA GLY F 274 40.73 18.61 -37.80
C GLY F 274 39.53 19.47 -38.23
N LYS F 275 39.39 19.63 -39.54
CA LYS F 275 38.41 20.54 -40.13
C LYS F 275 37.03 19.93 -40.01
N PRO F 276 35.96 20.73 -39.75
CA PRO F 276 34.59 20.21 -39.79
C PRO F 276 34.17 20.04 -41.24
N MET F 277 33.16 19.19 -41.47
CA MET F 277 32.51 19.08 -42.76
C MET F 277 31.77 20.37 -43.07
N SER F 278 31.67 20.73 -44.34
CA SER F 278 30.76 21.78 -44.76
C SER F 278 29.34 21.30 -44.49
N SER F 279 28.41 22.25 -44.44
CA SER F 279 26.99 21.95 -44.31
C SER F 279 26.53 20.99 -45.42
N GLU F 280 27.06 21.18 -46.63
CA GLU F 280 26.66 20.43 -47.81
C GLU F 280 27.15 18.98 -47.68
N GLU F 281 28.33 18.80 -47.07
CA GLU F 281 28.88 17.45 -46.94
C GLU F 281 28.15 16.71 -45.81
N ALA F 282 27.85 17.41 -44.71
CA ALA F 282 27.05 16.85 -43.63
C ALA F 282 25.71 16.33 -44.17
N ALA F 283 25.06 17.14 -45.01
CA ALA F 283 23.76 16.77 -45.57
C ALA F 283 23.86 15.51 -46.43
N LYS F 284 25.03 15.26 -47.04
CA LYS F 284 25.24 14.12 -47.90
C LYS F 284 25.58 12.87 -47.09
N ARG F 285 26.14 13.07 -45.87
CA ARG F 285 26.64 11.97 -45.07
C ARG F 285 25.69 11.59 -43.93
N THR F 286 24.62 12.37 -43.72
CA THR F 286 23.86 12.25 -42.48
C THR F 286 22.95 11.01 -42.51
N THR F 287 22.76 10.44 -41.32
CA THR F 287 21.80 9.36 -41.13
C THR F 287 20.44 9.91 -40.68
N ILE F 288 20.29 11.23 -40.52
CA ILE F 288 19.00 11.79 -40.14
C ILE F 288 18.23 12.20 -41.38
N TYR F 289 16.89 12.04 -41.32
CA TYR F 289 16.01 12.65 -42.31
C TYR F 289 15.62 14.05 -41.80
N ARG F 290 15.44 14.98 -42.75
CA ARG F 290 14.91 16.30 -42.50
C ARG F 290 14.17 16.76 -43.76
N VAL F 291 13.10 17.55 -43.59
CA VAL F 291 12.26 17.95 -44.71
C VAL F 291 13.03 18.84 -45.69
N ASP F 292 14.08 19.52 -45.19
CA ASP F 292 14.85 20.49 -45.97
C ASP F 292 16.11 19.82 -46.53
N ASN F 293 16.17 18.48 -46.44
CA ASN F 293 17.29 17.73 -46.97
C ASN F 293 16.74 16.49 -47.66
N VAL F 294 16.69 15.38 -46.93
CA VAL F 294 16.01 14.18 -47.39
C VAL F 294 14.79 13.97 -46.51
N ALA F 295 13.61 14.31 -47.06
CA ALA F 295 12.35 14.28 -46.34
C ALA F 295 11.93 12.84 -46.06
N PHE F 296 11.54 12.58 -44.81
CA PHE F 296 11.05 11.26 -44.42
C PHE F 296 9.72 10.97 -45.10
N ARG F 297 8.88 11.99 -45.30
CA ARG F 297 7.58 11.81 -45.92
C ARG F 297 7.73 11.15 -47.30
N ASP F 298 8.88 11.38 -47.94
CA ASP F 298 9.06 10.97 -49.33
C ASP F 298 9.64 9.56 -49.42
N ASP F 299 10.01 8.98 -48.28
CA ASP F 299 10.60 7.64 -48.28
C ASP F 299 9.52 6.57 -48.05
N ALA F 300 8.82 6.21 -49.14
CA ALA F 300 7.72 5.26 -49.12
C ALA F 300 8.16 3.90 -48.58
N GLU F 301 9.41 3.54 -48.90
CA GLU F 301 9.90 2.21 -48.56
C GLU F 301 10.08 2.08 -47.04
N VAL F 302 10.62 3.12 -46.41
CA VAL F 302 10.93 3.04 -44.99
C VAL F 302 9.64 3.19 -44.19
N ILE F 303 8.72 4.02 -44.69
CA ILE F 303 7.39 4.15 -44.10
C ILE F 303 6.69 2.79 -44.18
N GLU F 304 6.87 2.10 -45.30
CA GLU F 304 6.26 0.79 -45.47
C GLU F 304 6.84 -0.19 -44.45
N TRP F 305 8.16 -0.12 -44.21
CA TRP F 305 8.79 -0.95 -43.19
C TRP F 305 8.12 -0.74 -41.85
N VAL F 306 7.92 0.54 -41.46
CA VAL F 306 7.32 0.91 -40.19
C VAL F 306 5.89 0.34 -40.12
N HIS F 307 5.11 0.55 -41.18
CA HIS F 307 3.73 0.12 -41.26
C HIS F 307 3.62 -1.40 -41.10
N ARG F 308 4.55 -2.14 -41.74
CA ARG F 308 4.55 -3.59 -41.72
C ARG F 308 4.83 -4.11 -40.33
N VAL F 309 5.89 -3.59 -39.69
CA VAL F 309 6.20 -3.96 -38.31
C VAL F 309 5.03 -3.63 -37.41
N PHE F 310 4.44 -2.44 -37.59
CA PHE F 310 3.33 -1.97 -36.77
C PHE F 310 2.14 -2.93 -36.88
N ASP F 311 1.79 -3.31 -38.11
CA ASP F 311 0.63 -4.17 -38.39
C ASP F 311 0.83 -5.54 -37.74
N GLN F 312 2.03 -6.09 -37.90
CA GLN F 312 2.34 -7.41 -37.37
C GLN F 312 2.29 -7.40 -35.84
N ARG F 313 2.96 -6.42 -35.22
CA ARG F 313 2.99 -6.33 -33.77
C ARG F 313 1.57 -6.23 -33.22
N THR F 314 0.72 -5.42 -33.90
CA THR F 314 -0.64 -5.19 -33.45
C THR F 314 -1.43 -6.49 -33.55
N SER F 315 -1.46 -7.06 -34.76
CA SER F 315 -2.23 -8.26 -35.06
C SER F 315 -1.79 -9.44 -34.18
N TYR F 316 -0.49 -9.59 -33.96
CA TYR F 316 0.06 -10.77 -33.29
C TYR F 316 -0.16 -10.67 -31.78
N GLY F 317 -0.28 -9.45 -31.27
CA GLY F 317 -0.57 -9.25 -29.86
C GLY F 317 -2.00 -9.67 -29.51
N PHE F 318 -2.90 -9.54 -30.50
CA PHE F 318 -4.26 -10.04 -30.42
C PHE F 318 -4.25 -11.57 -30.56
N GLN F 319 -3.74 -12.05 -31.70
CA GLN F 319 -3.62 -13.47 -31.98
C GLN F 319 -2.39 -13.69 -32.86
N PRO F 320 -1.36 -14.41 -32.38
CA PRO F 320 -0.15 -14.64 -33.17
C PRO F 320 -0.34 -15.74 -34.20
N LYS F 321 -0.96 -15.39 -35.33
CA LYS F 321 -1.19 -16.32 -36.41
C LYS F 321 -1.21 -15.53 -37.72
#